data_4Q6I
#
_entry.id   4Q6I
#
_cell.length_a   149.547
_cell.length_b   149.547
_cell.length_c   183.867
_cell.angle_alpha   90.00
_cell.angle_beta   90.00
_cell.angle_gamma   90.00
#
_symmetry.space_group_name_H-M   'P 4'
#
loop_
_entity.id
_entity.type
_entity.pdbx_description
1 polymer 'Light chain of murine 2D5 Fab'
2 polymer 'Heavy chain of murine 2D5 Fab'
3 polymer 'T-cell surface glycoprotein CD4'
#
loop_
_entity_poly.entity_id
_entity_poly.type
_entity_poly.pdbx_seq_one_letter_code
_entity_poly.pdbx_strand_id
1 'polypeptide(L)'
;DIMLTQSPASLTVSLGQRATMSCRASQSVSTSRYSYMHWYQEKAGQPPQLLIKYASNLESGVPARFSGSGSGTDFTLNIH
PVEAEDTATYYCQHSWEIPYTFGGGTKLEIKRADAAPTVSIFPPSSEQLTSGGASVVCFLNNFYPKDINVKWKIDGSERQ
NGVLNSWTDQDSKDSTYSMSSTLTLTKDEYERHNSYTCEATHKTSTSPIVKSFNRNEC
;
A,D,F,L
2 'polypeptide(L)'
;QVKLQQSGPELKKPGETVKISCKASGYTFTDYSMHWVKQAPGKGLKWLGRINTETGEAKYVDDFMGHLAFSLETSASTAY
LQINNLKNEDTATYFCARYDGYSWDAMDYWGQGTSVIVSSAKTTPPSVYPLAPGSAAQTNSMVTLGCLVKGYFPEPVTVT
WNSGSLSSGVHTFPAVLQSDLYTLSSSVTVPSSPRPSETVTCNVAHPASSTKVDKKIVPRDCGCKPCICT
;
B,E,G,H
3 'polypeptide(L)'
;MNRGVPFRHLLLVLQLALLPAATQGKKVVLGKKGDTVELTCTASQKKSIQFHWKNSNQIKILGNQGSFLTKGPSKLNDRA
DSRRSLWDQGNFPLIIKNLKIEDSDTYICEVEDQKEEVQLLVFGLTANSDTHLLQGQSLTLTLESPPGSSPSVQCRSPRG
KNIQGGKTLSVSQLELQDSGTWTCTVLQNQKKVEFKIDIVVLAFQKAS
;
C,I,J,K
#
# COMPACT_ATOMS: atom_id res chain seq x y z
N ASP A 1 49.81 -18.34 21.55
CA ASP A 1 51.25 -18.72 21.49
C ASP A 1 51.60 -19.30 20.13
N ILE A 2 52.55 -18.68 19.44
CA ILE A 2 53.06 -19.17 18.17
C ILE A 2 54.58 -19.09 18.14
N MET A 3 55.23 -20.21 18.41
CA MET A 3 56.69 -20.27 18.48
C MET A 3 57.29 -20.70 17.15
N LEU A 4 58.29 -19.94 16.69
CA LEU A 4 59.06 -20.30 15.51
C LEU A 4 60.43 -20.84 15.93
N THR A 5 60.76 -22.04 15.47
CA THR A 5 62.02 -22.68 15.78
C THR A 5 62.86 -22.89 14.52
N GLN A 6 64.01 -22.23 14.47
CA GLN A 6 64.91 -22.33 13.32
C GLN A 6 66.00 -23.37 13.56
N SER A 7 66.37 -24.08 12.50
CA SER A 7 67.46 -25.04 12.55
C SER A 7 68.22 -25.05 11.23
N PRO A 8 69.56 -25.13 11.28
CA PRO A 8 70.41 -25.15 12.47
C PRO A 8 70.52 -23.76 13.11
N ALA A 9 71.19 -23.68 14.25
CA ALA A 9 71.45 -22.40 14.90
C ALA A 9 72.55 -21.65 14.16
N SER A 10 73.46 -22.42 13.56
CA SER A 10 74.56 -21.87 12.78
C SER A 10 74.87 -22.78 11.59
N LEU A 11 75.28 -22.17 10.48
CA LEU A 11 75.55 -22.90 9.25
C LEU A 11 76.86 -22.47 8.63
N THR A 12 77.69 -23.45 8.28
CA THR A 12 78.96 -23.20 7.61
C THR A 12 78.99 -23.91 6.26
N VAL A 13 79.21 -23.14 5.19
CA VAL A 13 79.09 -23.66 3.82
C VAL A 13 80.11 -22.99 2.89
N SER A 14 80.66 -23.77 1.96
CA SER A 14 81.64 -23.25 1.02
C SER A 14 80.96 -22.53 -0.14
N LEU A 15 81.68 -21.59 -0.75
CA LEU A 15 81.16 -20.88 -1.92
C LEU A 15 80.72 -21.86 -3.00
N GLY A 16 79.55 -21.60 -3.58
CA GLY A 16 79.03 -22.42 -4.67
C GLY A 16 78.13 -23.55 -4.21
N GLN A 17 78.04 -23.74 -2.90
CA GLN A 17 77.24 -24.82 -2.33
C GLN A 17 75.86 -24.32 -1.87
N ARG A 18 74.98 -25.25 -1.55
CA ARG A 18 73.60 -24.93 -1.17
C ARG A 18 73.42 -24.80 0.33
N ALA A 19 72.86 -23.67 0.77
CA ALA A 19 72.52 -23.46 2.17
C ALA A 19 71.03 -23.63 2.39
N THR A 20 70.66 -24.50 3.34
CA THR A 20 69.27 -24.78 3.67
C THR A 20 68.96 -24.47 5.12
N MET A 21 68.00 -23.58 5.35
CA MET A 21 67.59 -23.21 6.70
C MET A 21 66.08 -23.39 6.87
N SER A 22 65.69 -24.11 7.92
CA SER A 22 64.30 -24.44 8.17
C SER A 22 63.70 -23.57 9.28
N CYS A 23 62.39 -23.36 9.21
CA CYS A 23 61.65 -22.65 10.25
C CYS A 23 60.33 -23.36 10.53
N ARG A 24 60.19 -23.91 11.72
CA ARG A 24 59.00 -24.67 12.11
C ARG A 24 58.12 -23.88 13.06
N ALA A 25 56.85 -23.75 12.70
CA ALA A 25 55.87 -23.04 13.52
C ALA A 25 55.10 -24.02 14.40
N SER A 26 54.77 -23.59 15.61
CA SER A 26 54.06 -24.45 16.55
C SER A 26 52.64 -24.75 16.08
N GLN A 27 52.06 -23.79 15.36
CA GLN A 27 50.75 -23.96 14.74
C GLN A 27 50.79 -23.44 13.31
N SER A 28 49.80 -23.82 12.51
CA SER A 28 49.76 -23.43 11.11
C SER A 28 49.56 -21.93 10.97
N VAL A 29 50.32 -21.33 10.05
CA VAL A 29 50.24 -19.91 9.77
C VAL A 29 49.75 -19.64 8.34
N SER A 30 49.09 -20.64 7.75
CA SER A 30 48.71 -20.57 6.34
C SER A 30 47.23 -20.81 6.13
N THR A 31 46.73 -20.36 4.98
CA THR A 31 45.36 -20.64 4.55
C THR A 31 45.33 -21.04 3.09
N SER A 32 45.24 -22.34 2.83
CA SER A 32 45.18 -22.91 1.49
C SER A 32 45.90 -22.09 0.41
N ARG A 33 45.36 -20.92 0.13
CA ARG A 33 45.90 -20.04 -0.89
C ARG A 33 47.32 -19.57 -0.56
N TYR A 34 47.49 -18.97 0.61
CA TYR A 34 48.76 -18.34 0.98
C TYR A 34 49.27 -18.82 2.33
N SER A 35 50.52 -18.47 2.61
CA SER A 35 51.15 -18.78 3.88
C SER A 35 51.83 -17.52 4.42
N TYR A 36 51.46 -17.14 5.65
CA TYR A 36 51.91 -15.90 6.24
C TYR A 36 53.25 -16.04 6.94
N MET A 37 54.32 -16.12 6.14
CA MET A 37 55.69 -16.24 6.67
C MET A 37 56.62 -15.31 5.91
N HIS A 38 57.67 -14.87 6.59
CA HIS A 38 58.62 -13.92 6.01
C HIS A 38 60.04 -14.24 6.45
N TRP A 39 61.01 -13.96 5.58
CA TRP A 39 62.43 -14.13 5.90
C TRP A 39 63.14 -12.79 5.85
N TYR A 40 64.06 -12.58 6.77
CA TYR A 40 64.90 -11.38 6.78
C TYR A 40 66.38 -11.73 6.71
N GLN A 41 67.17 -10.78 6.24
CA GLN A 41 68.63 -10.87 6.28
C GLN A 41 69.17 -9.71 7.10
N GLU A 42 70.02 -10.02 8.06
CA GLU A 42 70.65 -9.00 8.88
C GLU A 42 72.15 -9.25 8.99
N LYS A 43 72.91 -8.59 8.13
CA LYS A 43 74.36 -8.69 8.13
C LYS A 43 74.94 -8.08 9.41
N ALA A 44 76.23 -8.30 9.62
CA ALA A 44 76.94 -7.75 10.77
C ALA A 44 76.60 -6.28 11.04
N GLY A 45 75.99 -6.01 12.19
CA GLY A 45 75.72 -4.66 12.64
C GLY A 45 74.86 -3.84 11.70
N GLN A 46 74.02 -4.52 10.91
CA GLN A 46 73.07 -3.85 10.03
C GLN A 46 71.65 -4.02 10.55
N PRO A 47 70.72 -3.17 10.08
CA PRO A 47 69.32 -3.42 10.38
C PRO A 47 68.79 -4.61 9.58
N PRO A 48 67.74 -5.29 10.07
CA PRO A 48 67.20 -6.41 9.28
C PRO A 48 66.53 -5.92 8.02
N GLN A 49 66.50 -6.75 6.99
CA GLN A 49 65.85 -6.37 5.73
C GLN A 49 65.03 -7.53 5.21
N LEU A 50 63.83 -7.22 4.73
CA LEU A 50 62.89 -8.23 4.27
C LEU A 50 63.42 -8.90 3.01
N LEU A 51 63.49 -10.23 3.04
CA LEU A 51 64.01 -11.01 1.92
C LEU A 51 62.87 -11.69 1.20
N ILE A 52 62.18 -12.57 1.90
CA ILE A 52 61.02 -13.27 1.39
C ILE A 52 59.79 -12.78 2.13
N LYS A 53 58.72 -12.48 1.39
CA LYS A 53 57.45 -12.08 1.98
C LYS A 53 56.38 -13.11 1.65
N TYR A 54 55.64 -13.53 2.66
CA TYR A 54 54.57 -14.52 2.50
C TYR A 54 55.11 -15.83 1.93
N ALA A 55 56.25 -16.23 2.49
CA ALA A 55 56.78 -17.60 2.41
C ALA A 55 57.53 -17.96 1.12
N SER A 56 57.19 -17.35 0.00
CA SER A 56 57.76 -17.78 -1.29
C SER A 56 58.05 -16.65 -2.28
N ASN A 57 57.71 -15.42 -1.93
CA ASN A 57 57.87 -14.30 -2.84
C ASN A 57 59.13 -13.47 -2.58
N LEU A 58 60.04 -13.48 -3.55
CA LEU A 58 61.26 -12.69 -3.48
C LEU A 58 60.99 -11.20 -3.46
N GLU A 59 61.65 -10.50 -2.54
CA GLU A 59 61.59 -9.05 -2.50
C GLU A 59 62.29 -8.47 -3.73
N SER A 60 61.96 -7.24 -4.08
CA SER A 60 62.58 -6.58 -5.22
C SER A 60 64.08 -6.46 -5.04
N GLY A 61 64.83 -6.78 -6.09
CA GLY A 61 66.28 -6.65 -6.06
C GLY A 61 66.99 -7.91 -5.61
N VAL A 62 66.44 -8.56 -4.59
CA VAL A 62 66.99 -9.81 -4.05
C VAL A 62 67.40 -10.76 -5.18
N PRO A 63 68.67 -11.23 -5.17
CA PRO A 63 69.14 -12.12 -6.24
C PRO A 63 68.35 -13.42 -6.34
N ALA A 64 68.31 -13.99 -7.54
CA ALA A 64 67.50 -15.17 -7.82
C ALA A 64 67.97 -16.41 -7.07
N ARG A 65 69.19 -16.38 -6.56
CA ARG A 65 69.76 -17.54 -5.88
C ARG A 65 69.07 -17.80 -4.55
N PHE A 66 68.37 -16.79 -4.04
CA PHE A 66 67.51 -16.95 -2.86
C PHE A 66 66.17 -17.51 -3.27
N SER A 67 65.61 -18.38 -2.43
CA SER A 67 64.26 -18.91 -2.67
C SER A 67 63.66 -19.41 -1.36
N GLY A 68 62.34 -19.28 -1.25
CA GLY A 68 61.61 -19.71 -0.06
C GLY A 68 60.50 -20.68 -0.44
N SER A 69 60.16 -21.56 0.49
CA SER A 69 59.11 -22.54 0.24
C SER A 69 58.49 -23.02 1.54
N GLY A 70 57.42 -23.81 1.43
CA GLY A 70 56.78 -24.42 2.58
C GLY A 70 55.33 -23.99 2.74
N SER A 71 54.63 -24.66 3.65
CA SER A 71 53.24 -24.34 3.95
C SER A 71 52.84 -24.99 5.26
N GLY A 72 51.78 -24.46 5.89
CA GLY A 72 51.31 -24.99 7.15
C GLY A 72 52.23 -24.63 8.29
N THR A 73 53.02 -25.60 8.74
CA THR A 73 53.89 -25.42 9.90
C THR A 73 55.38 -25.49 9.56
N ASP A 74 55.72 -25.97 8.36
CA ASP A 74 57.10 -26.16 7.96
C ASP A 74 57.49 -25.27 6.79
N PHE A 75 58.58 -24.53 6.95
CA PHE A 75 59.04 -23.59 5.93
C PHE A 75 60.55 -23.66 5.74
N THR A 76 60.99 -23.39 4.51
CA THR A 76 62.40 -23.51 4.15
C THR A 76 62.83 -22.38 3.22
N LEU A 77 64.04 -21.87 3.44
CA LEU A 77 64.70 -21.00 2.48
C LEU A 77 65.84 -21.77 1.84
N ASN A 78 66.20 -21.41 0.62
CA ASN A 78 67.39 -21.95 -0.03
C ASN A 78 68.26 -20.84 -0.61
N ILE A 79 69.56 -20.96 -0.40
CA ILE A 79 70.53 -20.06 -1.00
C ILE A 79 71.49 -20.90 -1.82
N HIS A 80 71.39 -20.80 -3.13
CA HIS A 80 72.26 -21.58 -4.01
C HIS A 80 72.47 -20.84 -5.34
N PRO A 81 73.73 -20.63 -5.73
CA PRO A 81 74.97 -20.94 -5.01
C PRO A 81 75.29 -19.87 -3.95
N VAL A 82 75.80 -20.29 -2.80
CA VAL A 82 76.15 -19.34 -1.74
C VAL A 82 77.31 -18.45 -2.19
N GLU A 83 77.27 -17.19 -1.78
CA GLU A 83 78.30 -16.22 -2.12
C GLU A 83 78.90 -15.60 -0.87
N ALA A 84 79.97 -14.84 -1.06
CA ALA A 84 80.71 -14.24 0.06
C ALA A 84 79.85 -13.26 0.85
N GLU A 85 79.04 -12.47 0.15
CA GLU A 85 78.23 -11.45 0.81
C GLU A 85 77.08 -12.05 1.61
N ASP A 86 76.85 -13.34 1.46
CA ASP A 86 75.73 -14.00 2.14
C ASP A 86 76.05 -14.27 3.61
N THR A 87 77.25 -13.95 4.05
CA THR A 87 77.59 -14.08 5.47
C THR A 87 76.73 -13.14 6.28
N ALA A 88 75.79 -13.70 7.05
CA ALA A 88 74.84 -12.91 7.81
C ALA A 88 73.98 -13.80 8.69
N THR A 89 73.16 -13.16 9.52
CA THR A 89 72.16 -13.86 10.31
C THR A 89 70.80 -13.70 9.63
N TYR A 90 70.05 -14.81 9.56
CA TYR A 90 68.76 -14.82 8.88
C TYR A 90 67.64 -15.21 9.84
N TYR A 91 66.55 -14.45 9.82
CA TYR A 91 65.44 -14.67 10.73
C TYR A 91 64.16 -14.98 9.98
N CYS A 92 63.15 -15.42 10.71
CA CYS A 92 61.85 -15.72 10.12
C CYS A 92 60.73 -15.18 11.00
N GLN A 93 59.69 -14.67 10.35
CA GLN A 93 58.59 -14.01 11.05
C GLN A 93 57.25 -14.44 10.45
N HIS A 94 56.24 -14.60 11.31
CA HIS A 94 54.89 -14.91 10.86
C HIS A 94 53.99 -13.70 11.11
N SER A 95 52.99 -13.53 10.26
CA SER A 95 52.02 -12.44 10.41
C SER A 95 50.62 -13.02 10.57
N TRP A 96 50.57 -14.26 11.04
CA TRP A 96 49.32 -14.94 11.30
C TRP A 96 48.49 -14.18 12.34
N GLU A 97 48.93 -14.25 13.59
CA GLU A 97 48.24 -13.61 14.70
C GLU A 97 49.20 -12.82 15.55
N ILE A 98 48.89 -11.53 15.74
CA ILE A 98 49.56 -10.71 16.73
C ILE A 98 49.71 -11.48 18.04
N PRO A 99 50.94 -11.56 18.60
CA PRO A 99 52.26 -11.04 18.21
C PRO A 99 52.87 -11.69 16.97
N TYR A 100 53.40 -10.87 16.06
CA TYR A 100 54.14 -11.37 14.90
C TYR A 100 55.57 -11.72 15.32
N THR A 101 55.73 -12.88 15.96
CA THR A 101 56.99 -13.25 16.58
C THR A 101 58.10 -13.62 15.58
N PHE A 102 59.32 -13.67 16.08
CA PHE A 102 60.49 -14.02 15.27
C PHE A 102 61.07 -15.38 15.66
N GLY A 103 61.78 -16.00 14.71
CA GLY A 103 62.54 -17.20 15.00
C GLY A 103 63.80 -16.87 15.77
N GLY A 104 64.55 -17.91 16.15
CA GLY A 104 65.75 -17.72 16.94
C GLY A 104 66.91 -17.19 16.12
N GLY A 105 66.82 -17.34 14.80
CA GLY A 105 67.87 -16.86 13.91
C GLY A 105 68.87 -17.95 13.55
N THR A 106 69.47 -17.83 12.36
CA THR A 106 70.50 -18.75 11.93
C THR A 106 71.67 -17.98 11.29
N LYS A 107 72.85 -18.12 11.88
CA LYS A 107 74.04 -17.44 11.39
C LYS A 107 74.75 -18.25 10.30
N LEU A 108 74.90 -17.64 9.13
CA LEU A 108 75.57 -18.30 8.00
C LEU A 108 76.99 -17.78 7.82
N GLU A 109 77.96 -18.69 7.79
CA GLU A 109 79.35 -18.35 7.57
C GLU A 109 79.88 -19.13 6.36
N ILE A 110 80.82 -18.55 5.64
CA ILE A 110 81.38 -19.21 4.46
C ILE A 110 82.72 -19.88 4.78
N LYS A 111 82.86 -21.13 4.34
CA LYS A 111 84.11 -21.87 4.52
C LYS A 111 85.05 -21.70 3.32
N ARG A 112 86.18 -21.04 3.57
CA ARG A 112 87.26 -20.93 2.57
C ARG A 112 88.47 -21.75 2.99
N ALA A 113 89.43 -21.90 2.08
CA ALA A 113 90.70 -22.51 2.40
C ALA A 113 91.40 -21.74 3.51
N ASP A 114 92.17 -22.43 4.34
CA ASP A 114 92.81 -21.82 5.50
C ASP A 114 93.84 -20.77 5.08
N ALA A 115 93.97 -19.73 5.89
CA ALA A 115 94.91 -18.64 5.61
C ALA A 115 95.77 -18.35 6.84
N ALA A 116 96.96 -17.81 6.60
CA ALA A 116 97.89 -17.47 7.67
C ALA A 116 97.76 -15.99 8.04
N PRO A 117 97.57 -15.69 9.34
CA PRO A 117 97.39 -14.29 9.75
C PRO A 117 98.59 -13.39 9.47
N THR A 118 98.34 -12.20 8.93
CA THR A 118 99.36 -11.17 8.75
C THR A 118 99.64 -10.50 10.08
N VAL A 119 100.62 -11.03 10.82
CA VAL A 119 100.93 -10.56 12.16
C VAL A 119 101.66 -9.22 12.14
N SER A 120 101.29 -8.34 13.06
CA SER A 120 101.96 -7.05 13.22
C SER A 120 101.88 -6.57 14.67
N ILE A 121 103.02 -6.17 15.22
CA ILE A 121 103.09 -5.72 16.61
C ILE A 121 103.50 -4.24 16.68
N PHE A 122 103.02 -3.56 17.72
CA PHE A 122 103.24 -2.11 17.87
C PHE A 122 103.63 -1.73 19.30
N PRO A 123 104.76 -1.02 19.47
CA PRO A 123 105.07 -0.49 20.80
C PRO A 123 104.11 0.63 21.19
N PRO A 124 104.01 0.97 22.49
CA PRO A 124 103.20 2.11 22.92
C PRO A 124 103.60 3.42 22.25
N SER A 125 102.61 4.22 21.88
CA SER A 125 102.87 5.53 21.30
C SER A 125 103.57 6.43 22.31
N SER A 126 104.27 7.44 21.81
CA SER A 126 104.92 8.42 22.66
C SER A 126 103.86 9.27 23.37
N GLU A 127 102.72 9.44 22.73
CA GLU A 127 101.62 10.21 23.30
C GLU A 127 101.03 9.53 24.52
N GLN A 128 100.82 8.22 24.44
CA GLN A 128 100.23 7.46 25.53
C GLN A 128 101.21 7.35 26.70
N LEU A 129 102.47 7.13 26.38
CA LEU A 129 103.52 7.06 27.39
C LEU A 129 103.59 8.35 28.19
N THR A 130 103.33 9.47 27.53
CA THR A 130 103.30 10.78 28.17
C THR A 130 102.19 10.84 29.22
N SER A 131 101.05 10.21 28.92
CA SER A 131 99.89 10.26 29.79
C SER A 131 99.97 9.23 30.93
N GLY A 132 101.02 8.42 30.92
CA GLY A 132 101.26 7.46 31.97
C GLY A 132 100.74 6.06 31.66
N GLY A 133 100.19 5.89 30.46
CA GLY A 133 99.69 4.60 30.02
C GLY A 133 100.66 3.94 29.06
N ALA A 134 100.51 2.63 28.86
CA ALA A 134 101.36 1.89 27.95
C ALA A 134 100.68 0.63 27.44
N SER A 135 100.03 0.75 26.28
CA SER A 135 99.35 -0.39 25.65
C SER A 135 100.16 -0.94 24.49
N VAL A 136 100.38 -2.26 24.49
CA VAL A 136 101.05 -2.94 23.38
C VAL A 136 100.02 -3.69 22.54
N VAL A 137 99.90 -3.32 21.28
CA VAL A 137 98.86 -3.85 20.40
C VAL A 137 99.44 -4.81 19.37
N CYS A 138 98.75 -5.93 19.16
CA CYS A 138 99.15 -6.93 18.19
C CYS A 138 97.97 -7.34 17.31
N PHE A 139 98.10 -7.19 16.00
CA PHE A 139 97.05 -7.51 15.06
C PHE A 139 97.29 -8.85 14.34
N LEU A 140 96.25 -9.67 14.26
CA LEU A 140 96.27 -10.91 13.49
C LEU A 140 95.21 -10.83 12.41
N ASN A 141 95.63 -10.47 11.20
CA ASN A 141 94.69 -10.13 10.12
C ASN A 141 94.59 -11.18 9.02
N ASN A 142 93.37 -11.38 8.54
CA ASN A 142 93.11 -12.19 7.34
C ASN A 142 93.54 -13.64 7.48
N PHE A 143 93.02 -14.31 8.52
CA PHE A 143 93.28 -15.72 8.74
C PHE A 143 91.99 -16.55 8.65
N TYR A 144 92.15 -17.87 8.54
CA TYR A 144 91.02 -18.78 8.58
C TYR A 144 91.53 -20.19 8.86
N PRO A 145 90.78 -20.98 9.66
CA PRO A 145 89.51 -20.70 10.36
C PRO A 145 89.67 -19.74 11.53
N LYS A 146 88.55 -19.36 12.14
CA LYS A 146 88.55 -18.39 13.24
C LYS A 146 89.27 -18.94 14.46
N ASP A 147 89.40 -20.26 14.55
CA ASP A 147 90.08 -20.88 15.68
C ASP A 147 91.55 -20.48 15.70
N ILE A 148 91.89 -19.62 16.66
CA ILE A 148 93.25 -19.11 16.78
C ILE A 148 93.55 -18.78 18.24
N ASN A 149 94.81 -18.92 18.63
CA ASN A 149 95.26 -18.60 19.98
C ASN A 149 96.45 -17.65 19.95
N VAL A 150 96.40 -16.63 20.81
CA VAL A 150 97.45 -15.62 20.88
C VAL A 150 98.12 -15.67 22.25
N LYS A 151 99.44 -15.53 22.24
CA LYS A 151 100.24 -15.59 23.46
C LYS A 151 101.20 -14.40 23.56
N TRP A 152 101.23 -13.77 24.72
CA TRP A 152 102.16 -12.67 25.00
C TRP A 152 103.33 -13.14 25.87
N LYS A 153 104.52 -12.62 25.59
CA LYS A 153 105.71 -12.95 26.38
C LYS A 153 106.54 -11.71 26.70
N ILE A 154 106.48 -11.28 27.96
CA ILE A 154 107.31 -10.17 28.43
C ILE A 154 108.63 -10.72 28.96
N ASP A 155 109.71 -10.43 28.25
CA ASP A 155 111.03 -10.99 28.56
C ASP A 155 110.98 -12.51 28.71
N GLY A 156 110.54 -13.17 27.64
CA GLY A 156 110.49 -14.62 27.59
C GLY A 156 109.57 -15.30 28.59
N SER A 157 108.81 -14.51 29.33
CA SER A 157 107.87 -15.04 30.33
C SER A 157 106.43 -14.79 29.89
N GLU A 158 105.61 -15.84 29.94
CA GLU A 158 104.23 -15.76 29.49
C GLU A 158 103.40 -14.84 30.40
N ARG A 159 102.70 -13.89 29.78
CA ARG A 159 101.88 -12.91 30.48
C ARG A 159 100.42 -13.07 30.10
N GLN A 160 99.56 -13.30 31.09
CA GLN A 160 98.14 -13.54 30.85
C GLN A 160 97.25 -12.37 31.28
N ASN A 161 97.63 -11.68 32.35
CA ASN A 161 96.84 -10.59 32.88
C ASN A 161 96.97 -9.31 32.05
N GLY A 162 95.85 -8.60 31.89
CA GLY A 162 95.83 -7.34 31.18
C GLY A 162 95.70 -7.46 29.67
N VAL A 163 95.38 -8.65 29.19
CA VAL A 163 95.19 -8.89 27.76
C VAL A 163 93.71 -8.94 27.42
N LEU A 164 93.28 -8.07 26.51
CA LEU A 164 91.89 -8.02 26.05
C LEU A 164 91.81 -8.25 24.54
N ASN A 165 91.00 -9.22 24.13
CA ASN A 165 90.92 -9.62 22.73
C ASN A 165 89.59 -9.26 22.05
N SER A 166 89.65 -8.94 20.77
CA SER A 166 88.46 -8.63 19.97
C SER A 166 88.61 -9.12 18.52
N TRP A 167 87.51 -9.58 17.94
CA TRP A 167 87.49 -10.02 16.54
C TRP A 167 86.43 -9.32 15.71
N THR A 168 86.77 -9.06 14.46
CA THR A 168 85.81 -8.57 13.48
C THR A 168 84.93 -9.76 13.06
N ASP A 169 83.73 -9.46 12.59
CA ASP A 169 82.87 -10.49 12.00
C ASP A 169 83.48 -10.92 10.68
N GLN A 170 83.01 -12.04 10.13
CA GLN A 170 83.55 -12.53 8.87
C GLN A 170 83.43 -11.45 7.81
N ASP A 171 84.54 -11.22 7.11
CA ASP A 171 84.57 -10.20 6.07
C ASP A 171 83.69 -10.62 4.90
N SER A 172 83.07 -9.64 4.25
CA SER A 172 82.12 -9.92 3.17
C SER A 172 82.82 -10.14 1.84
N LYS A 173 84.04 -9.62 1.70
CA LYS A 173 84.80 -9.75 0.46
C LYS A 173 85.61 -11.05 0.39
N ASP A 174 86.62 -11.17 1.25
CA ASP A 174 87.56 -12.30 1.19
C ASP A 174 87.19 -13.46 2.12
N SER A 175 86.26 -13.21 3.04
CA SER A 175 85.70 -14.25 3.92
C SER A 175 86.64 -14.64 5.05
N THR A 176 87.61 -13.78 5.36
CA THR A 176 88.55 -14.03 6.44
C THR A 176 88.10 -13.41 7.75
N TYR A 177 88.79 -13.77 8.83
CA TYR A 177 88.57 -13.17 10.15
C TYR A 177 89.81 -12.40 10.56
N SER A 178 89.68 -11.57 11.59
CA SER A 178 90.80 -10.82 12.13
C SER A 178 90.72 -10.74 13.64
N MET A 179 91.84 -10.40 14.28
CA MET A 179 91.90 -10.39 15.74
C MET A 179 92.79 -9.25 16.24
N SER A 180 92.30 -8.54 17.25
CA SER A 180 93.09 -7.55 17.97
C SER A 180 93.39 -8.04 19.38
N SER A 181 94.65 -7.94 19.79
CA SER A 181 95.05 -8.28 21.15
C SER A 181 95.82 -7.11 21.76
N THR A 182 95.30 -6.57 22.85
CA THR A 182 95.87 -5.37 23.46
C THR A 182 96.33 -5.65 24.90
N LEU A 183 97.62 -5.48 25.12
CA LEU A 183 98.23 -5.65 26.43
C LEU A 183 98.48 -4.30 27.07
N THR A 184 97.68 -3.97 28.08
CA THR A 184 97.74 -2.65 28.73
C THR A 184 98.56 -2.69 30.01
N LEU A 185 99.61 -1.86 30.06
CA LEU A 185 100.45 -1.72 31.23
C LEU A 185 100.54 -0.26 31.66
N THR A 186 101.12 -0.04 32.84
CA THR A 186 101.55 1.30 33.25
C THR A 186 102.92 1.55 32.65
N LYS A 187 103.27 2.82 32.45
CA LYS A 187 104.59 3.16 31.91
C LYS A 187 105.70 2.55 32.76
N ASP A 188 105.50 2.56 34.08
CA ASP A 188 106.47 2.00 35.01
C ASP A 188 106.70 0.51 34.72
N GLU A 189 105.60 -0.24 34.61
CA GLU A 189 105.69 -1.66 34.27
C GLU A 189 106.35 -1.86 32.91
N TYR A 190 105.97 -1.02 31.95
CA TYR A 190 106.47 -1.11 30.59
C TYR A 190 107.99 -1.00 30.49
N GLU A 191 108.56 0.00 31.19
CA GLU A 191 109.97 0.29 31.08
C GLU A 191 110.83 -0.56 32.01
N ARG A 192 110.20 -1.43 32.79
CA ARG A 192 110.93 -2.37 33.63
C ARG A 192 111.33 -3.62 32.85
N HIS A 193 110.91 -3.69 31.59
CA HIS A 193 111.18 -4.85 30.74
C HIS A 193 111.71 -4.41 29.38
N ASN A 194 112.33 -5.34 28.67
CA ASN A 194 113.00 -5.04 27.40
C ASN A 194 112.29 -5.64 26.19
N SER A 195 112.16 -6.96 26.18
CA SER A 195 111.64 -7.67 25.02
C SER A 195 110.15 -7.95 25.12
N TYR A 196 109.40 -7.54 24.10
CA TYR A 196 107.96 -7.77 24.03
C TYR A 196 107.62 -8.60 22.79
N THR A 197 106.87 -9.68 22.99
CA THR A 197 106.61 -10.66 21.94
C THR A 197 105.12 -10.99 21.81
N CYS A 198 104.66 -11.11 20.56
CA CYS A 198 103.31 -11.56 20.25
C CYS A 198 103.36 -12.81 19.39
N GLU A 199 102.82 -13.92 19.90
CA GLU A 199 102.88 -15.20 19.20
C GLU A 199 101.49 -15.70 18.83
N ALA A 200 101.31 -16.03 17.55
CA ALA A 200 100.05 -16.57 17.04
C ALA A 200 100.16 -18.06 16.75
N THR A 201 99.28 -18.85 17.36
CA THR A 201 99.24 -20.29 17.13
C THR A 201 97.80 -20.77 16.94
N HIS A 202 97.62 -21.67 15.98
CA HIS A 202 96.30 -22.24 15.71
C HIS A 202 96.19 -23.59 16.39
N LYS A 203 95.02 -24.21 16.27
CA LYS A 203 94.87 -25.63 16.54
C LYS A 203 95.29 -26.38 15.28
N THR A 204 94.89 -25.84 14.14
CA THR A 204 95.20 -26.42 12.83
C THR A 204 96.52 -25.90 12.27
N SER A 205 97.56 -25.86 13.10
CA SER A 205 98.86 -25.40 12.65
C SER A 205 99.98 -25.77 13.63
N THR A 206 101.17 -26.02 13.10
CA THR A 206 102.33 -26.39 13.90
C THR A 206 103.27 -25.20 14.08
N SER A 207 103.28 -24.29 13.12
CA SER A 207 104.20 -23.16 13.12
C SER A 207 103.66 -21.95 13.88
N PRO A 208 104.30 -21.59 15.00
CA PRO A 208 103.88 -20.36 15.70
C PRO A 208 104.39 -19.11 14.99
N ILE A 209 103.49 -18.21 14.63
CA ILE A 209 103.87 -16.97 13.95
C ILE A 209 104.16 -15.89 14.99
N VAL A 210 105.41 -15.44 15.01
CA VAL A 210 105.89 -14.55 16.09
C VAL A 210 106.29 -13.17 15.56
N LYS A 211 106.00 -12.15 16.38
CA LYS A 211 106.47 -10.79 16.13
C LYS A 211 106.93 -10.17 17.45
N SER A 212 108.11 -9.56 17.43
CA SER A 212 108.71 -9.00 18.64
C SER A 212 109.34 -7.63 18.42
N PHE A 213 109.55 -6.91 19.51
CA PHE A 213 110.34 -5.68 19.49
C PHE A 213 111.03 -5.48 20.83
N ASN A 214 112.27 -4.98 20.78
CA ASN A 214 112.99 -4.61 21.99
C ASN A 214 112.74 -3.15 22.35
N ARG A 215 112.50 -2.90 23.63
CA ARG A 215 112.21 -1.54 24.08
C ARG A 215 113.44 -0.64 24.01
N ASN A 216 114.61 -1.20 24.34
CA ASN A 216 115.86 -0.44 24.27
C ASN A 216 116.24 -0.15 22.82
N GLU A 217 115.78 -1.00 21.92
CA GLU A 217 116.09 -0.89 20.50
C GLU A 217 115.47 0.39 19.93
N CYS A 218 114.46 0.92 20.63
CA CYS A 218 113.79 2.15 20.25
C CYS A 218 112.90 1.95 19.03
N GLN B 1 57.39 6.26 -2.94
CA GLN B 1 58.42 5.85 -2.00
C GLN B 1 58.22 6.53 -0.66
N VAL B 2 57.71 5.79 0.32
CA VAL B 2 57.55 6.30 1.68
C VAL B 2 58.86 6.14 2.44
N LYS B 3 58.83 6.47 3.73
CA LYS B 3 60.00 6.32 4.59
C LYS B 3 59.65 6.67 6.03
N LEU B 4 60.20 5.91 6.97
CA LEU B 4 60.00 6.15 8.40
C LEU B 4 61.25 6.74 9.03
N GLN B 5 61.08 7.87 9.70
CA GLN B 5 62.19 8.59 10.32
C GLN B 5 62.01 8.63 11.83
N GLN B 6 62.96 8.05 12.55
CA GLN B 6 62.91 7.99 14.00
C GLN B 6 63.81 9.04 14.64
N SER B 7 63.86 9.05 15.97
CA SER B 7 64.68 10.01 16.71
C SER B 7 66.11 9.52 16.80
N GLY B 8 67.03 10.44 17.11
CA GLY B 8 68.44 10.11 17.26
C GLY B 8 68.67 9.20 18.45
N PRO B 9 69.94 8.81 18.66
CA PRO B 9 70.25 7.90 19.77
C PRO B 9 70.11 8.60 21.13
N GLU B 10 69.93 7.82 22.19
CA GLU B 10 69.63 8.37 23.51
C GLU B 10 70.51 7.77 24.58
N LEU B 11 70.91 8.60 25.55
CA LEU B 11 71.65 8.16 26.72
C LEU B 11 70.90 8.54 27.99
N LYS B 12 70.51 7.53 28.77
CA LYS B 12 69.72 7.76 29.98
C LYS B 12 70.23 6.91 31.14
N LYS B 13 70.09 7.42 32.35
CA LYS B 13 70.49 6.69 33.54
C LYS B 13 69.39 5.72 33.95
N PRO B 14 69.72 4.73 34.81
CA PRO B 14 68.71 3.77 35.25
C PRO B 14 67.60 4.41 36.07
N GLY B 15 66.36 4.21 35.65
CA GLY B 15 65.19 4.72 36.35
C GLY B 15 64.64 5.99 35.73
N GLU B 16 65.23 6.40 34.61
CA GLU B 16 64.77 7.59 33.89
C GLU B 16 63.76 7.22 32.83
N THR B 17 63.19 8.23 32.18
CA THR B 17 62.23 8.03 31.09
C THR B 17 62.82 8.48 29.76
N VAL B 18 62.41 7.81 28.68
CA VAL B 18 62.81 8.19 27.34
C VAL B 18 61.63 8.00 26.38
N LYS B 19 61.46 8.96 25.47
CA LYS B 19 60.38 8.92 24.50
C LYS B 19 60.94 9.01 23.07
N ILE B 20 60.99 7.88 22.38
CA ILE B 20 61.50 7.87 21.02
C ILE B 20 60.35 8.01 20.03
N SER B 21 60.55 8.84 19.01
CA SER B 21 59.52 9.18 18.05
C SER B 21 59.73 8.47 16.73
N CYS B 22 58.66 8.34 15.95
CA CYS B 22 58.72 7.77 14.62
C CYS B 22 57.69 8.46 13.73
N LYS B 23 58.16 9.07 12.65
CA LYS B 23 57.31 9.83 11.74
C LYS B 23 57.25 9.21 10.35
N ALA B 24 56.04 9.03 9.86
CA ALA B 24 55.82 8.50 8.52
C ALA B 24 55.52 9.64 7.54
N SER B 25 56.27 9.66 6.44
CA SER B 25 56.08 10.66 5.39
C SER B 25 56.14 9.99 4.02
N GLY B 26 54.98 9.89 3.37
CA GLY B 26 54.90 9.26 2.07
C GLY B 26 53.53 8.67 1.79
N TYR B 27 52.85 8.22 2.85
CA TYR B 27 51.52 7.66 2.76
C TYR B 27 50.58 8.32 3.76
N THR B 28 49.33 7.87 3.81
CA THR B 28 48.36 8.39 4.77
C THR B 28 48.51 7.66 6.09
N PHE B 29 49.02 8.38 7.08
CA PHE B 29 49.40 7.82 8.38
C PHE B 29 48.31 6.94 9.01
N THR B 30 47.05 7.34 8.84
CA THR B 30 45.96 6.69 9.55
C THR B 30 45.37 5.49 8.79
N ASP B 31 46.05 5.05 7.74
CA ASP B 31 45.58 3.94 6.92
C ASP B 31 46.48 2.71 7.07
N TYR B 32 47.32 2.71 8.09
CA TYR B 32 48.28 1.62 8.32
C TYR B 32 48.67 1.52 9.78
N SER B 33 48.51 0.33 10.37
CA SER B 33 48.98 0.09 11.73
C SER B 33 50.50 0.24 11.78
N MET B 34 51.01 0.61 12.95
CA MET B 34 52.45 0.78 13.14
C MET B 34 52.93 -0.17 14.23
N HIS B 35 54.00 -0.90 13.92
CA HIS B 35 54.55 -1.90 14.83
C HIS B 35 55.94 -1.50 15.31
N TRP B 36 56.26 -1.86 16.54
CA TRP B 36 57.57 -1.59 17.12
C TRP B 36 58.31 -2.90 17.40
N VAL B 37 59.61 -2.91 17.12
CA VAL B 37 60.45 -4.08 17.34
C VAL B 37 61.71 -3.71 18.10
N LYS B 38 62.10 -4.55 19.06
CA LYS B 38 63.31 -4.36 19.85
C LYS B 38 64.35 -5.40 19.49
N GLN B 39 65.60 -4.97 19.42
CA GLN B 39 66.73 -5.88 19.25
C GLN B 39 67.83 -5.56 20.24
N ALA B 40 67.88 -6.31 21.34
CA ALA B 40 68.91 -6.14 22.33
C ALA B 40 70.27 -6.51 21.74
N PRO B 41 71.36 -5.95 22.29
CA PRO B 41 72.72 -6.17 21.78
C PRO B 41 73.07 -7.65 21.61
N GLY B 42 73.57 -8.01 20.42
CA GLY B 42 74.02 -9.36 20.14
C GLY B 42 72.91 -10.39 20.05
N LYS B 43 71.67 -9.95 20.27
CA LYS B 43 70.52 -10.86 20.22
C LYS B 43 69.75 -10.70 18.92
N GLY B 44 68.69 -11.48 18.77
CA GLY B 44 67.85 -11.43 17.59
C GLY B 44 66.73 -10.43 17.75
N LEU B 45 65.84 -10.40 16.77
CA LEU B 45 64.69 -9.51 16.81
C LEU B 45 63.66 -10.02 17.82
N LYS B 46 62.75 -9.14 18.22
CA LYS B 46 61.64 -9.53 19.07
C LYS B 46 60.50 -8.53 18.96
N TRP B 47 59.32 -9.02 18.60
CA TRP B 47 58.15 -8.17 18.40
C TRP B 47 57.72 -7.53 19.72
N LEU B 48 57.28 -6.27 19.65
CA LEU B 48 57.00 -5.49 20.86
C LEU B 48 55.53 -5.08 20.99
N GLY B 49 54.96 -4.55 19.92
CA GLY B 49 53.57 -4.11 19.94
C GLY B 49 53.13 -3.41 18.68
N ARG B 50 51.84 -3.53 18.36
CA ARG B 50 51.24 -2.75 17.27
C ARG B 50 50.30 -1.69 17.84
N ILE B 51 50.29 -0.53 17.23
CA ILE B 51 49.35 0.53 17.59
C ILE B 51 48.46 0.85 16.41
N ASN B 52 47.16 0.94 16.66
CA ASN B 52 46.20 1.29 15.62
C ASN B 52 46.26 2.79 15.36
N THR B 53 46.72 3.16 14.17
CA THR B 53 46.92 4.56 13.81
C THR B 53 45.61 5.29 13.53
N GLU B 54 44.49 4.62 13.75
CA GLU B 54 43.17 5.21 13.54
C GLU B 54 42.47 5.45 14.87
N THR B 55 42.55 4.46 15.76
CA THR B 55 41.82 4.48 17.01
C THR B 55 42.68 4.91 18.20
N GLY B 56 44.00 4.69 18.08
CA GLY B 56 44.92 4.98 19.16
C GLY B 56 45.25 3.74 19.95
N GLU B 57 44.32 2.79 19.94
CA GLU B 57 44.48 1.52 20.62
C GLU B 57 45.76 0.81 20.20
N ALA B 58 46.46 0.25 21.19
CA ALA B 58 47.67 -0.52 20.94
C ALA B 58 47.72 -1.72 21.86
N LYS B 59 48.34 -2.81 21.37
CA LYS B 59 48.52 -4.03 22.14
C LYS B 59 50.00 -4.41 22.17
N TYR B 60 50.54 -4.61 23.36
CA TYR B 60 51.97 -4.89 23.51
C TYR B 60 52.23 -6.00 24.51
N VAL B 61 53.46 -6.51 24.51
CA VAL B 61 53.84 -7.65 25.33
C VAL B 61 55.05 -7.31 26.20
N ASP B 62 54.89 -6.31 27.05
CA ASP B 62 55.94 -5.92 27.98
C ASP B 62 55.66 -6.48 29.36
N ASP B 63 56.70 -6.97 30.01
CA ASP B 63 56.61 -7.40 31.39
C ASP B 63 56.38 -6.18 32.26
N PHE B 64 55.72 -6.38 33.40
CA PHE B 64 55.46 -5.31 34.36
C PHE B 64 54.46 -4.29 33.81
N MET B 65 53.64 -3.71 34.69
CA MET B 65 52.69 -2.69 34.28
C MET B 65 53.43 -1.42 33.87
N GLY B 66 52.74 -0.55 33.14
CA GLY B 66 53.36 0.67 32.63
C GLY B 66 54.60 0.31 31.83
N HIS B 67 55.66 1.09 32.01
CA HIS B 67 56.96 0.82 31.38
C HIS B 67 56.92 0.91 29.85
N LEU B 68 55.85 0.44 29.22
CA LEU B 68 55.69 0.51 27.78
C LEU B 68 54.36 1.20 27.44
N ALA B 69 54.45 2.44 26.98
CA ALA B 69 53.26 3.23 26.63
C ALA B 69 53.36 3.79 25.21
N PHE B 70 52.57 3.23 24.30
CA PHE B 70 52.49 3.70 22.92
C PHE B 70 51.45 4.80 22.79
N SER B 71 51.76 5.83 21.99
CA SER B 71 50.84 6.94 21.77
C SER B 71 50.96 7.47 20.35
N LEU B 72 50.08 8.43 20.00
CA LEU B 72 50.03 8.98 18.65
C LEU B 72 50.02 10.50 18.63
N GLU B 73 50.31 11.05 17.46
CA GLU B 73 50.03 12.45 17.14
C GLU B 73 49.66 12.52 15.67
N THR B 74 48.46 12.02 15.36
CA THR B 74 47.94 11.98 14.00
C THR B 74 48.12 13.32 13.28
N SER B 75 48.01 14.41 14.03
CA SER B 75 48.14 15.75 13.48
C SER B 75 49.48 15.99 12.79
N ALA B 76 50.45 15.11 13.04
CA ALA B 76 51.77 15.24 12.44
C ALA B 76 52.34 13.88 12.03
N SER B 77 51.46 12.95 11.67
CA SER B 77 51.82 11.61 11.22
C SER B 77 53.00 11.01 11.98
N THR B 78 52.90 10.98 13.31
CA THR B 78 54.00 10.53 14.16
C THR B 78 53.52 9.60 15.27
N ALA B 79 54.15 8.44 15.37
CA ALA B 79 53.86 7.49 16.44
C ALA B 79 55.00 7.49 17.45
N TYR B 80 54.66 7.40 18.74
CA TYR B 80 55.64 7.48 19.81
C TYR B 80 55.72 6.19 20.62
N LEU B 81 56.91 5.91 21.14
CA LEU B 81 57.13 4.83 22.09
C LEU B 81 57.88 5.37 23.31
N GLN B 82 57.24 5.25 24.48
CA GLN B 82 57.79 5.77 25.72
C GLN B 82 58.16 4.65 26.68
N ILE B 83 59.40 4.68 27.18
CA ILE B 83 59.87 3.72 28.16
C ILE B 83 60.13 4.45 29.48
N ASN B 84 59.40 4.06 30.53
CA ASN B 84 59.30 4.85 31.76
C ASN B 84 60.33 4.51 32.84
N ASN B 85 60.49 3.23 33.14
CA ASN B 85 61.39 2.80 34.22
C ASN B 85 62.55 2.00 33.64
N LEU B 86 63.54 2.73 33.13
CA LEU B 86 64.62 2.12 32.35
C LEU B 86 65.50 1.19 33.16
N LYS B 87 66.12 0.25 32.46
CA LYS B 87 66.96 -0.77 33.05
C LYS B 87 68.07 -1.14 32.07
N ASN B 88 69.05 -1.91 32.52
CA ASN B 88 70.16 -2.33 31.65
C ASN B 88 69.68 -3.32 30.59
N GLU B 89 68.53 -3.94 30.81
CA GLU B 89 67.95 -4.85 29.84
C GLU B 89 67.39 -4.05 28.66
N ASP B 90 66.87 -2.87 28.96
CA ASP B 90 66.22 -2.04 27.95
C ASP B 90 67.21 -1.51 26.92
N THR B 91 68.48 -1.48 27.27
CA THR B 91 69.53 -1.07 26.33
C THR B 91 69.42 -1.91 25.07
N ALA B 92 69.01 -1.27 23.97
CA ALA B 92 68.80 -1.99 22.72
C ALA B 92 68.64 -1.03 21.54
N THR B 93 68.40 -1.62 20.36
CA THR B 93 68.07 -0.85 19.17
C THR B 93 66.57 -1.04 18.89
N TYR B 94 65.86 0.07 18.71
CA TYR B 94 64.41 0.04 18.52
C TYR B 94 64.01 0.46 17.11
N PHE B 95 63.15 -0.34 16.49
CA PHE B 95 62.66 -0.07 15.14
C PHE B 95 61.14 0.04 15.13
N CYS B 96 60.62 1.01 14.38
CA CYS B 96 59.19 1.05 14.07
C CYS B 96 59.02 0.64 12.63
N ALA B 97 57.84 0.13 12.27
CA ALA B 97 57.62 -0.33 10.91
C ALA B 97 56.15 -0.40 10.55
N ARG B 98 55.87 -0.18 9.26
CA ARG B 98 54.51 -0.25 8.73
C ARG B 98 54.20 -1.67 8.31
N TYR B 99 52.92 -2.04 8.39
CA TYR B 99 52.45 -3.35 7.92
C TYR B 99 51.34 -3.16 6.90
N ASP B 100 51.63 -3.52 5.65
CA ASP B 100 50.69 -3.34 4.55
C ASP B 100 49.42 -4.16 4.77
N GLY B 101 48.36 -3.51 5.21
CA GLY B 101 47.07 -4.15 5.41
C GLY B 101 46.26 -4.17 4.13
N TYR B 102 46.64 -3.35 3.15
CA TYR B 102 45.93 -3.25 1.90
C TYR B 102 46.36 -4.28 0.86
N SER B 103 47.65 -4.59 0.82
CA SER B 103 48.21 -5.44 -0.23
C SER B 103 49.12 -6.52 0.32
N TRP B 104 49.62 -7.36 -0.57
CA TRP B 104 50.38 -8.54 -0.18
C TRP B 104 51.87 -8.26 0.04
N ASP B 105 52.17 -7.03 0.47
CA ASP B 105 53.46 -6.73 1.07
C ASP B 105 53.33 -6.96 2.57
N ALA B 106 54.45 -6.97 3.26
CA ALA B 106 54.46 -7.22 4.70
C ALA B 106 55.07 -6.02 5.39
N MET B 107 55.89 -6.24 6.42
CA MET B 107 56.68 -5.17 7.00
C MET B 107 57.53 -4.52 5.90
N ASP B 108 56.87 -3.77 5.04
CA ASP B 108 57.49 -3.29 3.80
C ASP B 108 58.41 -2.10 4.01
N TYR B 109 58.16 -1.33 5.06
CA TYR B 109 58.99 -0.15 5.37
C TYR B 109 59.31 -0.06 6.85
N TRP B 110 60.61 0.06 7.14
CA TRP B 110 61.10 0.11 8.51
C TRP B 110 61.69 1.48 8.83
N GLY B 111 62.04 1.68 10.10
CA GLY B 111 62.67 2.90 10.54
C GLY B 111 64.19 2.78 10.56
N GLN B 112 64.84 3.93 10.70
CA GLN B 112 66.30 4.00 10.75
C GLN B 112 66.87 3.12 11.86
N GLY B 113 66.19 3.12 13.01
CA GLY B 113 66.66 2.42 14.18
C GLY B 113 67.22 3.37 15.22
N THR B 114 66.54 3.45 16.37
CA THR B 114 66.99 4.28 17.48
C THR B 114 67.79 3.43 18.48
N SER B 115 68.86 4.00 19.03
CA SER B 115 69.75 3.28 19.91
C SER B 115 69.70 3.81 21.34
N VAL B 116 68.84 3.22 22.15
CA VAL B 116 68.72 3.58 23.56
C VAL B 116 69.82 2.90 24.35
N ILE B 117 70.60 3.70 25.08
CA ILE B 117 71.66 3.19 25.94
C ILE B 117 71.38 3.59 27.39
N VAL B 118 71.14 2.58 28.23
CA VAL B 118 70.88 2.80 29.65
C VAL B 118 72.07 2.35 30.49
N SER B 119 72.70 3.30 31.17
CA SER B 119 73.84 3.02 32.04
C SER B 119 74.12 4.22 32.94
N SER B 120 74.75 3.96 34.08
CA SER B 120 75.02 5.01 35.06
C SER B 120 76.30 5.78 34.75
N ALA B 121 77.15 5.21 33.91
CA ALA B 121 78.43 5.82 33.56
C ALA B 121 78.25 7.15 32.84
N LYS B 122 79.12 8.10 33.14
CA LYS B 122 79.07 9.43 32.54
C LYS B 122 79.78 9.45 31.20
N THR B 123 79.37 10.38 30.34
CA THR B 123 79.99 10.57 29.03
C THR B 123 81.47 10.94 29.18
N THR B 124 82.33 10.20 28.47
CA THR B 124 83.77 10.41 28.53
C THR B 124 84.37 10.41 27.12
N PRO B 125 85.14 11.45 26.76
CA PRO B 125 85.77 11.45 25.43
C PRO B 125 86.98 10.50 25.36
N PRO B 126 87.30 10.01 24.14
CA PRO B 126 88.40 9.07 23.96
C PRO B 126 89.78 9.72 23.86
N SER B 127 90.83 8.93 24.11
CA SER B 127 92.20 9.31 23.81
C SER B 127 92.65 8.57 22.55
N VAL B 128 93.21 9.31 21.60
CA VAL B 128 93.58 8.75 20.31
C VAL B 128 95.10 8.60 20.20
N TYR B 129 95.58 7.36 20.21
CA TYR B 129 96.99 7.05 20.17
C TYR B 129 97.39 6.42 18.84
N PRO B 130 98.40 6.98 18.14
CA PRO B 130 98.81 6.39 16.86
C PRO B 130 99.70 5.16 17.06
N LEU B 131 99.53 4.17 16.19
CA LEU B 131 100.32 2.94 16.23
C LEU B 131 101.24 2.84 15.02
N ALA B 132 102.53 3.01 15.25
CA ALA B 132 103.54 2.96 14.20
C ALA B 132 104.57 1.88 14.51
N PRO B 133 105.13 1.24 13.46
CA PRO B 133 106.19 0.25 13.68
C PRO B 133 107.40 0.83 14.41
N GLY B 134 107.76 0.23 15.54
CA GLY B 134 108.90 0.70 16.31
C GLY B 134 110.17 0.67 15.50
N SER B 135 110.62 -0.53 15.13
CA SER B 135 111.78 -0.70 14.27
C SER B 135 111.83 -2.11 13.69
N ALA B 136 110.66 -2.75 13.61
CA ALA B 136 110.55 -4.08 13.03
C ALA B 136 110.94 -4.03 11.56
N ALA B 137 111.45 -5.16 11.05
CA ALA B 137 111.82 -5.28 9.65
C ALA B 137 110.71 -4.80 8.73
N GLN B 138 111.09 -4.26 7.58
CA GLN B 138 110.12 -3.76 6.61
C GLN B 138 109.20 -4.87 6.09
N THR B 139 109.61 -6.12 6.28
CA THR B 139 108.83 -7.28 5.85
C THR B 139 108.62 -7.25 4.33
N ASN B 140 107.54 -7.87 3.87
CA ASN B 140 107.19 -7.92 2.45
C ASN B 140 107.25 -6.55 1.76
N SER B 141 106.20 -5.78 1.92
CA SER B 141 106.11 -4.46 1.31
C SER B 141 104.96 -3.67 1.92
N MET B 142 103.94 -4.39 2.40
CA MET B 142 102.77 -3.77 2.99
C MET B 142 102.98 -3.51 4.48
N VAL B 143 103.29 -2.28 4.83
CA VAL B 143 103.47 -1.90 6.23
C VAL B 143 102.10 -1.77 6.91
N THR B 144 102.04 -2.15 8.18
CA THR B 144 100.82 -2.07 8.95
C THR B 144 100.88 -0.92 9.95
N LEU B 145 99.92 0.01 9.84
CA LEU B 145 99.77 1.10 10.80
C LEU B 145 98.47 0.90 11.57
N GLY B 146 98.28 1.67 12.63
CA GLY B 146 97.06 1.57 13.42
C GLY B 146 96.71 2.79 14.24
N CYS B 147 95.60 2.69 14.96
CA CYS B 147 95.14 3.75 15.86
C CYS B 147 94.43 3.12 17.05
N LEU B 148 94.82 3.53 18.26
CA LEU B 148 94.19 3.02 19.48
C LEU B 148 93.30 4.08 20.11
N VAL B 149 92.00 3.80 20.16
CA VAL B 149 91.02 4.71 20.73
C VAL B 149 90.55 4.18 22.08
N LYS B 150 91.09 4.74 23.15
CA LYS B 150 90.93 4.19 24.49
C LYS B 150 90.08 5.05 25.41
N GLY B 151 89.35 4.39 26.31
CA GLY B 151 88.69 5.06 27.43
C GLY B 151 87.63 6.09 27.09
N TYR B 152 86.57 5.67 26.40
CA TYR B 152 85.45 6.57 26.13
C TYR B 152 84.12 5.93 26.53
N PHE B 153 83.09 6.78 26.59
CA PHE B 153 81.74 6.31 26.88
C PHE B 153 80.74 7.42 26.52
N PRO B 154 79.58 7.06 25.96
CA PRO B 154 79.13 5.73 25.54
C PRO B 154 79.52 5.43 24.10
N GLU B 155 79.01 4.33 23.55
CA GLU B 155 79.13 4.05 22.14
C GLU B 155 78.26 5.01 21.35
N PRO B 156 78.54 5.17 20.03
CA PRO B 156 79.57 4.52 19.23
C PRO B 156 80.77 5.39 18.93
N VAL B 157 81.80 4.77 18.34
CA VAL B 157 82.93 5.50 17.76
C VAL B 157 83.19 4.95 16.37
N THR B 158 83.45 5.86 15.43
CA THR B 158 83.72 5.50 14.04
C THR B 158 85.13 5.91 13.66
N VAL B 159 85.79 5.08 12.87
CA VAL B 159 87.15 5.35 12.42
C VAL B 159 87.25 5.25 10.91
N THR B 160 87.86 6.27 10.30
CA THR B 160 88.16 6.25 8.87
C THR B 160 89.62 6.66 8.67
N TRP B 161 90.16 6.35 7.50
CA TRP B 161 91.54 6.68 7.16
C TRP B 161 91.59 7.57 5.93
N ASN B 162 92.29 8.70 6.05
CA ASN B 162 92.36 9.71 4.99
C ASN B 162 90.96 10.17 4.58
N SER B 163 90.11 10.40 5.58
CA SER B 163 88.75 10.86 5.35
C SER B 163 87.95 9.85 4.52
N GLY B 164 88.41 8.60 4.53
CA GLY B 164 87.71 7.52 3.85
C GLY B 164 88.34 7.14 2.51
N SER B 165 89.43 7.81 2.16
CA SER B 165 90.14 7.50 0.91
C SER B 165 90.81 6.14 1.02
N LEU B 166 91.31 5.82 2.21
CA LEU B 166 91.86 4.50 2.51
C LEU B 166 90.79 3.60 3.10
N SER B 167 90.23 2.72 2.27
CA SER B 167 89.16 1.83 2.68
C SER B 167 89.59 0.36 2.62
N SER B 168 90.57 0.07 1.75
CA SER B 168 91.07 -1.28 1.58
C SER B 168 92.16 -1.58 2.59
N GLY B 169 92.20 -2.82 3.07
CA GLY B 169 93.18 -3.24 4.04
C GLY B 169 92.89 -2.70 5.43
N VAL B 170 91.72 -2.08 5.59
CA VAL B 170 91.33 -1.50 6.86
C VAL B 170 90.57 -2.50 7.73
N HIS B 171 91.00 -2.63 8.98
CA HIS B 171 90.30 -3.44 9.97
C HIS B 171 90.01 -2.65 11.23
N THR B 172 88.73 -2.36 11.45
CA THR B 172 88.29 -1.65 12.64
C THR B 172 87.60 -2.65 13.57
N PHE B 173 88.21 -2.91 14.71
CA PHE B 173 87.74 -3.96 15.61
C PHE B 173 86.65 -3.44 16.54
N PRO B 174 85.66 -4.29 16.86
CA PRO B 174 84.59 -3.87 17.77
C PRO B 174 85.11 -3.43 19.12
N ALA B 175 84.48 -2.40 19.70
CA ALA B 175 84.88 -1.88 21.00
C ALA B 175 84.65 -2.91 22.10
N VAL B 176 85.48 -2.85 23.14
CA VAL B 176 85.33 -3.71 24.31
C VAL B 176 85.24 -2.88 25.59
N LEU B 177 84.22 -3.17 26.39
CA LEU B 177 83.94 -2.42 27.61
C LEU B 177 84.70 -3.00 28.80
N GLN B 178 85.46 -2.16 29.48
CA GLN B 178 86.19 -2.57 30.68
C GLN B 178 86.08 -1.49 31.75
N SER B 179 85.26 -1.75 32.76
CA SER B 179 85.04 -0.82 33.86
C SER B 179 84.50 0.53 33.36
N ASP B 180 83.29 0.50 32.83
CA ASP B 180 82.57 1.70 32.43
C ASP B 180 83.32 2.55 31.40
N LEU B 181 84.28 1.94 30.70
CA LEU B 181 84.99 2.63 29.63
C LEU B 181 85.31 1.67 28.48
N TYR B 182 85.01 2.10 27.27
CA TYR B 182 85.27 1.30 26.07
C TYR B 182 86.69 1.51 25.54
N THR B 183 87.19 0.51 24.82
CA THR B 183 88.47 0.63 24.13
C THR B 183 88.35 0.02 22.74
N LEU B 184 88.75 0.80 21.73
CA LEU B 184 88.62 0.41 20.34
C LEU B 184 89.97 0.60 19.63
N SER B 185 90.20 -0.19 18.59
CA SER B 185 91.43 -0.08 17.80
C SER B 185 91.16 -0.34 16.33
N SER B 186 92.00 0.23 15.47
CA SER B 186 91.86 0.09 14.03
C SER B 186 93.22 0.00 13.37
N SER B 187 93.30 -0.81 12.31
CA SER B 187 94.55 -1.00 11.57
C SER B 187 94.36 -0.75 10.10
N VAL B 188 95.44 -0.40 9.41
CA VAL B 188 95.42 -0.25 7.96
C VAL B 188 96.72 -0.81 7.38
N THR B 189 96.59 -1.56 6.29
CA THR B 189 97.73 -2.18 5.63
C THR B 189 97.93 -1.60 4.24
N VAL B 190 99.02 -0.85 4.07
CA VAL B 190 99.34 -0.22 2.78
C VAL B 190 100.78 -0.56 2.39
N PRO B 191 101.10 -0.45 1.09
CA PRO B 191 102.46 -0.80 0.63
C PRO B 191 103.53 0.10 1.25
N SER B 192 104.79 -0.31 1.13
CA SER B 192 105.91 0.46 1.69
C SER B 192 106.17 1.72 0.90
N SER B 193 105.58 1.85 -0.28
CA SER B 193 105.77 3.03 -1.11
C SER B 193 104.93 4.21 -0.59
N PRO B 194 103.59 4.03 -0.46
CA PRO B 194 102.77 5.16 -0.02
C PRO B 194 102.95 5.56 1.45
N ARG B 195 104.02 5.13 2.11
CA ARG B 195 104.33 5.60 3.46
C ARG B 195 105.76 5.20 3.81
N PRO B 196 106.50 6.05 4.54
CA PRO B 196 106.18 7.39 5.07
C PRO B 196 105.99 8.45 3.98
N SER B 197 106.23 8.10 2.72
CA SER B 197 106.27 9.09 1.65
C SER B 197 104.96 9.87 1.52
N GLU B 198 103.83 9.16 1.43
CA GLU B 198 102.51 9.81 1.42
C GLU B 198 101.90 9.84 2.82
N THR B 199 100.81 10.61 2.95
CA THR B 199 100.18 10.88 4.24
C THR B 199 99.15 9.81 4.63
N VAL B 200 99.27 9.30 5.86
CA VAL B 200 98.30 8.37 6.43
C VAL B 200 97.78 8.91 7.77
N THR B 201 96.51 9.30 7.78
CA THR B 201 95.88 9.84 8.99
C THR B 201 94.56 9.14 9.29
N CYS B 202 94.37 8.73 10.55
CA CYS B 202 93.13 8.13 10.99
C CYS B 202 92.19 9.19 11.58
N ASN B 203 90.94 9.19 11.12
CA ASN B 203 89.94 10.11 11.61
C ASN B 203 88.92 9.40 12.50
N VAL B 204 88.93 9.72 13.79
CA VAL B 204 88.04 9.08 14.76
C VAL B 204 87.06 10.12 15.31
N ALA B 205 85.79 9.73 15.42
CA ALA B 205 84.74 10.61 15.90
C ALA B 205 83.89 9.96 16.99
N HIS B 206 83.63 10.72 18.05
CA HIS B 206 82.79 10.27 19.15
C HIS B 206 81.68 11.31 19.38
N PRO B 207 80.57 11.19 18.64
CA PRO B 207 79.53 12.22 18.61
C PRO B 207 78.89 12.52 19.97
N ALA B 208 78.96 11.58 20.90
CA ALA B 208 78.37 11.77 22.21
C ALA B 208 79.03 12.93 22.96
N SER B 209 80.34 13.09 22.74
CA SER B 209 81.09 14.19 23.35
C SER B 209 81.53 15.21 22.29
N SER B 210 81.01 15.06 21.08
CA SER B 210 81.30 15.98 19.98
C SER B 210 82.81 16.04 19.69
N THR B 211 83.48 14.90 19.79
CA THR B 211 84.92 14.85 19.58
C THR B 211 85.29 14.46 18.15
N LYS B 212 86.28 15.16 17.60
CA LYS B 212 86.85 14.84 16.31
C LYS B 212 88.37 14.99 16.36
N VAL B 213 89.07 13.88 16.10
CA VAL B 213 90.53 13.88 16.15
C VAL B 213 91.12 13.23 14.90
N ASP B 214 91.97 13.99 14.20
CA ASP B 214 92.67 13.50 13.02
C ASP B 214 94.14 13.26 13.35
N LYS B 215 94.48 12.00 13.63
CA LYS B 215 95.83 11.64 14.03
C LYS B 215 96.67 11.15 12.86
N LYS B 216 97.77 11.84 12.60
CA LYS B 216 98.71 11.42 11.55
C LYS B 216 99.70 10.41 12.12
N ILE B 217 99.90 9.32 11.37
CA ILE B 217 100.85 8.29 11.77
C ILE B 217 102.23 8.61 11.24
N VAL B 218 103.16 8.89 12.15
CA VAL B 218 104.54 9.19 11.77
C VAL B 218 105.46 8.12 12.36
N PRO B 219 106.49 7.72 11.59
CA PRO B 219 107.36 6.61 12.02
C PRO B 219 108.13 6.92 13.30
N ARG B 220 108.53 5.87 14.01
CA ARG B 220 109.30 6.01 15.25
C ARG B 220 110.80 5.94 14.96
N ASP B 221 111.31 4.71 14.88
CA ASP B 221 112.74 4.43 14.67
C ASP B 221 113.66 5.44 15.38
N CYS B 222 113.30 5.79 16.60
CA CYS B 222 114.08 6.70 17.44
C CYS B 222 114.15 8.11 16.84
N LYS C 26 -8.21 34.34 -54.14
CA LYS C 26 -6.74 34.30 -53.87
C LYS C 26 -6.42 33.12 -52.96
N LYS C 27 -6.10 33.41 -51.70
CA LYS C 27 -5.86 32.35 -50.72
C LYS C 27 -7.14 31.57 -50.48
N VAL C 28 -7.02 30.27 -50.23
CA VAL C 28 -8.17 29.40 -50.06
C VAL C 28 -8.00 28.51 -48.84
N VAL C 29 -8.85 28.74 -47.83
CA VAL C 29 -8.83 27.96 -46.60
C VAL C 29 -9.96 26.94 -46.60
N LEU C 30 -9.72 25.78 -45.98
CA LEU C 30 -10.75 24.77 -45.80
C LEU C 30 -11.07 24.59 -44.32
N GLY C 31 -12.23 24.03 -44.03
CA GLY C 31 -12.67 23.85 -42.66
C GLY C 31 -13.76 22.80 -42.55
N LYS C 32 -13.82 22.13 -41.41
CA LYS C 32 -14.78 21.07 -41.18
C LYS C 32 -16.10 21.62 -40.63
N LYS C 33 -17.18 20.86 -40.81
CA LYS C 33 -18.48 21.23 -40.27
C LYS C 33 -18.41 21.31 -38.74
N GLY C 34 -19.15 22.26 -38.18
CA GLY C 34 -19.18 22.48 -36.75
C GLY C 34 -17.79 22.62 -36.12
N ASP C 35 -16.85 23.14 -36.90
CA ASP C 35 -15.46 23.28 -36.45
C ASP C 35 -15.11 24.76 -36.32
N THR C 36 -13.83 25.05 -36.10
CA THR C 36 -13.36 26.44 -35.98
C THR C 36 -12.17 26.69 -36.91
N VAL C 37 -12.12 27.90 -37.47
CA VAL C 37 -11.05 28.29 -38.37
C VAL C 37 -10.64 29.74 -38.11
N GLU C 38 -9.41 30.07 -38.46
CA GLU C 38 -8.89 31.42 -38.29
C GLU C 38 -8.36 31.98 -39.60
N LEU C 39 -9.10 32.93 -40.17
CA LEU C 39 -8.67 33.62 -41.38
C LEU C 39 -7.75 34.77 -41.03
N THR C 40 -6.53 34.74 -41.55
CA THR C 40 -5.52 35.73 -41.18
C THR C 40 -5.48 36.88 -42.18
N CYS C 41 -5.23 38.08 -41.65
CA CYS C 41 -5.15 39.29 -42.45
C CYS C 41 -4.13 40.24 -41.83
N THR C 42 -2.96 40.32 -42.45
CA THR C 42 -1.85 41.10 -41.91
C THR C 42 -1.51 42.29 -42.79
N ALA C 43 -1.61 43.49 -42.21
CA ALA C 43 -1.13 44.70 -42.86
C ALA C 43 0.19 45.12 -42.24
N SER C 44 0.93 45.99 -42.92
CA SER C 44 2.22 46.44 -42.42
C SER C 44 2.03 47.44 -41.28
N GLN C 45 3.10 48.12 -40.90
CA GLN C 45 3.07 49.02 -39.75
C GLN C 45 2.55 48.27 -38.53
N LYS C 46 3.35 47.35 -38.04
CA LYS C 46 2.99 46.51 -36.88
C LYS C 46 2.41 47.33 -35.75
N LYS C 47 1.10 47.59 -35.81
CA LYS C 47 0.41 48.42 -34.83
C LYS C 47 -1.10 48.32 -35.02
N SER C 48 -1.85 48.68 -33.98
CA SER C 48 -3.31 48.68 -34.03
C SER C 48 -3.85 49.84 -34.88
N ILE C 49 -3.95 49.62 -36.19
CA ILE C 49 -4.46 50.61 -37.12
C ILE C 49 -5.95 50.30 -37.39
N GLN C 50 -6.54 50.93 -38.39
CA GLN C 50 -7.97 50.76 -38.67
C GLN C 50 -8.21 49.63 -39.66
N PHE C 51 -9.21 48.79 -39.39
CA PHE C 51 -9.52 47.65 -40.25
C PHE C 51 -10.98 47.22 -40.15
N HIS C 52 -11.38 46.29 -41.02
CA HIS C 52 -12.67 45.62 -40.90
C HIS C 52 -12.75 44.43 -41.87
N TRP C 53 -13.59 43.47 -41.52
CA TRP C 53 -13.87 42.32 -42.37
C TRP C 53 -15.27 42.43 -42.95
N LYS C 54 -15.42 42.07 -44.23
CA LYS C 54 -16.74 41.97 -44.84
C LYS C 54 -16.78 40.77 -45.78
N ASN C 55 -17.98 40.27 -46.07
CA ASN C 55 -18.13 39.14 -46.98
C ASN C 55 -18.30 39.62 -48.43
N SER C 56 -18.70 38.71 -49.30
CA SER C 56 -18.79 38.99 -50.72
C SER C 56 -19.94 39.94 -51.06
N ASN C 57 -20.83 40.17 -50.11
CA ASN C 57 -22.05 40.93 -50.36
C ASN C 57 -22.07 42.28 -49.64
N GLN C 58 -20.90 42.88 -49.50
CA GLN C 58 -20.72 44.15 -48.79
C GLN C 58 -21.55 44.20 -47.50
N ILE C 59 -21.28 43.25 -46.62
CA ILE C 59 -21.85 43.23 -45.27
C ILE C 59 -20.73 43.14 -44.25
N LYS C 60 -20.59 44.18 -43.44
CA LYS C 60 -19.54 44.25 -42.44
C LYS C 60 -19.70 43.12 -41.43
N ILE C 61 -18.68 42.27 -41.32
CA ILE C 61 -18.69 41.20 -40.34
C ILE C 61 -18.30 41.79 -38.99
N LEU C 62 -17.16 42.46 -38.97
CA LEU C 62 -16.70 43.17 -37.79
C LEU C 62 -15.57 44.12 -38.14
N GLY C 63 -15.36 45.13 -37.30
CA GLY C 63 -14.30 46.10 -37.49
C GLY C 63 -14.09 46.86 -36.21
N ASN C 64 -13.01 47.65 -36.16
CA ASN C 64 -12.74 48.46 -34.98
C ASN C 64 -13.23 49.89 -35.18
N GLN C 65 -14.17 50.31 -34.33
CA GLN C 65 -14.63 51.69 -34.27
C GLN C 65 -14.05 52.33 -33.02
N GLY C 66 -13.32 53.42 -33.21
CA GLY C 66 -12.48 53.94 -32.17
C GLY C 66 -11.39 52.93 -31.88
N SER C 67 -11.51 52.22 -30.77
CA SER C 67 -10.61 51.13 -30.45
C SER C 67 -11.37 49.83 -30.22
N PHE C 68 -12.67 49.95 -29.96
CA PHE C 68 -13.48 48.80 -29.60
C PHE C 68 -13.97 48.01 -30.81
N LEU C 69 -14.02 46.69 -30.65
CA LEU C 69 -14.51 45.80 -31.69
C LEU C 69 -16.01 45.97 -31.90
N THR C 70 -16.41 46.13 -33.15
CA THR C 70 -17.83 46.21 -33.53
C THR C 70 -18.19 45.02 -34.39
N LYS C 71 -19.43 44.52 -34.22
CA LYS C 71 -19.93 43.44 -35.07
C LYS C 71 -21.10 43.95 -35.90
N GLY C 72 -21.12 43.59 -37.18
CA GLY C 72 -22.10 44.11 -38.11
C GLY C 72 -23.28 43.20 -38.32
N PRO C 73 -24.19 43.58 -39.24
CA PRO C 73 -25.42 42.87 -39.57
C PRO C 73 -25.20 41.47 -40.13
N SER C 74 -23.94 41.08 -40.28
CA SER C 74 -23.57 39.75 -40.76
C SER C 74 -24.37 38.63 -40.15
N LYS C 75 -24.63 37.61 -40.97
CA LYS C 75 -25.29 36.40 -40.53
C LYS C 75 -24.47 35.70 -39.43
N LEU C 76 -23.19 36.04 -39.37
CA LEU C 76 -22.22 35.42 -38.45
C LEU C 76 -22.10 36.15 -37.12
N ASN C 77 -22.95 37.16 -36.92
CA ASN C 77 -22.86 38.06 -35.77
C ASN C 77 -22.41 37.43 -34.46
N ASP C 78 -22.89 36.21 -34.19
CA ASP C 78 -22.62 35.56 -32.91
C ASP C 78 -21.32 34.75 -32.91
N ARG C 79 -21.10 34.01 -33.99
CA ARG C 79 -20.01 33.05 -34.05
C ARG C 79 -18.70 33.62 -34.59
N ALA C 80 -18.68 34.93 -34.85
CA ALA C 80 -17.51 35.59 -35.42
C ALA C 80 -16.78 36.44 -34.39
N ASP C 81 -15.45 36.43 -34.44
CA ASP C 81 -14.63 37.19 -33.50
C ASP C 81 -13.21 37.35 -34.02
N SER C 82 -12.44 38.22 -33.37
CA SER C 82 -11.04 38.42 -33.70
C SER C 82 -10.16 38.15 -32.48
N ARG C 83 -8.94 38.69 -32.48
CA ARG C 83 -8.04 38.56 -31.34
C ARG C 83 -7.33 39.88 -31.07
N ARG C 84 -7.75 40.57 -30.01
CA ARG C 84 -7.32 41.93 -29.72
C ARG C 84 -5.80 42.07 -29.55
N SER C 85 -5.21 41.23 -28.70
CA SER C 85 -3.79 41.33 -28.39
C SER C 85 -2.91 41.28 -29.63
N LEU C 86 -3.36 40.56 -30.66
CA LEU C 86 -2.60 40.39 -31.88
C LEU C 86 -2.72 41.58 -32.82
N TRP C 87 -3.42 42.63 -32.39
CA TRP C 87 -3.61 43.82 -33.23
C TRP C 87 -2.37 44.70 -33.24
N ASP C 88 -1.61 44.69 -32.15
CA ASP C 88 -0.39 45.48 -32.06
C ASP C 88 0.73 44.87 -32.91
N GLN C 89 0.48 43.67 -33.43
CA GLN C 89 1.44 42.96 -34.27
C GLN C 89 1.03 42.96 -35.74
N GLY C 90 0.14 43.88 -36.10
CA GLY C 90 -0.30 44.01 -37.48
C GLY C 90 -1.31 42.95 -37.91
N ASN C 91 -1.56 41.98 -37.03
CA ASN C 91 -2.49 40.90 -37.33
C ASN C 91 -3.92 41.26 -36.97
N PHE C 92 -4.84 40.94 -37.88
CA PHE C 92 -6.27 41.14 -37.63
C PHE C 92 -7.04 39.90 -38.09
N PRO C 93 -7.01 38.83 -37.28
CA PRO C 93 -7.60 37.57 -37.72
C PRO C 93 -9.11 37.54 -37.57
N LEU C 94 -9.77 36.82 -38.48
CA LEU C 94 -11.20 36.56 -38.38
C LEU C 94 -11.40 35.11 -37.94
N ILE C 95 -12.13 34.91 -36.85
CA ILE C 95 -12.27 33.60 -36.23
C ILE C 95 -13.73 33.21 -36.16
N ILE C 96 -14.08 32.10 -36.79
CA ILE C 96 -15.46 31.65 -36.90
C ILE C 96 -15.62 30.26 -36.28
N LYS C 97 -16.41 30.18 -35.22
CA LYS C 97 -16.65 28.91 -34.54
C LYS C 97 -17.95 28.25 -35.02
N ASN C 98 -18.11 26.96 -34.75
CA ASN C 98 -19.28 26.20 -35.16
C ASN C 98 -19.62 26.43 -36.64
N LEU C 99 -18.62 26.22 -37.49
CA LEU C 99 -18.77 26.43 -38.93
C LEU C 99 -19.93 25.66 -39.53
N LYS C 100 -20.89 26.39 -40.09
CA LYS C 100 -21.91 25.80 -40.93
C LYS C 100 -21.40 25.82 -42.36
N ILE C 101 -22.11 25.14 -43.26
CA ILE C 101 -21.62 24.97 -44.62
C ILE C 101 -21.84 26.24 -45.43
N GLU C 102 -23.00 26.87 -45.25
CA GLU C 102 -23.34 28.08 -45.97
C GLU C 102 -22.49 29.28 -45.52
N ASP C 103 -21.55 29.02 -44.61
CA ASP C 103 -20.54 30.01 -44.25
C ASP C 103 -19.45 30.08 -45.32
N SER C 104 -19.45 29.11 -46.23
CA SER C 104 -18.52 29.13 -47.36
C SER C 104 -18.75 30.39 -48.18
N ASP C 105 -17.68 31.14 -48.43
CA ASP C 105 -17.78 32.44 -49.08
C ASP C 105 -16.38 33.01 -49.28
N THR C 106 -16.29 34.11 -50.03
CA THR C 106 -15.04 34.83 -50.19
C THR C 106 -15.04 36.06 -49.29
N TYR C 107 -14.33 35.95 -48.17
CA TYR C 107 -14.29 37.02 -47.17
C TYR C 107 -13.23 38.04 -47.52
N ILE C 108 -13.55 39.32 -47.33
CA ILE C 108 -12.65 40.40 -47.69
C ILE C 108 -12.28 41.24 -46.47
N CYS C 109 -10.98 41.34 -46.22
CA CYS C 109 -10.45 42.19 -45.16
C CYS C 109 -9.90 43.47 -45.79
N GLU C 110 -10.29 44.62 -45.23
CA GLU C 110 -9.91 45.91 -45.80
C GLU C 110 -9.18 46.76 -44.77
N VAL C 111 -7.89 46.98 -45.02
CA VAL C 111 -7.01 47.71 -44.10
C VAL C 111 -6.29 48.84 -44.82
N GLU C 112 -6.50 50.06 -44.36
CA GLU C 112 -5.79 51.23 -44.89
C GLU C 112 -6.12 51.42 -46.37
N ASP C 113 -5.41 50.69 -47.25
CA ASP C 113 -5.74 50.68 -48.68
C ASP C 113 -5.53 49.27 -49.23
N GLN C 114 -5.61 48.29 -48.34
CA GLN C 114 -5.39 46.89 -48.69
C GLN C 114 -6.72 46.17 -48.89
N LYS C 115 -6.73 45.22 -49.81
CA LYS C 115 -7.89 44.36 -50.03
C LYS C 115 -7.44 42.90 -50.04
N GLU C 116 -7.30 42.32 -48.86
CA GLU C 116 -6.87 40.93 -48.74
C GLU C 116 -8.07 39.99 -48.73
N GLU C 117 -8.12 39.13 -49.73
CA GLU C 117 -9.24 38.23 -49.94
C GLU C 117 -8.92 36.81 -49.53
N VAL C 118 -9.90 36.13 -48.95
CA VAL C 118 -9.77 34.73 -48.54
C VAL C 118 -11.07 33.98 -48.82
N GLN C 119 -10.96 32.86 -49.54
CA GLN C 119 -12.12 32.03 -49.83
C GLN C 119 -12.18 30.85 -48.87
N LEU C 120 -13.20 30.84 -48.03
CA LEU C 120 -13.44 29.74 -47.11
C LEU C 120 -14.39 28.74 -47.73
N LEU C 121 -14.01 27.46 -47.69
CA LEU C 121 -14.87 26.36 -48.12
C LEU C 121 -15.03 25.38 -46.97
N VAL C 122 -16.28 25.15 -46.57
CA VAL C 122 -16.57 24.37 -45.38
C VAL C 122 -17.26 23.06 -45.73
N PHE C 123 -16.51 21.96 -45.66
CA PHE C 123 -17.05 20.64 -45.95
C PHE C 123 -17.50 19.92 -44.69
N GLY C 124 -18.37 18.93 -44.87
CA GLY C 124 -18.80 18.08 -43.78
C GLY C 124 -19.00 16.67 -44.31
N LEU C 125 -18.99 15.69 -43.43
CA LEU C 125 -19.12 14.29 -43.84
C LEU C 125 -20.08 13.52 -42.94
N THR C 126 -21.04 12.85 -43.57
CA THR C 126 -22.04 12.07 -42.85
C THR C 126 -22.23 10.71 -43.53
N ALA C 127 -22.75 9.75 -42.75
CA ALA C 127 -23.11 8.44 -43.27
C ALA C 127 -24.63 8.32 -43.38
N ASN C 128 -25.13 8.42 -44.60
CA ASN C 128 -26.56 8.45 -44.86
C ASN C 128 -27.32 7.18 -44.49
N SER C 129 -26.64 6.23 -43.84
CA SER C 129 -27.25 4.97 -43.49
C SER C 129 -27.50 4.87 -41.98
N ASP C 130 -27.89 6.00 -41.39
CA ASP C 130 -28.23 6.07 -39.96
C ASP C 130 -27.07 5.58 -39.08
N THR C 131 -27.18 4.34 -38.60
CA THR C 131 -26.13 3.72 -37.79
C THR C 131 -26.50 2.27 -37.50
N HIS C 132 -25.60 1.55 -36.84
CA HIS C 132 -25.80 0.12 -36.58
C HIS C 132 -26.19 -0.60 -37.87
N LEU C 133 -25.22 -0.82 -38.75
CA LEU C 133 -25.47 -1.46 -40.03
C LEU C 133 -25.19 -2.95 -39.94
N LEU C 134 -25.52 -3.68 -41.01
CA LEU C 134 -25.50 -5.14 -41.00
C LEU C 134 -24.69 -5.71 -42.14
N GLN C 135 -23.85 -6.69 -41.82
CA GLN C 135 -23.14 -7.49 -42.79
C GLN C 135 -24.03 -7.81 -43.99
N GLY C 136 -23.59 -7.35 -45.17
CA GLY C 136 -24.33 -7.57 -46.40
C GLY C 136 -25.06 -6.32 -46.89
N GLN C 137 -25.43 -5.44 -45.96
CA GLN C 137 -26.13 -4.20 -46.33
C GLN C 137 -25.21 -3.25 -47.08
N SER C 138 -25.79 -2.21 -47.66
CA SER C 138 -25.04 -1.21 -48.40
C SER C 138 -24.79 0.04 -47.55
N LEU C 139 -23.54 0.51 -47.57
CA LEU C 139 -23.16 1.73 -46.88
C LEU C 139 -22.92 2.85 -47.89
N THR C 140 -23.39 4.05 -47.56
CA THR C 140 -23.17 5.21 -48.39
C THR C 140 -22.74 6.41 -47.55
N LEU C 141 -21.55 6.92 -47.85
CA LEU C 141 -21.08 8.17 -47.26
C LEU C 141 -21.32 9.31 -48.24
N THR C 142 -21.86 10.41 -47.73
CA THR C 142 -22.16 11.56 -48.58
C THR C 142 -21.41 12.80 -48.06
N LEU C 143 -20.86 13.57 -48.99
CA LEU C 143 -20.06 14.75 -48.65
C LEU C 143 -20.89 16.01 -48.80
N GLU C 144 -21.24 16.63 -47.68
CA GLU C 144 -21.95 17.91 -47.71
C GLU C 144 -20.99 19.02 -48.12
N SER C 145 -21.07 19.43 -49.37
CA SER C 145 -20.22 20.49 -49.91
C SER C 145 -21.04 21.75 -50.14
N PRO C 146 -20.37 22.90 -50.24
CA PRO C 146 -21.10 24.15 -50.52
C PRO C 146 -21.38 24.31 -52.02
N PRO C 147 -22.44 25.08 -52.36
CA PRO C 147 -22.79 25.26 -53.79
C PRO C 147 -21.63 25.80 -54.62
N GLY C 148 -21.32 25.12 -55.73
CA GLY C 148 -20.30 25.58 -56.65
C GLY C 148 -18.89 25.24 -56.20
N SER C 149 -18.65 23.96 -55.91
CA SER C 149 -17.33 23.50 -55.50
C SER C 149 -16.92 22.25 -56.29
N SER C 150 -15.63 22.00 -56.35
CA SER C 150 -15.07 20.83 -57.04
C SER C 150 -14.23 19.96 -56.10
N PRO C 151 -14.89 19.27 -55.15
CA PRO C 151 -14.15 18.45 -54.19
C PRO C 151 -13.81 17.07 -54.73
N SER C 152 -12.62 16.57 -54.40
CA SER C 152 -12.20 15.23 -54.78
C SER C 152 -11.93 14.40 -53.53
N VAL C 153 -12.91 13.59 -53.16
CA VAL C 153 -12.83 12.79 -51.94
C VAL C 153 -12.21 11.44 -52.18
N GLN C 154 -11.52 10.91 -51.17
CA GLN C 154 -11.09 9.52 -51.17
C GLN C 154 -10.83 9.09 -49.73
N CYS C 155 -11.28 7.89 -49.38
CA CYS C 155 -11.27 7.43 -47.99
C CYS C 155 -10.42 6.21 -47.77
N ARG C 156 -10.35 5.77 -46.51
CA ARG C 156 -9.52 4.65 -46.11
C ARG C 156 -10.17 3.90 -44.95
N SER C 157 -10.66 2.70 -45.23
CA SER C 157 -11.29 1.86 -44.21
C SER C 157 -10.27 1.46 -43.14
N PRO C 158 -10.72 0.74 -42.10
CA PRO C 158 -9.79 0.23 -41.09
C PRO C 158 -9.00 -0.99 -41.57
N ARG C 159 -8.90 -1.20 -42.88
CA ARG C 159 -8.12 -2.28 -43.45
C ARG C 159 -6.92 -1.72 -44.21
N GLY C 160 -7.20 -0.76 -45.09
CA GLY C 160 -6.17 -0.17 -45.92
C GLY C 160 -6.69 0.18 -47.30
N LYS C 161 -7.74 -0.52 -47.72
CA LYS C 161 -8.40 -0.26 -49.00
C LYS C 161 -8.79 1.20 -49.14
N ASN C 162 -8.60 1.75 -50.34
CA ASN C 162 -8.98 3.13 -50.64
C ASN C 162 -10.09 3.19 -51.68
N ILE C 163 -11.11 4.00 -51.39
CA ILE C 163 -12.18 4.26 -52.35
C ILE C 163 -12.24 5.76 -52.61
N GLN C 164 -12.64 6.14 -53.82
CA GLN C 164 -12.70 7.55 -54.21
C GLN C 164 -13.92 7.83 -55.08
N GLY C 165 -14.45 9.05 -54.96
CA GLY C 165 -15.55 9.48 -55.78
C GLY C 165 -15.91 10.94 -55.53
N GLY C 166 -17.09 11.34 -55.97
CA GLY C 166 -17.57 12.69 -55.79
C GLY C 166 -18.30 12.84 -54.47
N LYS C 167 -19.46 13.49 -54.52
CA LYS C 167 -20.28 13.70 -53.33
C LYS C 167 -20.67 12.38 -52.67
N THR C 168 -20.70 11.30 -53.45
CA THR C 168 -21.21 10.01 -52.98
C THR C 168 -20.17 8.90 -53.11
N LEU C 169 -19.68 8.41 -51.97
CA LEU C 169 -18.84 7.22 -51.92
C LEU C 169 -19.63 6.07 -51.31
N SER C 170 -19.76 4.98 -52.04
CA SER C 170 -20.60 3.85 -51.61
C SER C 170 -19.82 2.55 -51.47
N VAL C 171 -20.17 1.79 -50.44
CA VAL C 171 -19.68 0.42 -50.27
C VAL C 171 -20.81 -0.56 -50.60
N SER C 172 -20.66 -1.26 -51.72
CA SER C 172 -21.68 -2.17 -52.23
C SER C 172 -22.25 -3.11 -51.16
N GLN C 173 -21.37 -3.88 -50.53
CA GLN C 173 -21.78 -4.85 -49.51
C GLN C 173 -20.75 -4.91 -48.39
N LEU C 174 -21.21 -4.76 -47.16
CA LEU C 174 -20.30 -4.62 -46.03
C LEU C 174 -19.72 -5.94 -45.56
N GLU C 175 -18.56 -5.84 -44.93
CA GLU C 175 -17.93 -6.98 -44.26
C GLU C 175 -17.81 -6.66 -42.77
N LEU C 176 -17.38 -7.64 -41.98
CA LEU C 176 -17.18 -7.42 -40.55
C LEU C 176 -15.87 -6.67 -40.29
N GLN C 177 -14.91 -6.82 -41.20
CA GLN C 177 -13.62 -6.13 -41.08
C GLN C 177 -13.78 -4.61 -41.17
N ASP C 178 -14.97 -4.15 -41.54
CA ASP C 178 -15.22 -2.73 -41.76
C ASP C 178 -15.69 -2.01 -40.50
N SER C 179 -16.13 -2.75 -39.49
CA SER C 179 -16.55 -2.15 -38.23
C SER C 179 -15.37 -1.45 -37.57
N GLY C 180 -15.34 -0.12 -37.67
CA GLY C 180 -14.27 0.66 -37.11
C GLY C 180 -14.29 2.12 -37.52
N THR C 181 -13.11 2.71 -37.63
CA THR C 181 -12.95 4.13 -37.92
C THR C 181 -12.43 4.36 -39.33
N TRP C 182 -13.20 5.10 -40.13
CA TRP C 182 -12.83 5.40 -41.50
C TRP C 182 -12.20 6.79 -41.60
N THR C 183 -11.11 6.88 -42.35
CA THR C 183 -10.46 8.17 -42.61
C THR C 183 -10.81 8.62 -44.02
N CYS C 184 -11.00 9.92 -44.21
CA CYS C 184 -11.38 10.45 -45.51
C CYS C 184 -10.67 11.76 -45.84
N THR C 185 -10.07 11.80 -47.01
CA THR C 185 -9.33 12.97 -47.48
C THR C 185 -10.11 13.69 -48.58
N VAL C 186 -10.44 14.95 -48.33
CA VAL C 186 -11.09 15.80 -49.32
C VAL C 186 -10.04 16.72 -49.94
N LEU C 187 -10.02 16.82 -51.27
CA LEU C 187 -9.06 17.66 -51.96
C LEU C 187 -9.75 18.74 -52.76
N GLN C 188 -9.59 19.98 -52.32
CA GLN C 188 -10.06 21.15 -53.04
C GLN C 188 -8.87 21.99 -53.48
N ASN C 189 -8.78 22.26 -54.78
CA ASN C 189 -7.60 22.90 -55.34
C ASN C 189 -6.37 22.07 -54.99
N GLN C 190 -5.38 22.68 -54.36
CA GLN C 190 -4.20 21.96 -53.86
C GLN C 190 -4.26 21.76 -52.35
N LYS C 191 -5.27 22.34 -51.71
CA LYS C 191 -5.43 22.22 -50.26
C LYS C 191 -6.29 21.00 -49.92
N LYS C 192 -6.28 20.57 -48.66
CA LYS C 192 -7.05 19.40 -48.25
C LYS C 192 -7.37 19.36 -46.77
N VAL C 193 -8.51 18.78 -46.44
CA VAL C 193 -8.96 18.55 -45.07
C VAL C 193 -9.21 17.05 -44.89
N GLU C 194 -9.20 16.58 -43.65
CA GLU C 194 -9.36 15.15 -43.37
C GLU C 194 -10.37 14.87 -42.26
N PHE C 195 -11.39 14.07 -42.58
CA PHE C 195 -12.41 13.67 -41.63
C PHE C 195 -12.20 12.24 -41.14
N LYS C 196 -12.73 11.95 -39.96
CA LYS C 196 -12.85 10.57 -39.49
C LYS C 196 -14.29 10.31 -39.07
N ILE C 197 -14.77 9.09 -39.30
CA ILE C 197 -16.17 8.74 -39.04
C ILE C 197 -16.33 7.29 -38.61
N ASP C 198 -16.84 7.09 -37.39
CA ASP C 198 -16.99 5.75 -36.84
C ASP C 198 -18.21 5.05 -37.41
N ILE C 199 -18.00 3.83 -37.89
CA ILE C 199 -19.09 2.99 -38.38
C ILE C 199 -19.02 1.61 -37.74
N VAL C 200 -20.17 1.09 -37.33
CA VAL C 200 -20.27 -0.24 -36.75
C VAL C 200 -21.07 -1.14 -37.67
N VAL C 201 -20.64 -2.40 -37.74
CA VAL C 201 -21.30 -3.39 -38.57
C VAL C 201 -21.53 -4.67 -37.78
N LEU C 202 -22.75 -5.20 -37.85
CA LEU C 202 -23.10 -6.39 -37.11
C LEU C 202 -23.37 -7.50 -38.11
N ALA C 203 -23.43 -8.74 -37.63
CA ALA C 203 -23.72 -9.89 -38.48
C ALA C 203 -25.13 -10.37 -38.20
N PHE C 204 -25.70 -11.13 -39.13
CA PHE C 204 -27.01 -11.71 -38.89
C PHE C 204 -27.31 -12.88 -39.82
N GLN C 205 -28.29 -13.68 -39.41
CA GLN C 205 -28.73 -14.85 -40.16
C GLN C 205 -30.22 -15.02 -39.96
N LYS C 206 -30.88 -15.75 -40.85
CA LYS C 206 -32.29 -16.08 -40.68
C LYS C 206 -32.55 -17.55 -41.02
N ALA C 207 -32.80 -18.34 -39.98
CA ALA C 207 -33.00 -19.78 -40.14
C ALA C 207 -34.49 -20.11 -40.11
N ASP D 1 10.44 -44.71 56.15
CA ASP D 1 8.98 -44.45 56.27
C ASP D 1 8.63 -44.15 57.72
N ILE D 2 8.07 -42.97 57.95
CA ILE D 2 7.59 -42.59 59.27
C ILE D 2 6.23 -41.95 59.11
N MET D 3 5.18 -42.72 59.36
CA MET D 3 3.81 -42.26 59.18
C MET D 3 3.24 -41.72 60.48
N LEU D 4 2.67 -40.52 60.41
CA LEU D 4 1.98 -39.93 61.54
C LEU D 4 0.47 -40.08 61.33
N THR D 5 -0.20 -40.67 62.31
CA THR D 5 -1.65 -40.88 62.25
C THR D 5 -2.34 -40.12 63.37
N GLN D 6 -3.15 -39.13 63.00
CA GLN D 6 -3.84 -38.31 63.98
C GLN D 6 -5.25 -38.83 64.24
N SER D 7 -5.69 -38.72 65.50
CA SER D 7 -7.04 -39.10 65.88
C SER D 7 -7.55 -38.17 66.98
N PRO D 8 -8.83 -37.77 66.91
CA PRO D 8 -9.80 -38.10 65.85
C PRO D 8 -9.54 -37.30 64.57
N ALA D 9 -10.30 -37.58 63.52
CA ALA D 9 -10.18 -36.82 62.28
C ALA D 9 -10.85 -35.46 62.43
N SER D 10 -11.88 -35.42 63.28
CA SER D 10 -12.60 -34.19 63.56
C SER D 10 -13.07 -34.16 65.01
N LEU D 11 -13.08 -32.97 65.59
CA LEU D 11 -13.43 -32.80 67.00
C LEU D 11 -14.42 -31.65 67.19
N THR D 12 -15.50 -31.92 67.90
CA THR D 12 -16.50 -30.91 68.21
C THR D 12 -16.62 -30.77 69.72
N VAL D 13 -16.42 -29.55 70.23
CA VAL D 13 -16.34 -29.32 71.67
C VAL D 13 -16.93 -27.97 72.07
N SER D 14 -17.62 -27.93 73.21
CA SER D 14 -18.22 -26.69 73.70
C SER D 14 -17.19 -25.82 74.39
N LEU D 15 -17.44 -24.51 74.40
CA LEU D 15 -16.56 -23.58 75.10
C LEU D 15 -16.34 -23.98 76.55
N GLY D 16 -15.09 -23.93 77.00
CA GLY D 16 -14.76 -24.24 78.39
C GLY D 16 -14.37 -25.68 78.63
N GLN D 17 -14.50 -26.52 77.60
CA GLN D 17 -14.20 -27.94 77.72
C GLN D 17 -12.81 -28.28 77.20
N ARG D 18 -12.35 -29.50 77.48
CA ARG D 18 -11.00 -29.94 77.10
C ARG D 18 -10.98 -30.66 75.76
N ALA D 19 -10.11 -30.19 74.86
CA ALA D 19 -9.89 -30.85 73.58
C ALA D 19 -8.58 -31.65 73.61
N THR D 20 -8.67 -32.94 73.28
CA THR D 20 -7.51 -33.83 73.25
C THR D 20 -7.34 -34.45 71.87
N MET D 21 -6.17 -34.23 71.28
CA MET D 21 -5.84 -34.77 69.96
C MET D 21 -4.54 -35.58 70.01
N SER D 22 -4.60 -36.80 69.49
CA SER D 22 -3.48 -37.73 69.54
C SER D 22 -2.73 -37.81 68.20
N CYS D 23 -1.44 -38.10 68.28
CA CYS D 23 -0.59 -38.34 67.11
C CYS D 23 0.33 -39.52 67.34
N ARG D 24 0.11 -40.60 66.59
CA ARG D 24 0.88 -41.83 66.75
C ARG D 24 1.88 -42.00 65.61
N ALA D 25 3.14 -42.19 65.96
CA ALA D 25 4.20 -42.41 64.98
C ALA D 25 4.46 -43.89 64.78
N SER D 26 4.75 -44.29 63.55
CA SER D 26 4.99 -45.68 63.21
C SER D 26 6.27 -46.19 63.87
N GLN D 27 7.24 -45.28 64.05
CA GLN D 27 8.46 -45.59 64.77
C GLN D 27 8.79 -44.46 65.76
N SER D 28 9.67 -44.74 66.71
CA SER D 28 10.02 -43.77 67.73
C SER D 28 10.77 -42.59 67.11
N VAL D 29 10.41 -41.39 67.55
CA VAL D 29 11.04 -40.16 67.07
C VAL D 29 11.77 -39.43 68.20
N SER D 30 12.10 -40.15 69.27
CA SER D 30 12.65 -39.54 70.48
C SER D 30 13.97 -40.16 70.91
N THR D 31 14.74 -39.41 71.69
CA THR D 31 15.97 -39.89 72.31
C THR D 31 16.06 -39.48 73.77
N SER D 32 15.72 -40.40 74.67
CA SER D 32 15.74 -40.19 76.12
C SER D 32 15.50 -38.74 76.55
N ARG D 33 16.47 -37.88 76.24
CA ARG D 33 16.40 -36.47 76.60
C ARG D 33 15.22 -35.75 75.95
N TYR D 34 15.13 -35.84 74.62
CA TYR D 34 14.17 -35.07 73.85
C TYR D 34 13.32 -35.93 72.93
N SER D 35 12.26 -35.33 72.40
CA SER D 35 11.38 -35.97 71.45
C SER D 35 11.13 -35.04 70.27
N TYR D 36 11.43 -35.51 69.07
CA TYR D 36 11.36 -34.69 67.87
C TYR D 36 9.96 -34.65 67.26
N MET D 37 9.05 -33.90 67.90
CA MET D 37 7.68 -33.74 67.41
C MET D 37 7.24 -32.28 67.51
N HIS D 38 6.34 -31.89 66.62
CA HIS D 38 5.88 -30.51 66.55
C HIS D 38 4.40 -30.45 66.23
N TRP D 39 3.72 -29.44 66.75
CA TRP D 39 2.31 -29.20 66.48
C TRP D 39 2.11 -27.86 65.81
N TYR D 40 1.19 -27.83 64.84
CA TYR D 40 0.84 -26.58 64.17
C TYR D 40 -0.65 -26.26 64.30
N GLN D 41 -0.98 -24.97 64.14
CA GLN D 41 -2.35 -24.53 64.05
C GLN D 41 -2.55 -23.83 62.70
N GLU D 42 -3.59 -24.24 61.99
CA GLU D 42 -3.94 -23.62 60.71
C GLU D 42 -5.42 -23.29 60.66
N LYS D 43 -5.75 -22.04 60.99
CA LYS D 43 -7.12 -21.58 60.93
C LYS D 43 -7.59 -21.52 59.48
N ALA D 44 -8.89 -21.30 59.29
CA ALA D 44 -9.49 -21.18 57.96
C ALA D 44 -8.67 -20.30 57.02
N GLY D 45 -8.16 -20.90 55.95
CA GLY D 45 -7.46 -20.17 54.91
C GLY D 45 -6.24 -19.38 55.36
N GLN D 46 -5.61 -19.85 56.42
CA GLN D 46 -4.37 -19.25 56.92
C GLN D 46 -3.19 -20.17 56.65
N PRO D 47 -1.97 -19.63 56.70
CA PRO D 47 -0.79 -20.50 56.67
C PRO D 47 -0.63 -21.23 58.01
N PRO D 48 0.02 -22.40 58.01
CA PRO D 48 0.22 -23.08 59.29
C PRO D 48 1.18 -22.31 60.17
N GLN D 49 1.05 -22.45 61.50
CA GLN D 49 1.95 -21.78 62.43
C GLN D 49 2.35 -22.71 63.55
N LEU D 50 3.63 -22.66 63.91
CA LEU D 50 4.19 -23.56 64.90
C LEU D 50 3.61 -23.27 66.29
N LEU D 51 3.07 -24.31 66.92
CA LEU D 51 2.44 -24.20 68.23
C LEU D 51 3.33 -24.79 69.31
N ILE D 52 3.56 -26.10 69.19
CA ILE D 52 4.45 -26.82 70.08
C ILE D 52 5.67 -27.25 69.31
N LYS D 53 6.85 -27.03 69.89
CA LYS D 53 8.09 -27.48 69.27
C LYS D 53 8.76 -28.50 70.16
N TYR D 54 9.17 -29.61 69.57
CA TYR D 54 9.82 -30.71 70.27
C TYR D 54 8.90 -31.24 71.37
N ALA D 55 7.63 -31.41 70.99
CA ALA D 55 6.66 -32.25 71.70
C ALA D 55 6.01 -31.61 72.94
N SER D 56 6.72 -30.73 73.63
CA SER D 56 6.24 -30.23 74.91
C SER D 56 6.53 -28.76 75.19
N ASN D 57 7.24 -28.09 74.28
CA ASN D 57 7.62 -26.69 74.50
C ASN D 57 6.71 -25.71 73.77
N LEU D 58 5.97 -24.92 74.54
CA LEU D 58 5.11 -23.88 73.97
C LEU D 58 5.94 -22.84 73.25
N GLU D 59 5.53 -22.49 72.03
CA GLU D 59 6.16 -21.40 71.30
C GLU D 59 5.83 -20.10 72.00
N SER D 60 6.64 -19.07 71.75
CA SER D 60 6.44 -17.77 72.37
C SER D 60 5.06 -17.20 72.01
N GLY D 61 4.38 -16.65 73.01
CA GLY D 61 3.10 -16.01 72.81
C GLY D 61 1.92 -16.94 73.00
N VAL D 62 2.04 -18.16 72.50
CA VAL D 62 0.99 -19.17 72.61
C VAL D 62 0.40 -19.21 74.02
N PRO D 63 -0.94 -19.08 74.14
CA PRO D 63 -1.56 -19.07 75.47
C PRO D 63 -1.30 -20.34 76.28
N ALA D 64 -1.33 -20.22 77.60
CA ALA D 64 -0.97 -21.31 78.50
C ALA D 64 -1.96 -22.47 78.42
N ARG D 65 -3.14 -22.23 77.86
CA ARG D 65 -4.17 -23.25 77.80
C ARG D 65 -3.79 -24.38 76.82
N PHE D 66 -2.84 -24.10 75.95
CA PHE D 66 -2.25 -25.13 75.10
C PHE D 66 -1.16 -25.88 75.86
N SER D 67 -1.07 -27.18 75.64
CA SER D 67 0.00 -27.98 76.25
C SER D 67 0.24 -29.26 75.45
N GLY D 68 1.49 -29.70 75.41
CA GLY D 68 1.87 -30.90 74.70
C GLY D 68 2.61 -31.88 75.60
N SER D 69 2.49 -33.17 75.30
CA SER D 69 3.14 -34.20 76.08
C SER D 69 3.33 -35.47 75.26
N GLY D 70 4.04 -36.44 75.82
CA GLY D 70 4.24 -37.74 75.20
C GLY D 70 5.69 -38.06 74.96
N SER D 71 5.95 -39.30 74.54
CA SER D 71 7.30 -39.75 74.22
C SER D 71 7.25 -41.06 73.43
N GLY D 72 8.34 -41.36 72.72
CA GLY D 72 8.40 -42.57 71.93
C GLY D 72 7.56 -42.49 70.67
N THR D 73 6.40 -43.15 70.71
CA THR D 73 5.53 -43.26 69.53
C THR D 73 4.19 -42.55 69.73
N ASP D 74 3.88 -42.20 70.98
CA ASP D 74 2.59 -41.60 71.30
C ASP D 74 2.73 -40.18 71.81
N PHE D 75 1.98 -39.26 71.21
CA PHE D 75 2.03 -37.84 71.55
C PHE D 75 0.63 -37.24 71.64
N THR D 76 0.48 -36.26 72.52
CA THR D 76 -0.82 -35.65 72.77
C THR D 76 -0.71 -34.14 72.97
N LEU D 77 -1.66 -33.41 72.42
CA LEU D 77 -1.85 -31.99 72.75
C LEU D 77 -3.10 -31.85 73.59
N ASN D 78 -3.15 -30.82 74.42
CA ASN D 78 -4.36 -30.47 75.16
C ASN D 78 -4.69 -28.99 75.03
N ILE D 79 -5.97 -28.71 74.81
CA ILE D 79 -6.48 -27.34 74.79
C ILE D 79 -7.56 -27.22 75.85
N HIS D 80 -7.26 -26.52 76.93
CA HIS D 80 -8.22 -26.36 78.03
C HIS D 80 -7.99 -25.04 78.77
N PRO D 81 -9.04 -24.21 78.89
CA PRO D 81 -10.38 -24.34 78.32
C PRO D 81 -10.42 -23.91 76.86
N VAL D 82 -11.19 -24.60 76.03
CA VAL D 82 -11.31 -24.25 74.61
C VAL D 82 -12.00 -22.90 74.45
N GLU D 83 -11.58 -22.14 73.45
CA GLU D 83 -12.16 -20.83 73.16
C GLU D 83 -12.65 -20.77 71.72
N ALA D 84 -13.37 -19.69 71.39
CA ALA D 84 -13.96 -19.52 70.07
C ALA D 84 -12.92 -19.47 68.96
N GLU D 85 -11.82 -18.78 69.22
CA GLU D 85 -10.79 -18.60 68.21
C GLU D 85 -9.99 -19.87 67.93
N ASP D 86 -10.21 -20.91 68.72
CA ASP D 86 -9.48 -22.16 68.57
C ASP D 86 -10.02 -23.01 67.41
N THR D 87 -11.08 -22.54 66.75
CA THR D 87 -11.60 -23.23 65.57
C THR D 87 -10.56 -23.21 64.47
N ALA D 88 -10.01 -24.38 64.17
CA ALA D 88 -8.94 -24.50 63.18
C ALA D 88 -8.60 -25.96 62.94
N THR D 89 -7.72 -26.21 61.97
CA THR D 89 -7.18 -27.54 61.74
C THR D 89 -5.79 -27.62 62.36
N TYR D 90 -5.51 -28.73 63.03
CA TYR D 90 -4.23 -28.91 63.73
C TYR D 90 -3.47 -30.11 63.20
N TYR D 91 -2.19 -29.92 62.94
CA TYR D 91 -1.34 -30.96 62.35
C TYR D 91 -0.17 -31.30 63.28
N CYS D 92 0.54 -32.38 62.96
CA CYS D 92 1.71 -32.77 63.74
C CYS D 92 2.84 -33.19 62.80
N GLN D 93 4.06 -32.84 63.18
CA GLN D 93 5.23 -33.06 62.34
C GLN D 93 6.41 -33.59 63.15
N HIS D 94 7.16 -34.51 62.57
CA HIS D 94 8.37 -35.05 63.20
C HIS D 94 9.61 -34.57 62.47
N SER D 95 10.69 -34.38 63.20
CA SER D 95 11.97 -33.98 62.61
C SER D 95 13.04 -35.02 62.89
N TRP D 96 12.60 -36.26 63.13
CA TRP D 96 13.49 -37.39 63.34
C TRP D 96 14.36 -37.63 62.12
N GLU D 97 13.75 -38.11 61.05
CA GLU D 97 14.45 -38.42 59.81
C GLU D 97 13.75 -37.83 58.61
N ILE D 98 14.48 -37.02 57.85
CA ILE D 98 14.05 -36.57 56.53
C ILE D 98 13.49 -37.75 55.74
N PRO D 99 12.27 -37.63 55.20
CA PRO D 99 11.25 -36.56 55.17
C PRO D 99 10.59 -36.26 56.52
N TYR D 100 10.51 -34.97 56.85
CA TYR D 100 9.77 -34.52 58.03
C TYR D 100 8.29 -34.44 57.72
N THR D 101 7.61 -35.59 57.74
CA THR D 101 6.24 -35.71 57.28
C THR D 101 5.21 -35.08 58.22
N PHE D 102 4.00 -34.91 57.71
CA PHE D 102 2.90 -34.33 58.48
C PHE D 102 1.83 -35.36 58.77
N GLY D 103 1.07 -35.12 59.83
CA GLY D 103 -0.09 -35.94 60.14
C GLY D 103 -1.24 -35.63 59.18
N GLY D 104 -2.33 -36.37 59.32
CA GLY D 104 -3.48 -36.20 58.44
C GLY D 104 -4.29 -34.96 58.78
N GLY D 105 -4.08 -34.44 59.99
CA GLY D 105 -4.76 -33.24 60.43
C GLY D 105 -6.01 -33.55 61.23
N THR D 106 -6.34 -32.65 62.16
CA THR D 106 -7.56 -32.77 62.96
C THR D 106 -8.27 -31.43 63.04
N LYS D 107 -9.49 -31.38 62.52
CA LYS D 107 -10.28 -30.16 62.50
C LYS D 107 -11.10 -29.99 63.78
N LEU D 108 -10.89 -28.86 64.46
CA LEU D 108 -11.61 -28.56 65.69
C LEU D 108 -12.72 -27.54 65.45
N GLU D 109 -13.93 -27.88 65.88
CA GLU D 109 -15.08 -26.99 65.78
C GLU D 109 -15.69 -26.78 67.17
N ILE D 110 -16.28 -25.61 67.39
CA ILE D 110 -16.89 -25.30 68.68
C ILE D 110 -18.41 -25.51 68.65
N LYS D 111 -18.91 -26.20 69.67
CA LYS D 111 -20.34 -26.43 69.82
C LYS D 111 -21.00 -25.34 70.67
N ARG D 112 -21.83 -24.53 70.04
CA ARG D 112 -22.65 -23.53 70.74
C ARG D 112 -24.11 -23.92 70.69
N ALA D 113 -24.94 -23.21 71.45
CA ALA D 113 -26.39 -23.38 71.38
C ALA D 113 -26.86 -23.07 69.97
N ASP D 114 -27.92 -23.74 69.54
CA ASP D 114 -28.41 -23.60 68.17
C ASP D 114 -28.95 -22.20 67.89
N ALA D 115 -28.78 -21.75 66.66
CA ALA D 115 -29.24 -20.43 66.24
C ALA D 115 -30.06 -20.53 64.95
N ALA D 116 -30.96 -19.58 64.75
CA ALA D 116 -31.83 -19.56 63.57
C ALA D 116 -31.25 -18.65 62.49
N PRO D 117 -31.13 -19.16 61.24
CA PRO D 117 -30.54 -18.35 60.16
C PRO D 117 -31.33 -17.09 59.78
N THR D 118 -30.62 -15.97 59.63
CA THR D 118 -31.21 -14.73 59.14
C THR D 118 -31.38 -14.81 57.62
N VAL D 119 -32.54 -15.29 57.18
CA VAL D 119 -32.79 -15.51 55.76
C VAL D 119 -33.02 -14.20 55.00
N SER D 120 -32.46 -14.13 53.80
CA SER D 120 -32.65 -12.99 52.90
C SER D 120 -32.55 -13.44 51.45
N ILE D 121 -33.53 -13.03 50.64
CA ILE D 121 -33.55 -13.41 49.23
C ILE D 121 -33.42 -12.17 48.35
N PHE D 122 -32.83 -12.34 47.17
CA PHE D 122 -32.54 -11.21 46.27
C PHE D 122 -32.86 -11.51 44.82
N PRO D 123 -33.66 -10.64 44.17
CA PRO D 123 -33.88 -10.80 42.73
C PRO D 123 -32.65 -10.47 41.90
N PRO D 124 -32.62 -10.90 40.63
CA PRO D 124 -31.53 -10.54 39.72
C PRO D 124 -31.38 -9.04 39.60
N SER D 125 -30.15 -8.56 39.54
CA SER D 125 -29.89 -7.14 39.33
C SER D 125 -30.43 -6.70 37.98
N SER D 126 -30.73 -5.41 37.85
CA SER D 126 -31.16 -4.85 36.58
C SER D 126 -30.01 -4.91 35.59
N GLU D 127 -28.78 -4.84 36.12
CA GLU D 127 -27.59 -4.91 35.30
C GLU D 127 -27.42 -6.30 34.68
N GLN D 128 -27.65 -7.34 35.47
CA GLN D 128 -27.49 -8.71 34.99
C GLN D 128 -28.59 -9.05 33.99
N LEU D 129 -29.80 -8.60 34.27
CA LEU D 129 -30.93 -8.82 33.36
C LEU D 129 -30.65 -8.17 32.01
N THR D 130 -29.95 -7.04 32.04
CA THR D 130 -29.55 -6.34 30.83
C THR D 130 -28.61 -7.21 30.00
N SER D 131 -27.74 -7.96 30.68
CA SER D 131 -26.75 -8.79 30.01
C SER D 131 -27.33 -10.13 29.56
N GLY D 132 -28.60 -10.38 29.90
CA GLY D 132 -29.28 -11.58 29.47
C GLY D 132 -29.26 -12.70 30.49
N GLY D 133 -28.65 -12.43 31.64
CA GLY D 133 -28.57 -13.39 32.72
C GLY D 133 -29.57 -13.08 33.83
N ALA D 134 -29.84 -14.05 34.68
CA ALA D 134 -30.76 -13.85 35.80
C ALA D 134 -30.46 -14.82 36.95
N SER D 135 -29.65 -14.37 37.90
CA SER D 135 -29.32 -15.17 39.07
C SER D 135 -30.12 -14.71 40.28
N VAL D 136 -30.76 -15.67 40.95
CA VAL D 136 -31.50 -15.39 42.19
C VAL D 136 -30.69 -15.91 43.38
N VAL D 137 -30.32 -15.00 44.28
CA VAL D 137 -29.43 -15.32 45.40
C VAL D 137 -30.18 -15.35 46.73
N CYS D 138 -29.87 -16.35 47.54
CA CYS D 138 -30.50 -16.50 48.86
C CYS D 138 -29.44 -16.76 49.93
N PHE D 139 -29.38 -15.90 50.94
CA PHE D 139 -28.40 -16.02 52.02
C PHE D 139 -28.98 -16.61 53.30
N LEU D 140 -28.27 -17.57 53.87
CA LEU D 140 -28.61 -18.15 55.18
C LEU D 140 -27.46 -17.88 56.15
N ASN D 141 -27.60 -16.84 56.97
CA ASN D 141 -26.48 -16.35 57.79
C ASN D 141 -26.60 -16.65 59.28
N ASN D 142 -25.45 -16.99 59.88
CA ASN D 142 -25.30 -17.09 61.34
C ASN D 142 -26.20 -18.15 61.97
N PHE D 143 -26.10 -19.38 61.49
CA PHE D 143 -26.84 -20.50 62.03
C PHE D 143 -25.92 -21.55 62.65
N TYR D 144 -26.49 -22.44 63.43
CA TYR D 144 -25.75 -23.58 63.99
C TYR D 144 -26.73 -24.64 64.48
N PRO D 145 -26.41 -25.94 64.28
CA PRO D 145 -25.22 -26.51 63.62
C PRO D 145 -25.22 -26.30 62.11
N LYS D 146 -24.13 -26.68 61.46
CA LYS D 146 -23.95 -26.48 60.03
C LYS D 146 -24.96 -27.29 59.21
N ASP D 147 -25.53 -28.32 59.81
CA ASP D 147 -26.51 -29.17 59.14
C ASP D 147 -27.76 -28.37 58.79
N ILE D 148 -27.91 -28.07 57.50
CA ILE D 148 -29.03 -27.29 57.01
C ILE D 148 -29.37 -27.68 55.57
N ASN D 149 -30.64 -27.56 55.21
CA ASN D 149 -31.08 -27.84 53.85
C ASN D 149 -31.87 -26.68 53.27
N VAL D 150 -31.56 -26.35 52.02
CA VAL D 150 -32.22 -25.24 51.33
C VAL D 150 -33.01 -25.78 50.14
N LYS D 151 -34.21 -25.23 49.94
CA LYS D 151 -35.09 -25.67 48.86
C LYS D 151 -35.59 -24.48 48.05
N TRP D 152 -35.55 -24.61 46.72
CA TRP D 152 -36.06 -23.59 45.82
C TRP D 152 -37.41 -24.02 45.26
N LYS D 153 -38.32 -23.06 45.10
CA LYS D 153 -39.63 -23.32 44.51
C LYS D 153 -40.01 -22.24 43.50
N ILE D 154 -39.97 -22.59 42.22
CA ILE D 154 -40.41 -21.70 41.15
C ILE D 154 -41.88 -21.93 40.86
N ASP D 155 -42.72 -20.96 41.23
CA ASP D 155 -44.16 -21.09 41.12
C ASP D 155 -44.65 -22.37 41.79
N GLY D 156 -44.35 -22.49 43.08
CA GLY D 156 -44.80 -23.62 43.89
C GLY D 156 -44.25 -24.98 43.47
N SER D 157 -43.37 -25.00 42.48
CA SER D 157 -42.76 -26.24 42.01
C SER D 157 -41.28 -26.28 42.37
N GLU D 158 -40.85 -27.39 42.98
CA GLU D 158 -39.47 -27.52 43.44
C GLU D 158 -38.48 -27.58 42.27
N ARG D 159 -37.46 -26.73 42.34
CA ARG D 159 -36.44 -26.64 41.30
C ARG D 159 -35.08 -27.05 41.84
N GLN D 160 -34.47 -28.04 41.21
CA GLN D 160 -33.20 -28.60 41.68
C GLN D 160 -32.04 -28.23 40.76
N ASN D 161 -32.31 -28.11 39.46
CA ASN D 161 -31.29 -27.81 38.48
C ASN D 161 -30.89 -26.33 38.49
N GLY D 162 -29.60 -26.08 38.34
CA GLY D 162 -29.08 -24.72 38.27
C GLY D 162 -28.84 -24.11 39.63
N VAL D 163 -28.87 -24.92 40.68
CA VAL D 163 -28.63 -24.46 42.04
C VAL D 163 -27.22 -24.80 42.48
N LEU D 164 -26.46 -23.77 42.85
CA LEU D 164 -25.10 -23.93 43.34
C LEU D 164 -24.96 -23.34 44.75
N ASN D 165 -24.46 -24.16 45.67
CA ASN D 165 -24.35 -23.79 47.08
C ASN D 165 -22.90 -23.60 47.53
N SER D 166 -22.70 -22.69 48.48
CA SER D 166 -21.38 -22.45 49.07
C SER D 166 -21.52 -22.15 50.56
N TRP D 167 -20.54 -22.61 51.35
CA TRP D 167 -20.56 -22.38 52.80
C TRP D 167 -19.27 -21.72 53.26
N THR D 168 -19.39 -20.78 54.19
CA THR D 168 -18.24 -20.20 54.87
C THR D 168 -17.74 -21.15 55.95
N ASP D 169 -16.46 -21.03 56.32
CA ASP D 169 -15.91 -21.76 57.45
C ASP D 169 -16.51 -21.20 58.75
N GLN D 170 -16.37 -21.95 59.84
CA GLN D 170 -16.87 -21.49 61.13
C GLN D 170 -16.24 -20.15 61.51
N ASP D 171 -17.08 -19.21 61.91
CA ASP D 171 -16.61 -17.89 62.30
C ASP D 171 -15.79 -17.99 63.59
N SER D 172 -14.78 -17.13 63.71
CA SER D 172 -13.87 -17.18 64.85
C SER D 172 -14.43 -16.42 66.05
N LYS D 173 -15.36 -15.50 65.79
CA LYS D 173 -15.95 -14.68 66.85
C LYS D 173 -17.13 -15.38 67.52
N ASP D 174 -18.22 -15.55 66.78
CA ASP D 174 -19.47 -16.07 67.35
C ASP D 174 -19.65 -17.58 67.15
N SER D 175 -18.82 -18.18 66.29
CA SER D 175 -18.77 -19.63 66.10
C SER D 175 -19.93 -20.15 65.24
N THR D 176 -20.57 -19.27 64.48
CA THR D 176 -21.69 -19.67 63.61
C THR D 176 -21.22 -19.99 62.20
N TYR D 177 -22.12 -20.56 61.40
CA TYR D 177 -21.86 -20.86 59.99
C TYR D 177 -22.78 -20.04 59.09
N SER D 178 -22.47 -20.00 57.80
CA SER D 178 -23.33 -19.33 56.83
C SER D 178 -23.39 -20.09 55.51
N MET D 179 -24.39 -19.79 54.69
CA MET D 179 -24.61 -20.50 53.43
C MET D 179 -25.19 -19.58 52.36
N SER D 180 -24.62 -19.68 51.17
CA SER D 180 -25.16 -19.01 49.98
C SER D 180 -25.73 -20.03 49.02
N SER D 181 -26.93 -19.76 48.51
CA SER D 181 -27.56 -20.60 47.50
C SER D 181 -27.94 -19.75 46.29
N THR D 182 -27.40 -20.10 45.13
CA THR D 182 -27.56 -19.30 43.92
C THR D 182 -28.25 -20.08 42.80
N LEU D 183 -29.40 -19.58 42.38
CA LEU D 183 -30.17 -20.18 41.30
C LEU D 183 -29.99 -19.36 40.01
N THR D 184 -29.26 -19.92 39.05
CA THR D 184 -28.93 -19.22 37.82
C THR D 184 -29.87 -19.64 36.68
N LEU D 185 -30.59 -18.65 36.13
CA LEU D 185 -31.47 -18.86 35.00
C LEU D 185 -31.11 -17.90 33.86
N THR D 186 -31.72 -18.12 32.70
CA THR D 186 -31.69 -17.13 31.63
C THR D 186 -32.81 -16.13 31.89
N LYS D 187 -32.65 -14.92 31.38
CA LYS D 187 -33.69 -13.89 31.53
C LYS D 187 -35.02 -14.42 31.03
N ASP D 188 -34.97 -15.18 29.94
CA ASP D 188 -36.16 -15.77 29.35
C ASP D 188 -36.89 -16.68 30.34
N GLU D 189 -36.15 -17.61 30.95
CA GLU D 189 -36.71 -18.50 31.96
C GLU D 189 -37.24 -17.69 33.15
N TYR D 190 -36.47 -16.70 33.56
CA TYR D 190 -36.81 -15.88 34.72
C TYR D 190 -38.16 -15.20 34.58
N GLU D 191 -38.40 -14.59 33.41
CA GLU D 191 -39.61 -13.80 33.21
C GLU D 191 -40.81 -14.63 32.76
N ARG D 192 -40.63 -15.93 32.62
CA ARG D 192 -41.74 -16.83 32.31
C ARG D 192 -42.47 -17.25 33.60
N HIS D 193 -41.93 -16.83 34.74
CA HIS D 193 -42.49 -17.21 36.04
C HIS D 193 -42.60 -15.98 36.95
N ASN D 194 -43.42 -16.09 37.98
CA ASN D 194 -43.73 -14.96 38.85
C ASN D 194 -43.16 -15.09 40.26
N SER D 195 -43.55 -16.15 40.97
CA SER D 195 -43.21 -16.29 42.38
C SER D 195 -41.96 -17.13 42.57
N TYR D 196 -41.00 -16.55 43.31
CA TYR D 196 -39.74 -17.22 43.63
C TYR D 196 -39.58 -17.34 45.14
N THR D 197 -39.30 -18.56 45.60
CA THR D 197 -39.26 -18.84 47.03
C THR D 197 -37.97 -19.54 47.43
N CYS D 198 -37.42 -19.14 48.58
CA CYS D 198 -36.26 -19.80 49.17
C CYS D 198 -36.61 -20.28 50.57
N GLU D 199 -36.54 -21.60 50.77
CA GLU D 199 -36.95 -22.21 52.04
C GLU D 199 -35.79 -22.90 52.74
N ALA D 200 -35.57 -22.53 53.99
CA ALA D 200 -34.53 -23.14 54.81
C ALA D 200 -35.13 -24.09 55.84
N THR D 201 -34.67 -25.33 55.82
CA THR D 201 -35.13 -26.35 56.76
C THR D 201 -33.95 -27.14 57.34
N HIS D 202 -34.00 -27.40 58.64
CA HIS D 202 -32.96 -28.18 59.31
C HIS D 202 -33.40 -29.62 59.45
N LYS D 203 -32.51 -30.45 60.00
CA LYS D 203 -32.91 -31.74 60.53
C LYS D 203 -33.43 -31.53 61.95
N THR D 204 -32.72 -30.68 62.69
CA THR D 204 -33.06 -30.36 64.07
C THR D 204 -34.02 -29.18 64.17
N SER D 205 -35.06 -29.19 63.34
CA SER D 205 -36.05 -28.12 63.36
C SER D 205 -37.31 -28.54 62.60
N THR D 206 -38.46 -28.04 63.07
CA THR D 206 -39.75 -28.35 62.45
C THR D 206 -40.23 -27.21 61.57
N SER D 207 -39.82 -25.99 61.91
CA SER D 207 -40.29 -24.78 61.23
C SER D 207 -39.46 -24.44 59.99
N PRO D 208 -40.06 -24.52 58.79
CA PRO D 208 -39.32 -24.07 57.60
C PRO D 208 -39.29 -22.55 57.50
N ILE D 209 -38.09 -21.98 57.41
CA ILE D 209 -37.95 -20.53 57.32
C ILE D 209 -37.96 -20.10 55.86
N VAL D 210 -38.98 -19.31 55.49
CA VAL D 210 -39.24 -18.99 54.09
C VAL D 210 -39.08 -17.50 53.80
N LYS D 211 -38.57 -17.20 52.61
CA LYS D 211 -38.52 -15.84 52.08
C LYS D 211 -38.88 -15.86 50.60
N SER D 212 -39.78 -14.97 50.19
CA SER D 212 -40.27 -14.95 48.82
C SER D 212 -40.41 -13.53 48.26
N PHE D 213 -40.49 -13.44 46.94
CA PHE D 213 -40.82 -12.20 46.26
C PHE D 213 -41.59 -12.52 44.97
N ASN D 214 -42.58 -11.70 44.65
CA ASN D 214 -43.28 -11.81 43.38
C ASN D 214 -42.56 -10.98 42.33
N ARG D 215 -42.36 -11.56 41.14
CA ARG D 215 -41.65 -10.86 40.08
C ARG D 215 -42.50 -9.71 39.54
N ASN D 216 -43.80 -9.94 39.46
CA ASN D 216 -44.74 -8.93 38.99
C ASN D 216 -44.89 -7.78 39.98
N GLU D 217 -44.63 -8.08 41.25
CA GLU D 217 -44.73 -7.10 42.32
C GLU D 217 -43.68 -6.00 42.17
N CYS D 218 -42.61 -6.31 41.43
CA CYS D 218 -41.53 -5.37 41.17
C CYS D 218 -40.68 -5.13 42.42
N GLN E 1 15.22 -10.59 64.21
CA GLN E 1 14.00 -11.01 63.53
C GLN E 1 14.26 -11.19 62.04
N VAL E 2 14.34 -12.45 61.60
CA VAL E 2 14.48 -12.77 60.19
C VAL E 2 13.10 -12.79 59.52
N LYS E 3 13.07 -13.16 58.25
CA LYS E 3 11.83 -13.29 57.49
C LYS E 3 12.10 -13.86 56.11
N LEU E 4 11.19 -14.72 55.65
CA LEU E 4 11.30 -15.31 54.32
C LEU E 4 10.26 -14.70 53.39
N GLN E 5 10.72 -14.21 52.23
CA GLN E 5 9.85 -13.56 51.26
C GLN E 5 9.83 -14.34 49.96
N GLN E 6 8.65 -14.81 49.57
CA GLN E 6 8.49 -15.59 48.35
C GLN E 6 7.95 -14.74 47.21
N SER E 7 7.77 -15.36 46.05
CA SER E 7 7.24 -14.66 44.88
C SER E 7 5.73 -14.59 44.92
N GLY E 8 5.16 -13.69 44.13
CA GLY E 8 3.72 -13.52 44.07
C GLY E 8 3.04 -14.73 43.47
N PRO E 9 1.69 -14.69 43.39
CA PRO E 9 0.96 -15.84 42.85
C PRO E 9 1.15 -15.97 41.34
N GLU E 10 0.93 -17.16 40.81
CA GLU E 10 1.23 -17.46 39.40
C GLU E 10 0.08 -18.18 38.71
N LEU E 11 -0.10 -17.87 37.43
CA LEU E 11 -1.07 -18.55 36.58
C LEU E 11 -0.37 -19.18 35.39
N LYS E 12 -0.47 -20.50 35.29
CA LYS E 12 0.20 -21.24 34.23
C LYS E 12 -0.73 -22.30 33.64
N LYS E 13 -0.58 -22.56 32.35
CA LYS E 13 -1.36 -23.59 31.68
C LYS E 13 -0.72 -24.96 31.91
N PRO E 14 -1.48 -26.04 31.67
CA PRO E 14 -0.91 -27.38 31.87
C PRO E 14 0.24 -27.69 30.92
N GLY E 15 1.40 -28.06 31.48
CA GLY E 15 2.56 -28.41 30.69
C GLY E 15 3.59 -27.29 30.61
N GLU E 16 3.32 -26.19 31.31
CA GLU E 16 4.25 -25.06 31.34
C GLU E 16 5.21 -25.19 32.51
N THR E 17 6.15 -24.28 32.59
CA THR E 17 7.13 -24.25 33.68
C THR E 17 6.89 -23.04 34.57
N VAL E 18 7.17 -23.19 35.86
CA VAL E 18 7.07 -22.09 36.81
C VAL E 18 8.20 -22.19 37.82
N LYS E 19 8.80 -21.04 38.13
CA LYS E 19 9.90 -20.97 39.09
C LYS E 19 9.57 -19.99 40.20
N ILE E 20 9.22 -20.51 41.37
CA ILE E 20 8.91 -19.68 42.52
C ILE E 20 10.16 -19.48 43.37
N SER E 21 10.37 -18.24 43.81
CA SER E 21 11.59 -17.88 44.53
C SER E 21 11.31 -17.73 46.03
N CYS E 22 12.37 -17.84 46.82
CA CYS E 22 12.31 -17.64 48.26
C CYS E 22 13.61 -17.03 48.76
N LYS E 23 13.52 -15.84 49.34
CA LYS E 23 14.70 -15.11 49.81
C LYS E 23 14.68 -14.91 51.31
N ALA E 24 15.79 -15.24 51.96
CA ALA E 24 15.95 -15.06 53.39
C ALA E 24 16.75 -13.80 53.69
N SER E 25 16.20 -12.94 54.54
CA SER E 25 16.88 -11.72 54.95
C SER E 25 16.75 -11.52 56.45
N GLY E 26 17.87 -11.71 57.16
CA GLY E 26 17.88 -11.58 58.60
C GLY E 26 18.97 -12.42 59.23
N TYR E 27 19.31 -13.54 58.59
CA TYR E 27 20.37 -14.43 59.06
C TYR E 27 21.35 -14.73 57.93
N THR E 28 22.35 -15.57 58.21
CA THR E 28 23.29 -15.97 57.19
C THR E 28 22.72 -17.16 56.42
N PHE E 29 22.35 -16.90 55.17
CA PHE E 29 21.63 -17.85 54.33
C PHE E 29 22.25 -19.26 54.33
N THR E 30 23.57 -19.32 54.34
CA THR E 30 24.27 -20.58 54.15
C THR E 30 24.50 -21.37 55.45
N ASP E 31 23.87 -20.92 56.54
CA ASP E 31 24.05 -21.57 57.84
C ASP E 31 22.78 -22.28 58.28
N TYR E 32 21.86 -22.46 57.35
CA TYR E 32 20.57 -23.08 57.66
C TYR E 32 19.97 -23.73 56.42
N SER E 33 19.64 -25.02 56.51
CA SER E 33 18.94 -25.71 55.44
C SER E 33 17.57 -25.08 55.21
N MET E 34 17.08 -25.20 53.98
CA MET E 34 15.79 -24.65 53.60
C MET E 34 14.87 -25.76 53.12
N HIS E 35 13.66 -25.79 53.67
CA HIS E 35 12.69 -26.82 53.34
C HIS E 35 11.50 -26.23 52.61
N TRP E 36 10.91 -27.01 51.70
CA TRP E 36 9.74 -26.60 50.96
C TRP E 36 8.57 -27.49 51.33
N VAL E 37 7.39 -26.89 51.48
CA VAL E 37 6.18 -27.63 51.82
C VAL E 37 5.01 -27.25 50.90
N LYS E 38 4.25 -28.27 50.48
CA LYS E 38 3.08 -28.06 49.63
C LYS E 38 1.79 -28.33 50.38
N GLN E 39 0.78 -27.50 50.12
CA GLN E 39 -0.56 -27.74 50.63
C GLN E 39 -1.60 -27.56 49.54
N ALA E 40 -2.07 -28.67 48.99
CA ALA E 40 -3.10 -28.63 47.96
C ALA E 40 -4.40 -28.12 48.58
N PRO E 41 -5.28 -27.53 47.75
CA PRO E 41 -6.54 -26.94 48.23
C PRO E 41 -7.36 -27.90 49.09
N GLY E 42 -7.78 -27.44 50.27
CA GLY E 42 -8.63 -28.22 51.14
C GLY E 42 -7.97 -29.42 51.79
N LYS E 43 -6.70 -29.65 51.46
CA LYS E 43 -5.96 -30.77 52.01
C LYS E 43 -5.00 -30.30 53.09
N GLY E 44 -4.26 -31.23 53.68
CA GLY E 44 -3.31 -30.91 54.72
C GLY E 44 -1.95 -30.61 54.16
N LEU E 45 -0.99 -30.41 55.06
CA LEU E 45 0.39 -30.15 54.66
C LEU E 45 1.03 -31.43 54.15
N LYS E 46 2.14 -31.28 53.44
CA LYS E 46 2.92 -32.42 53.01
C LYS E 46 4.34 -31.99 52.70
N TRP E 47 5.30 -32.62 53.37
CA TRP E 47 6.69 -32.27 53.21
C TRP E 47 7.14 -32.58 51.78
N LEU E 48 7.99 -31.72 51.23
CA LEU E 48 8.36 -31.80 49.82
C LEU E 48 9.85 -32.07 49.62
N GLY E 49 10.69 -31.31 50.32
CA GLY E 49 12.13 -31.46 50.17
C GLY E 49 12.93 -30.44 50.95
N ARG E 50 14.13 -30.83 51.38
CA ARG E 50 15.08 -29.91 51.98
C ARG E 50 16.23 -29.68 51.03
N ILE E 51 16.73 -28.45 50.98
CA ILE E 51 17.92 -28.14 50.20
C ILE E 51 19.02 -27.61 51.11
N ASN E 52 20.22 -28.12 50.93
CA ASN E 52 21.38 -27.69 51.70
C ASN E 52 21.90 -26.36 51.16
N THR E 53 21.76 -25.31 51.97
CA THR E 53 22.11 -23.96 51.53
C THR E 53 23.62 -23.72 51.46
N GLU E 54 24.41 -24.75 51.70
CA GLU E 54 25.87 -24.65 51.65
C GLU E 54 26.41 -25.39 50.44
N THR E 55 25.89 -26.60 50.20
CA THR E 55 26.43 -27.48 49.18
C THR E 55 25.62 -27.43 47.88
N GLY E 56 24.35 -27.08 48.00
CA GLY E 56 23.45 -27.07 46.85
C GLY E 56 22.62 -28.35 46.82
N GLU E 57 23.16 -29.40 47.41
CA GLU E 57 22.48 -30.68 47.50
C GLU E 57 21.10 -30.56 48.14
N ALA E 58 20.12 -31.20 47.52
CA ALA E 58 18.75 -31.21 48.04
C ALA E 58 18.11 -32.57 47.85
N LYS E 59 17.25 -32.95 48.78
CA LYS E 59 16.53 -34.22 48.70
C LYS E 59 15.02 -33.99 48.79
N TYR E 60 14.30 -34.53 47.81
CA TYR E 60 12.85 -34.31 47.72
C TYR E 60 12.10 -35.60 47.38
N VAL E 61 10.78 -35.55 47.52
CA VAL E 61 9.94 -36.73 47.34
C VAL E 61 8.84 -36.49 46.31
N ASP E 62 9.25 -36.19 45.08
CA ASP E 62 8.32 -35.97 43.98
C ASP E 62 8.20 -37.21 43.10
N ASP E 63 6.97 -37.52 42.70
CA ASP E 63 6.74 -38.60 41.74
C ASP E 63 7.31 -38.18 40.39
N PHE E 64 7.75 -39.15 39.60
CA PHE E 64 8.28 -38.92 38.26
C PHE E 64 9.60 -38.14 38.33
N MET E 65 10.53 -38.44 37.43
CA MET E 65 11.81 -37.73 37.44
C MET E 65 11.59 -36.30 36.98
N GLY E 66 12.60 -35.46 37.22
CA GLY E 66 12.51 -34.04 36.93
C GLY E 66 11.30 -33.48 37.65
N HIS E 67 10.56 -32.60 36.99
CA HIS E 67 9.34 -32.04 37.54
C HIS E 67 9.58 -31.20 38.82
N LEU E 68 10.50 -31.65 39.67
CA LEU E 68 10.87 -30.95 40.88
C LEU E 68 12.38 -30.70 40.93
N ALA E 69 12.78 -29.46 40.69
CA ALA E 69 14.20 -29.09 40.69
C ALA E 69 14.46 -27.91 41.62
N PHE E 70 15.11 -28.18 42.74
CA PHE E 70 15.52 -27.15 43.68
C PHE E 70 16.89 -26.59 43.31
N SER E 71 17.06 -25.28 43.45
CA SER E 71 18.33 -24.63 43.14
C SER E 71 18.59 -23.46 44.08
N LEU E 72 19.77 -22.86 43.96
CA LEU E 72 20.19 -21.77 44.84
C LEU E 72 20.74 -20.57 44.09
N GLU E 73 20.82 -19.45 44.80
CA GLU E 73 21.62 -18.31 44.38
C GLU E 73 22.19 -17.64 45.62
N THR E 74 23.15 -18.31 46.25
CA THR E 74 23.79 -17.84 47.47
C THR E 74 24.19 -16.37 47.38
N SER E 75 24.60 -15.94 46.18
CA SER E 75 25.04 -14.57 45.96
C SER E 75 23.95 -13.54 46.30
N ALA E 76 22.72 -14.01 46.47
CA ALA E 76 21.61 -13.13 46.83
C ALA E 76 20.67 -13.80 47.82
N SER E 77 21.24 -14.67 48.67
CA SER E 77 20.51 -15.38 49.72
C SER E 77 19.10 -15.82 49.30
N THR E 78 19.00 -16.55 48.20
CA THR E 78 17.71 -16.93 47.64
C THR E 78 17.68 -18.40 47.23
N ALA E 79 16.67 -19.13 47.71
CA ALA E 79 16.45 -20.51 47.34
C ALA E 79 15.28 -20.61 46.37
N TYR E 80 15.42 -21.46 45.34
CA TYR E 80 14.41 -21.58 44.30
C TYR E 80 13.79 -22.97 44.23
N LEU E 81 12.53 -23.01 43.83
CA LEU E 81 11.82 -24.24 43.53
C LEU E 81 11.18 -24.14 42.14
N GLN E 82 11.58 -25.05 41.25
CA GLN E 82 11.12 -25.06 39.87
C GLN E 82 10.23 -26.27 39.58
N ILE E 83 9.05 -26.02 39.03
CA ILE E 83 8.14 -27.09 38.62
C ILE E 83 8.01 -27.09 37.11
N ASN E 84 8.42 -28.19 36.48
CA ASN E 84 8.65 -28.23 35.03
C ASN E 84 7.45 -28.67 34.20
N ASN E 85 6.81 -29.76 34.60
CA ASN E 85 5.69 -30.33 33.85
C ASN E 85 4.40 -30.24 34.65
N LEU E 86 3.80 -29.06 34.64
CA LEU E 86 2.66 -28.76 35.52
C LEU E 86 1.43 -29.58 35.21
N LYS E 87 0.58 -29.74 36.23
CA LYS E 87 -0.64 -30.54 36.13
C LYS E 87 -1.70 -29.93 37.05
N ASN E 88 -2.93 -30.42 36.92
CA ASN E 88 -4.02 -29.91 37.75
C ASN E 88 -3.85 -30.32 39.21
N GLU E 89 -3.04 -31.35 39.44
CA GLU E 89 -2.72 -31.80 40.79
C GLU E 89 -1.79 -30.83 41.49
N ASP E 90 -0.87 -30.24 40.72
CA ASP E 90 0.15 -29.35 41.27
C ASP E 90 -0.42 -28.06 41.81
N THR E 91 -1.64 -27.70 41.37
CA THR E 91 -2.32 -26.51 41.89
C THR E 91 -2.39 -26.58 43.41
N ALA E 92 -1.61 -25.72 44.06
CA ALA E 92 -1.53 -25.72 45.52
C ALA E 92 -0.87 -24.46 46.04
N THR E 93 -0.71 -24.39 47.36
CA THR E 93 0.04 -23.32 48.01
C THR E 93 1.40 -23.85 48.49
N TYR E 94 2.47 -23.16 48.11
CA TYR E 94 3.83 -23.61 48.43
C TYR E 94 4.52 -22.69 49.43
N PHE E 95 5.11 -23.30 50.45
CA PHE E 95 5.81 -22.57 51.51
C PHE E 95 7.26 -23.03 51.59
N CYS E 96 8.17 -22.07 51.75
CA CYS E 96 9.55 -22.38 52.09
C CYS E 96 9.77 -22.04 53.56
N ALA E 97 10.72 -22.71 54.20
CA ALA E 97 10.96 -22.48 55.62
C ALA E 97 12.35 -22.91 56.06
N ARG E 98 12.85 -22.23 57.08
CA ARG E 98 14.16 -22.51 57.67
C ARG E 98 14.01 -23.56 58.76
N TYR E 99 15.05 -24.36 58.96
CA TYR E 99 15.08 -25.33 60.04
C TYR E 99 16.30 -25.13 60.93
N ASP E 100 16.07 -24.67 62.15
CA ASP E 100 17.14 -24.34 63.08
C ASP E 100 17.97 -25.58 63.43
N GLY E 101 19.13 -25.70 62.80
CA GLY E 101 20.04 -26.79 63.08
C GLY E 101 20.95 -26.50 64.25
N TYR E 102 21.03 -25.23 64.64
CA TYR E 102 21.91 -24.81 65.72
C TYR E 102 21.26 -24.97 67.10
N SER E 103 19.96 -24.68 67.18
CA SER E 103 19.28 -24.61 68.47
C SER E 103 17.96 -25.39 68.48
N TRP E 104 17.30 -25.41 69.63
CA TRP E 104 16.13 -26.24 69.82
C TRP E 104 14.84 -25.56 69.38
N ASP E 105 14.97 -24.69 68.38
CA ASP E 105 13.81 -24.24 67.62
C ASP E 105 13.62 -25.20 66.47
N ALA E 106 12.48 -25.11 65.79
CA ALA E 106 12.18 -26.00 64.68
C ALA E 106 11.97 -25.18 63.43
N MET E 107 10.99 -25.55 62.60
CA MET E 107 10.58 -24.71 61.50
C MET E 107 10.16 -23.36 62.06
N ASP E 108 11.14 -22.58 62.47
CA ASP E 108 10.88 -21.36 63.26
C ASP E 108 10.44 -20.19 62.40
N TYR E 109 10.81 -20.19 61.13
CA TYR E 109 10.44 -19.10 60.22
C TYR E 109 9.97 -19.64 58.88
N TRP E 110 8.77 -19.23 58.48
CA TRP E 110 8.14 -19.71 57.25
C TRP E 110 8.01 -18.58 56.23
N GLY E 111 7.58 -18.94 55.02
CA GLY E 111 7.35 -17.97 53.97
C GLY E 111 5.91 -17.50 53.91
N GLN E 112 5.67 -16.43 53.15
CA GLN E 112 4.35 -15.86 52.94
C GLN E 112 3.35 -16.88 52.39
N GLY E 113 3.82 -17.69 51.45
CA GLY E 113 2.97 -18.65 50.74
C GLY E 113 2.67 -18.22 49.32
N THR E 114 3.17 -18.99 48.36
CA THR E 114 2.92 -18.75 46.95
C THR E 114 1.76 -19.60 46.47
N SER E 115 0.92 -19.03 45.61
CA SER E 115 -0.29 -19.71 45.14
C SER E 115 -0.22 -20.05 43.66
N VAL E 116 0.26 -21.25 43.35
CA VAL E 116 0.33 -21.72 41.97
C VAL E 116 -1.04 -22.26 41.52
N ILE E 117 -1.55 -21.73 40.41
CA ILE E 117 -2.80 -22.19 39.83
C ILE E 117 -2.59 -22.73 38.43
N VAL E 118 -2.80 -24.04 38.27
CA VAL E 118 -2.65 -24.70 36.97
C VAL E 118 -4.01 -25.08 36.40
N SER E 119 -4.35 -24.51 35.25
CA SER E 119 -5.60 -24.82 34.56
C SER E 119 -5.55 -24.31 33.12
N SER E 120 -6.37 -24.91 32.26
CA SER E 120 -6.37 -24.57 30.84
C SER E 120 -7.22 -23.36 30.53
N ALA E 121 -8.11 -23.01 31.46
CA ALA E 121 -9.02 -21.88 31.26
C ALA E 121 -8.24 -20.57 31.13
N LYS E 122 -8.72 -19.69 30.27
CA LYS E 122 -8.07 -18.40 30.04
C LYS E 122 -8.52 -17.39 31.08
N THR E 123 -7.68 -16.39 31.35
CA THR E 123 -8.00 -15.34 32.30
C THR E 123 -9.26 -14.58 31.88
N THR E 124 -10.22 -14.49 32.80
CA THR E 124 -11.48 -13.81 32.53
C THR E 124 -11.85 -12.89 33.69
N PRO E 125 -12.15 -11.62 33.41
CA PRO E 125 -12.56 -10.71 34.50
C PRO E 125 -13.99 -10.98 34.95
N PRO E 126 -14.33 -10.61 36.20
CA PRO E 126 -15.67 -10.88 36.73
C PRO E 126 -16.73 -9.86 36.31
N SER E 127 -17.99 -10.27 36.40
CA SER E 127 -19.11 -9.35 36.29
C SER E 127 -19.65 -9.09 37.69
N VAL E 128 -19.81 -7.82 38.03
CA VAL E 128 -20.23 -7.43 39.38
C VAL E 128 -21.67 -6.93 39.38
N TYR E 129 -22.55 -7.73 39.98
CA TYR E 129 -23.97 -7.43 40.03
C TYR E 129 -24.40 -7.08 41.46
N PRO E 130 -25.05 -5.93 41.66
CA PRO E 130 -25.50 -5.57 43.01
C PRO E 130 -26.77 -6.30 43.42
N LEU E 131 -26.85 -6.69 44.69
CA LEU E 131 -28.02 -7.38 45.22
C LEU E 131 -28.77 -6.49 46.21
N ALA E 132 -29.93 -6.00 45.81
CA ALA E 132 -30.76 -5.13 46.65
C ALA E 132 -32.15 -5.73 46.86
N PRO E 133 -32.76 -5.51 48.03
CA PRO E 133 -34.12 -6.00 48.26
C PRO E 133 -35.13 -5.46 47.25
N GLY E 134 -35.82 -6.35 46.54
CA GLY E 134 -36.81 -5.96 45.56
C GLY E 134 -37.92 -5.10 46.14
N SER E 135 -38.71 -5.70 47.03
CA SER E 135 -39.75 -4.97 47.74
C SER E 135 -40.22 -5.76 48.96
N ALA E 136 -39.35 -6.63 49.46
CA ALA E 136 -39.65 -7.42 50.66
C ALA E 136 -39.82 -6.48 51.85
N ALA E 137 -40.62 -6.91 52.82
CA ALA E 137 -40.84 -6.15 54.04
C ALA E 137 -39.50 -5.72 54.67
N GLN E 138 -39.51 -4.56 55.32
CA GLN E 138 -38.31 -4.04 55.96
C GLN E 138 -37.79 -4.97 57.07
N THR E 139 -38.65 -5.89 57.51
CA THR E 139 -38.31 -6.84 58.56
C THR E 139 -37.93 -6.11 59.85
N ASN E 140 -37.11 -6.75 60.69
CA ASN E 140 -36.67 -6.18 61.95
C ASN E 140 -36.11 -4.76 61.83
N SER E 141 -34.85 -4.66 61.44
CA SER E 141 -34.19 -3.38 61.28
C SER E 141 -32.89 -3.52 60.49
N MET E 142 -32.29 -4.69 60.54
CA MET E 142 -31.03 -4.92 59.84
C MET E 142 -31.29 -5.40 58.41
N VAL E 143 -31.16 -4.48 57.45
CA VAL E 143 -31.34 -4.83 56.04
C VAL E 143 -30.10 -5.55 55.53
N THR E 144 -30.31 -6.53 54.66
CA THR E 144 -29.24 -7.30 54.06
C THR E 144 -29.04 -6.90 52.62
N LEU E 145 -27.82 -6.48 52.28
CA LEU E 145 -27.44 -6.19 50.90
C LEU E 145 -26.43 -7.24 50.48
N GLY E 146 -26.11 -7.30 49.19
CA GLY E 146 -25.14 -8.27 48.71
C GLY E 146 -24.47 -7.90 47.40
N CYS E 147 -23.58 -8.78 46.96
CA CYS E 147 -22.87 -8.61 45.71
C CYS E 147 -22.61 -9.98 45.06
N LEU E 148 -22.98 -10.12 43.80
CA LEU E 148 -22.73 -11.36 43.07
C LEU E 148 -21.61 -11.16 42.05
N VAL E 149 -20.51 -11.87 42.25
CA VAL E 149 -19.35 -11.80 41.37
C VAL E 149 -19.29 -13.05 40.50
N LYS E 150 -19.73 -12.92 39.26
CA LYS E 150 -19.95 -14.08 38.39
C LYS E 150 -18.97 -14.16 37.23
N GLY E 151 -18.62 -15.38 36.85
CA GLY E 151 -17.90 -15.65 35.62
C GLY E 151 -16.51 -15.06 35.52
N TYR E 152 -15.62 -15.42 36.45
CA TYR E 152 -14.22 -15.01 36.37
C TYR E 152 -13.27 -16.18 36.50
N PHE E 153 -12.02 -15.95 36.13
CA PHE E 153 -10.97 -16.94 36.27
C PHE E 153 -9.62 -16.26 36.09
N PRO E 154 -8.61 -16.66 36.87
CA PRO E 154 -8.59 -17.64 37.96
C PRO E 154 -8.90 -17.00 39.31
N GLU E 155 -8.73 -17.78 40.38
CA GLU E 155 -8.77 -17.23 41.72
C GLU E 155 -7.50 -16.40 41.93
N PRO E 156 -7.51 -15.48 42.92
CA PRO E 156 -8.59 -15.20 43.85
C PRO E 156 -9.38 -13.94 43.51
N VAL E 157 -10.48 -13.74 44.23
CA VAL E 157 -11.22 -12.48 44.22
C VAL E 157 -11.47 -12.07 45.66
N THR E 158 -11.30 -10.78 45.94
CA THR E 158 -11.48 -10.25 47.29
C THR E 158 -12.62 -9.24 47.31
N VAL E 159 -13.39 -9.25 48.39
CA VAL E 159 -14.52 -8.34 48.54
C VAL E 159 -14.46 -7.60 49.87
N THR E 160 -14.62 -6.27 49.80
CA THR E 160 -14.75 -5.43 50.98
C THR E 160 -15.94 -4.51 50.80
N TRP E 161 -16.41 -3.93 51.91
CA TRP E 161 -17.53 -3.00 51.88
C TRP E 161 -17.10 -1.63 52.41
N ASN E 162 -17.37 -0.58 51.63
CA ASN E 162 -16.95 0.78 51.99
C ASN E 162 -15.44 0.83 52.24
N SER E 163 -14.67 0.20 51.36
CA SER E 163 -13.22 0.19 51.44
C SER E 163 -12.73 -0.46 52.74
N GLY E 164 -13.58 -1.28 53.35
CA GLY E 164 -13.22 -2.01 54.55
C GLY E 164 -13.78 -1.38 55.81
N SER E 165 -14.51 -0.29 55.66
CA SER E 165 -15.12 0.38 56.80
C SER E 165 -16.23 -0.50 57.37
N LEU E 166 -16.94 -1.19 56.48
CA LEU E 166 -17.94 -2.17 56.87
C LEU E 166 -17.32 -3.55 56.94
N SER E 167 -17.02 -4.00 58.15
CA SER E 167 -16.37 -5.30 58.36
C SER E 167 -17.29 -6.23 59.15
N SER E 168 -18.17 -5.65 59.96
CA SER E 168 -19.08 -6.45 60.77
C SER E 168 -20.32 -6.79 59.97
N GLY E 169 -20.85 -8.00 60.20
CA GLY E 169 -22.03 -8.46 59.50
C GLY E 169 -21.75 -8.83 58.05
N VAL E 170 -20.48 -8.82 57.68
CA VAL E 170 -20.08 -9.17 56.32
C VAL E 170 -19.79 -10.65 56.22
N HIS E 171 -20.39 -11.30 55.23
CA HIS E 171 -20.13 -12.70 54.94
C HIS E 171 -19.75 -12.87 53.47
N THR E 172 -18.50 -13.24 53.23
CA THR E 172 -18.01 -13.48 51.89
C THR E 172 -17.85 -14.98 51.68
N PHE E 173 -18.68 -15.54 50.79
CA PHE E 173 -18.76 -16.98 50.61
C PHE E 173 -17.72 -17.48 49.62
N PRO E 174 -17.16 -18.68 49.86
CA PRO E 174 -16.16 -19.23 48.93
C PRO E 174 -16.67 -19.40 47.50
N ALA E 175 -15.81 -19.13 46.53
CA ALA E 175 -16.15 -19.27 45.12
C ALA E 175 -16.40 -20.74 44.77
N VAL E 176 -17.27 -20.95 43.78
CA VAL E 176 -17.54 -22.29 43.26
C VAL E 176 -17.29 -22.33 41.76
N LEU E 177 -16.53 -23.32 41.33
CA LEU E 177 -16.15 -23.46 39.93
C LEU E 177 -17.19 -24.25 39.15
N GLN E 178 -17.70 -23.65 38.08
CA GLN E 178 -18.66 -24.32 37.20
C GLN E 178 -18.31 -24.06 35.74
N SER E 179 -17.76 -25.08 35.09
CA SER E 179 -17.35 -24.99 33.68
C SER E 179 -16.33 -23.87 33.45
N ASP E 180 -15.14 -24.06 34.03
CA ASP E 180 -14.00 -23.17 33.79
C ASP E 180 -14.27 -21.70 34.14
N LEU E 181 -15.28 -21.45 34.97
CA LEU E 181 -15.55 -20.10 35.47
C LEU E 181 -16.07 -20.13 36.91
N TYR E 182 -15.49 -19.29 37.75
CA TYR E 182 -15.88 -19.21 39.16
C TYR E 182 -17.07 -18.27 39.34
N THR E 183 -17.80 -18.49 40.42
CA THR E 183 -18.87 -17.58 40.83
C THR E 183 -18.79 -17.38 42.33
N LEU E 184 -18.77 -16.12 42.75
CA LEU E 184 -18.62 -15.76 44.14
C LEU E 184 -19.70 -14.76 44.53
N SER E 185 -20.07 -14.76 45.82
CA SER E 185 -21.06 -13.82 46.32
C SER E 185 -20.71 -13.38 47.75
N SER E 186 -21.17 -12.18 48.11
CA SER E 186 -20.90 -11.61 49.43
C SER E 186 -22.11 -10.83 49.93
N SER E 187 -22.33 -10.88 51.24
CA SER E 187 -23.45 -10.18 51.86
C SER E 187 -22.97 -9.28 53.00
N VAL E 188 -23.74 -8.24 53.30
CA VAL E 188 -23.47 -7.37 54.44
C VAL E 188 -24.77 -6.99 55.11
N THR E 189 -24.79 -7.07 56.44
CA THR E 189 -25.99 -6.76 57.21
C THR E 189 -25.78 -5.52 58.07
N VAL E 190 -26.49 -4.46 57.74
CA VAL E 190 -26.43 -3.20 58.47
C VAL E 190 -27.84 -2.78 58.85
N PRO E 191 -27.98 -1.91 59.86
CA PRO E 191 -29.32 -1.51 60.31
C PRO E 191 -30.11 -0.82 59.18
N SER E 192 -31.42 -0.68 59.37
CA SER E 192 -32.24 -0.04 58.36
C SER E 192 -32.00 1.46 58.33
N SER E 193 -31.31 1.97 59.35
CA SER E 193 -31.04 3.39 59.40
C SER E 193 -29.92 3.76 58.43
N PRO E 194 -28.71 3.18 58.57
CA PRO E 194 -27.60 3.60 57.70
C PRO E 194 -27.75 3.29 56.20
N ARG E 195 -28.98 3.08 55.72
CA ARG E 195 -29.23 2.90 54.29
C ARG E 195 -30.73 3.07 54.02
N PRO E 196 -31.11 3.49 52.79
CA PRO E 196 -30.33 3.85 51.60
C PRO E 196 -29.56 5.17 51.64
N SER E 197 -29.84 6.03 52.62
CA SER E 197 -29.30 7.38 52.62
C SER E 197 -27.78 7.45 52.67
N GLU E 198 -27.17 6.66 53.56
CA GLU E 198 -25.72 6.60 53.62
C GLU E 198 -25.24 5.64 52.55
N THR E 199 -23.95 5.71 52.25
CA THR E 199 -23.40 4.97 51.13
C THR E 199 -22.94 3.57 51.51
N VAL E 200 -23.43 2.58 50.77
CA VAL E 200 -22.98 1.20 50.90
C VAL E 200 -22.52 0.70 49.54
N THR E 201 -21.21 0.50 49.40
CA THR E 201 -20.63 0.03 48.15
C THR E 201 -19.71 -1.15 48.42
N CYS E 202 -19.85 -2.20 47.61
CA CYS E 202 -18.95 -3.35 47.71
C CYS E 202 -17.78 -3.15 46.75
N ASN E 203 -16.58 -3.33 47.27
CA ASN E 203 -15.36 -3.19 46.47
C ASN E 203 -14.77 -4.55 46.17
N VAL E 204 -14.77 -4.93 44.89
CA VAL E 204 -14.27 -6.23 44.47
C VAL E 204 -13.03 -6.06 43.59
N ALA E 205 -12.02 -6.89 43.84
CA ALA E 205 -10.76 -6.84 43.09
C ALA E 205 -10.39 -8.22 42.57
N HIS E 206 -9.96 -8.26 41.32
CA HIS E 206 -9.50 -9.50 40.68
C HIS E 206 -8.11 -9.26 40.09
N PRO E 207 -7.06 -9.40 40.91
CA PRO E 207 -5.71 -8.99 40.50
C PRO E 207 -5.19 -9.72 39.25
N ALA E 208 -5.73 -10.90 38.96
CA ALA E 208 -5.29 -11.67 37.81
C ALA E 208 -5.60 -10.94 36.50
N SER E 209 -6.71 -10.21 36.47
CA SER E 209 -7.11 -9.44 35.30
C SER E 209 -7.01 -7.93 35.56
N SER E 210 -6.40 -7.57 36.69
CA SER E 210 -6.21 -6.18 37.06
C SER E 210 -7.54 -5.43 37.13
N THR E 211 -8.57 -6.14 37.59
CA THR E 211 -9.92 -5.58 37.65
C THR E 211 -10.21 -4.99 39.03
N LYS E 212 -10.81 -3.81 39.04
CA LYS E 212 -11.29 -3.18 40.27
C LYS E 212 -12.65 -2.55 40.01
N VAL E 213 -13.67 -3.01 40.73
CA VAL E 213 -15.03 -2.53 40.54
C VAL E 213 -15.67 -2.16 41.88
N ASP E 214 -16.11 -0.91 41.99
CA ASP E 214 -16.81 -0.42 43.17
C ASP E 214 -18.29 -0.21 42.84
N LYS E 215 -19.12 -1.19 43.21
CA LYS E 215 -20.55 -1.17 42.92
C LYS E 215 -21.36 -0.63 44.08
N LYS E 216 -22.11 0.45 43.82
CA LYS E 216 -22.99 1.03 44.83
C LYS E 216 -24.35 0.34 44.83
N ILE E 217 -24.83 -0.01 46.03
CA ILE E 217 -26.12 -0.66 46.19
C ILE E 217 -27.23 0.38 46.31
N VAL E 218 -28.10 0.42 45.32
CA VAL E 218 -29.24 1.35 45.31
C VAL E 218 -30.56 0.56 45.32
N PRO E 219 -31.56 1.04 46.07
CA PRO E 219 -32.81 0.29 46.22
C PRO E 219 -33.57 0.10 44.91
N ARG E 220 -34.40 -0.95 44.85
CA ARG E 220 -35.20 -1.24 43.65
C ARG E 220 -36.60 -0.64 43.79
N ASP E 221 -37.49 -1.35 44.47
CA ASP E 221 -38.88 -0.95 44.68
C ASP E 221 -39.50 -0.18 43.50
N CYS E 222 -39.27 -0.69 42.29
CA CYS E 222 -39.81 -0.09 41.07
C CYS E 222 -39.21 1.29 40.80
N ASP F 1 -24.52 3.47 -33.87
CA ASP F 1 -23.59 3.69 -32.74
C ASP F 1 -24.25 4.54 -31.65
N ILE F 2 -24.32 3.99 -30.45
CA ILE F 2 -24.84 4.70 -29.29
C ILE F 2 -23.88 4.46 -28.14
N MET F 3 -23.01 5.44 -27.89
CA MET F 3 -21.99 5.30 -26.85
C MET F 3 -22.47 5.88 -25.53
N LEU F 4 -22.32 5.10 -24.47
CA LEU F 4 -22.60 5.54 -23.11
C LEU F 4 -21.28 5.82 -22.39
N THR F 5 -21.14 7.03 -21.87
CA THR F 5 -19.93 7.44 -21.15
C THR F 5 -20.27 7.77 -19.71
N GLN F 6 -19.71 6.98 -18.79
CA GLN F 6 -19.97 7.17 -17.36
C GLN F 6 -18.87 8.01 -16.72
N SER F 7 -19.26 8.84 -15.76
CA SER F 7 -18.32 9.65 -15.00
C SER F 7 -18.80 9.80 -13.55
N PRO F 8 -17.88 9.71 -12.58
CA PRO F 8 -16.44 9.44 -12.75
C PRO F 8 -16.17 7.97 -13.05
N ALA F 9 -14.91 7.64 -13.33
CA ALA F 9 -14.51 6.26 -13.54
C ALA F 9 -14.45 5.53 -12.20
N SER F 10 -14.15 6.29 -11.15
CA SER F 10 -14.09 5.77 -9.80
C SER F 10 -14.57 6.82 -8.81
N LEU F 11 -15.22 6.37 -7.75
CA LEU F 11 -15.80 7.28 -6.77
C LEU F 11 -15.47 6.79 -5.36
N THR F 12 -14.96 7.70 -4.53
CA THR F 12 -14.66 7.40 -3.13
C THR F 12 -15.48 8.32 -2.23
N VAL F 13 -16.27 7.73 -1.34
CA VAL F 13 -17.22 8.49 -0.52
C VAL F 13 -17.38 7.86 0.86
N SER F 14 -17.51 8.71 1.87
CA SER F 14 -17.68 8.25 3.25
C SER F 14 -19.12 7.85 3.52
N LEU F 15 -19.31 6.96 4.49
CA LEU F 15 -20.65 6.53 4.90
C LEU F 15 -21.51 7.74 5.26
N GLY F 16 -22.75 7.74 4.78
CA GLY F 16 -23.70 8.79 5.10
C GLY F 16 -23.73 9.92 4.07
N GLN F 17 -22.81 9.88 3.12
CA GLN F 17 -22.71 10.92 2.10
C GLN F 17 -23.38 10.51 0.80
N ARG F 18 -23.54 11.47 -0.11
CA ARG F 18 -24.25 11.26 -1.37
C ARG F 18 -23.29 10.89 -2.50
N ALA F 19 -23.58 9.77 -3.16
CA ALA F 19 -22.82 9.35 -4.34
C ALA F 19 -23.62 9.65 -5.61
N THR F 20 -22.99 10.39 -6.53
CA THR F 20 -23.62 10.76 -7.79
C THR F 20 -22.82 10.24 -8.98
N MET F 21 -23.48 9.44 -9.82
CA MET F 21 -22.86 8.88 -11.01
C MET F 21 -23.68 9.21 -12.26
N SER F 22 -23.00 9.76 -13.26
CA SER F 22 -23.67 10.21 -14.48
C SER F 22 -23.46 9.22 -15.63
N CYS F 23 -24.42 9.20 -16.55
CA CYS F 23 -24.31 8.42 -17.77
C CYS F 23 -24.83 9.23 -18.96
N ARG F 24 -23.94 9.58 -19.88
CA ARG F 24 -24.30 10.40 -21.04
C ARG F 24 -24.36 9.58 -22.31
N ALA F 25 -25.48 9.68 -23.02
CA ALA F 25 -25.68 8.98 -24.29
C ALA F 25 -25.35 9.90 -25.47
N SER F 26 -24.76 9.33 -26.51
CA SER F 26 -24.37 10.11 -27.69
C SER F 26 -25.60 10.61 -28.44
N GLN F 27 -26.68 9.83 -28.36
CA GLN F 27 -27.96 10.22 -28.94
C GLN F 27 -29.09 9.94 -27.95
N SER F 28 -30.26 10.55 -28.19
CA SER F 28 -31.39 10.42 -27.28
C SER F 28 -31.90 8.99 -27.24
N VAL F 29 -32.19 8.52 -26.03
CA VAL F 29 -32.72 7.17 -25.82
C VAL F 29 -34.13 7.24 -25.22
N SER F 30 -34.79 8.38 -25.37
CA SER F 30 -36.08 8.62 -24.72
C SER F 30 -37.15 9.06 -25.70
N THR F 31 -38.41 8.87 -25.30
CA THR F 31 -39.56 9.39 -26.03
C THR F 31 -40.57 10.02 -25.08
N SER F 32 -40.54 11.35 -24.98
CA SER F 32 -41.43 12.13 -24.12
C SER F 32 -41.88 11.41 -22.85
N ARG F 33 -42.69 10.39 -23.03
CA ARG F 33 -43.25 9.63 -21.91
C ARG F 33 -42.17 8.95 -21.08
N TYR F 34 -41.34 8.14 -21.73
CA TYR F 34 -40.39 7.29 -21.03
C TYR F 34 -38.97 7.48 -21.53
N SER F 35 -38.01 6.94 -20.79
CA SER F 35 -36.60 6.98 -21.16
C SER F 35 -36.00 5.58 -21.03
N TYR F 36 -35.43 5.07 -22.12
CA TYR F 36 -34.95 3.69 -22.16
C TYR F 36 -33.53 3.55 -21.62
N MET F 37 -33.40 3.63 -20.31
CA MET F 37 -32.10 3.47 -19.65
C MET F 37 -32.22 2.58 -18.42
N HIS F 38 -31.14 1.90 -18.08
CA HIS F 38 -31.14 0.96 -16.96
C HIS F 38 -29.82 1.03 -16.21
N TRP F 39 -29.88 0.78 -14.91
CA TRP F 39 -28.69 0.75 -14.06
C TRP F 39 -28.52 -0.64 -13.45
N TYR F 40 -27.28 -1.10 -13.37
CA TYR F 40 -26.96 -2.37 -12.71
C TYR F 40 -25.98 -2.18 -11.57
N GLN F 41 -26.00 -3.13 -10.64
CA GLN F 41 -24.99 -3.22 -9.58
C GLN F 41 -24.26 -4.54 -9.68
N GLU F 42 -22.93 -4.48 -9.68
CA GLU F 42 -22.11 -5.68 -9.72
C GLU F 42 -21.01 -5.64 -8.66
N LYS F 43 -21.29 -6.26 -7.51
CA LYS F 43 -20.32 -6.33 -6.43
C LYS F 43 -19.17 -7.25 -6.83
N ALA F 44 -18.12 -7.25 -6.00
CA ALA F 44 -16.96 -8.09 -6.23
C ALA F 44 -17.31 -9.53 -6.61
N GLY F 45 -16.94 -9.90 -7.83
CA GLY F 45 -17.08 -11.27 -8.31
C GLY F 45 -18.49 -11.80 -8.30
N GLN F 46 -19.45 -10.90 -8.43
CA GLN F 46 -20.86 -11.28 -8.53
C GLN F 46 -21.38 -11.04 -9.93
N PRO F 47 -22.50 -11.67 -10.29
CA PRO F 47 -23.17 -11.30 -11.55
C PRO F 47 -23.86 -9.95 -11.41
N PRO F 48 -24.06 -9.23 -12.53
CA PRO F 48 -24.76 -7.95 -12.42
C PRO F 48 -26.23 -8.13 -12.04
N GLN F 49 -26.80 -7.12 -11.40
CA GLN F 49 -28.21 -7.16 -11.01
C GLN F 49 -28.88 -5.84 -11.33
N LEU F 50 -30.08 -5.93 -11.89
CA LEU F 50 -30.81 -4.75 -12.33
C LEU F 50 -31.23 -3.92 -11.12
N LEU F 51 -30.90 -2.64 -11.14
CA LEU F 51 -31.21 -1.73 -10.04
C LEU F 51 -32.35 -0.80 -10.43
N ILE F 52 -32.09 0.02 -11.45
CA ILE F 52 -33.09 0.92 -12.00
C ILE F 52 -33.47 0.44 -13.41
N LYS F 53 -34.77 0.42 -13.69
CA LYS F 53 -35.26 0.06 -15.02
C LYS F 53 -35.98 1.24 -15.65
N TYR F 54 -35.62 1.55 -16.89
CA TYR F 54 -36.21 2.67 -17.63
C TYR F 54 -35.99 3.99 -16.88
N ALA F 55 -34.76 4.15 -16.40
CA ALA F 55 -34.20 5.45 -15.99
C ALA F 55 -34.59 5.92 -14.59
N SER F 56 -35.77 5.57 -14.10
CA SER F 56 -36.26 6.16 -12.86
C SER F 56 -37.06 5.20 -11.96
N ASN F 57 -37.25 3.96 -12.41
CA ASN F 57 -38.05 3.01 -11.65
C ASN F 57 -37.19 2.03 -10.85
N LEU F 58 -37.30 2.11 -9.52
CA LEU F 58 -36.59 1.20 -8.63
C LEU F 58 -37.07 -0.23 -8.82
N GLU F 59 -36.13 -1.16 -8.93
CA GLU F 59 -36.47 -2.58 -8.97
C GLU F 59 -36.99 -3.01 -7.60
N SER F 60 -37.72 -4.11 -7.58
CA SER F 60 -38.28 -4.64 -6.33
C SER F 60 -37.18 -4.95 -5.32
N GLY F 61 -37.41 -4.55 -4.07
CA GLY F 61 -36.48 -4.83 -2.99
C GLY F 61 -35.46 -3.74 -2.77
N VAL F 62 -34.93 -3.20 -3.87
CA VAL F 62 -33.94 -2.13 -3.84
C VAL F 62 -34.29 -1.05 -2.80
N PRO F 63 -33.37 -0.77 -1.86
CA PRO F 63 -33.64 0.22 -0.82
C PRO F 63 -33.95 1.61 -1.37
N ALA F 64 -34.69 2.40 -0.59
CA ALA F 64 -35.16 3.71 -1.04
C ALA F 64 -34.01 4.71 -1.23
N ARG F 65 -32.84 4.41 -0.67
CA ARG F 65 -31.71 5.35 -0.73
C ARG F 65 -31.16 5.44 -2.15
N PHE F 66 -31.47 4.46 -2.98
CA PHE F 66 -31.15 4.52 -4.40
C PHE F 66 -32.24 5.30 -5.15
N SER F 67 -31.83 6.08 -6.14
CA SER F 67 -32.79 6.79 -6.98
C SER F 67 -32.18 7.15 -8.33
N GLY F 68 -33.00 7.14 -9.37
CA GLY F 68 -32.55 7.48 -10.72
C GLY F 68 -33.37 8.60 -11.32
N SER F 69 -32.76 9.35 -12.22
CA SER F 69 -33.44 10.47 -12.88
C SER F 69 -32.78 10.78 -14.21
N GLY F 70 -33.39 11.69 -14.98
CA GLY F 70 -32.84 12.15 -16.23
C GLY F 70 -33.72 11.87 -17.43
N SER F 71 -33.34 12.43 -18.57
CA SER F 71 -34.07 12.20 -19.82
C SER F 71 -33.21 12.65 -21.00
N GLY F 72 -33.55 12.15 -22.19
CA GLY F 72 -32.81 12.49 -23.39
C GLY F 72 -31.45 11.83 -23.47
N THR F 73 -30.40 12.61 -23.20
CA THR F 73 -29.04 12.12 -23.35
C THR F 73 -28.27 12.05 -22.04
N ASP F 74 -28.81 12.69 -20.99
CA ASP F 74 -28.13 12.76 -19.70
C ASP F 74 -28.93 12.06 -18.62
N PHE F 75 -28.26 11.16 -17.90
CA PHE F 75 -28.91 10.36 -16.86
C PHE F 75 -28.05 10.29 -15.60
N THR F 76 -28.71 10.20 -14.45
CA THR F 76 -28.04 10.20 -13.15
C THR F 76 -28.67 9.23 -12.16
N LEU F 77 -27.83 8.56 -11.39
CA LEU F 77 -28.28 7.81 -10.22
C LEU F 77 -27.83 8.55 -8.97
N ASN F 78 -28.57 8.37 -7.88
CA ASN F 78 -28.14 8.88 -6.58
C ASN F 78 -28.22 7.80 -5.52
N ILE F 79 -27.19 7.74 -4.68
CA ILE F 79 -27.17 6.86 -3.53
C ILE F 79 -26.96 7.70 -2.29
N HIS F 80 -28.00 7.86 -1.48
CA HIS F 80 -27.90 8.67 -0.27
C HIS F 80 -28.88 8.17 0.79
N PRO F 81 -28.38 7.88 2.01
CA PRO F 81 -26.97 7.88 2.44
C PRO F 81 -26.26 6.60 2.03
N VAL F 82 -24.99 6.70 1.64
CA VAL F 82 -24.21 5.52 1.23
C VAL F 82 -23.99 4.59 2.43
N GLU F 83 -23.98 3.29 2.15
CA GLU F 83 -23.77 2.26 3.18
C GLU F 83 -22.59 1.37 2.81
N ALA F 84 -22.18 0.54 3.77
CA ALA F 84 -21.03 -0.33 3.60
C ALA F 84 -21.19 -1.33 2.47
N GLU F 85 -22.38 -1.90 2.35
CA GLU F 85 -22.64 -2.94 1.35
C GLU F 85 -22.69 -2.38 -0.06
N ASP F 86 -22.69 -1.06 -0.19
CA ASP F 86 -22.79 -0.42 -1.50
C ASP F 86 -21.48 -0.42 -2.28
N THR F 87 -20.42 -0.98 -1.69
CA THR F 87 -19.16 -1.12 -2.40
C THR F 87 -19.34 -2.07 -3.57
N ALA F 88 -19.26 -1.53 -4.77
CA ALA F 88 -19.48 -2.30 -5.98
C ALA F 88 -19.22 -1.47 -7.23
N THR F 89 -19.26 -2.13 -8.39
CA THR F 89 -19.17 -1.45 -9.67
C THR F 89 -20.59 -1.33 -10.25
N TYR F 90 -20.89 -0.15 -10.79
CA TYR F 90 -22.23 0.15 -11.29
C TYR F 90 -22.17 0.48 -12.78
N TYR F 91 -23.07 -0.11 -13.56
CA TYR F 91 -23.08 0.08 -15.01
C TYR F 91 -24.40 0.70 -15.45
N CYS F 92 -24.45 1.12 -16.70
CA CYS F 92 -25.66 1.68 -17.27
C CYS F 92 -25.89 1.13 -18.66
N GLN F 93 -27.14 0.87 -19.00
CA GLN F 93 -27.49 0.23 -20.26
C GLN F 93 -28.73 0.88 -20.88
N HIS F 94 -28.74 1.00 -22.20
CA HIS F 94 -29.89 1.52 -22.93
C HIS F 94 -30.56 0.41 -23.72
N SER F 95 -31.88 0.52 -23.88
CA SER F 95 -32.63 -0.45 -24.68
C SER F 95 -33.32 0.27 -25.84
N TRP F 96 -32.76 1.41 -26.23
CA TRP F 96 -33.24 2.16 -27.37
C TRP F 96 -33.17 1.35 -28.66
N GLU F 97 -31.96 1.13 -29.13
CA GLU F 97 -31.72 0.41 -30.37
C GLU F 97 -30.67 -0.66 -30.19
N ILE F 98 -31.03 -1.89 -30.53
CA ILE F 98 -30.05 -2.97 -30.65
C ILE F 98 -28.85 -2.46 -31.43
N PRO F 99 -27.62 -2.64 -30.90
CA PRO F 99 -27.12 -3.25 -29.66
C PRO F 99 -27.48 -2.49 -28.38
N TYR F 100 -27.96 -3.20 -27.37
CA TYR F 100 -28.19 -2.61 -26.06
C TYR F 100 -26.86 -2.55 -25.29
N THR F 101 -26.04 -1.56 -25.62
CA THR F 101 -24.68 -1.47 -25.09
C THR F 101 -24.63 -1.05 -23.64
N PHE F 102 -23.46 -1.22 -23.02
CA PHE F 102 -23.25 -0.86 -21.63
C PHE F 102 -22.31 0.33 -21.48
N GLY F 103 -22.41 1.01 -20.35
CA GLY F 103 -21.47 2.07 -20.02
C GLY F 103 -20.13 1.50 -19.61
N GLY F 104 -19.16 2.37 -19.36
CA GLY F 104 -17.82 1.95 -19.01
C GLY F 104 -17.72 1.45 -17.59
N GLY F 105 -18.71 1.81 -16.77
CA GLY F 105 -18.75 1.36 -15.39
C GLY F 105 -18.14 2.37 -14.44
N THR F 106 -18.61 2.38 -13.20
CA THR F 106 -18.08 3.25 -12.15
C THR F 106 -17.92 2.47 -10.84
N LYS F 107 -16.69 2.38 -10.36
CA LYS F 107 -16.39 1.66 -9.13
C LYS F 107 -16.54 2.57 -7.92
N LEU F 108 -17.41 2.18 -6.99
CA LEU F 108 -17.66 2.94 -5.78
C LEU F 108 -16.95 2.30 -4.58
N GLU F 109 -16.17 3.11 -3.88
CA GLU F 109 -15.44 2.66 -2.69
C GLU F 109 -15.83 3.54 -1.51
N ILE F 110 -15.83 2.95 -0.31
CA ILE F 110 -16.19 3.69 0.90
C ILE F 110 -14.95 4.14 1.66
N LYS F 111 -14.94 5.41 2.05
CA LYS F 111 -13.85 5.98 2.84
C LYS F 111 -14.15 5.89 4.33
N ARG F 112 -13.38 5.06 5.04
CA ARG F 112 -13.46 4.99 6.50
C ARG F 112 -12.21 5.59 7.12
N ALA F 113 -12.23 5.76 8.44
CA ALA F 113 -11.04 6.17 9.16
C ALA F 113 -9.95 5.14 8.93
N ASP F 114 -8.70 5.58 8.90
CA ASP F 114 -7.59 4.70 8.59
C ASP F 114 -7.41 3.64 9.67
N ALA F 115 -6.99 2.45 9.25
CA ALA F 115 -6.78 1.33 10.15
C ALA F 115 -5.39 0.73 9.95
N ALA F 116 -4.87 0.10 11.00
CA ALA F 116 -3.55 -0.50 10.97
C ALA F 116 -3.65 -2.00 10.64
N PRO F 117 -2.88 -2.46 9.64
CA PRO F 117 -2.96 -3.87 9.24
C PRO F 117 -2.54 -4.87 10.32
N THR F 118 -3.33 -5.91 10.51
CA THR F 118 -2.97 -7.01 11.41
C THR F 118 -1.94 -7.90 10.73
N VAL F 119 -0.67 -7.59 10.94
CA VAL F 119 0.40 -8.31 10.27
C VAL F 119 0.61 -9.69 10.87
N SER F 120 0.86 -10.68 10.00
CA SER F 120 1.16 -12.03 10.43
C SER F 120 2.06 -12.70 9.40
N ILE F 121 3.16 -13.31 9.87
CA ILE F 121 4.12 -13.97 8.98
C ILE F 121 4.15 -15.47 9.28
N PHE F 122 4.43 -16.27 8.25
CA PHE F 122 4.40 -17.72 8.36
C PHE F 122 5.58 -18.39 7.66
N PRO F 123 6.32 -19.24 8.38
CA PRO F 123 7.37 -20.01 7.70
C PRO F 123 6.78 -21.08 6.77
N PRO F 124 7.58 -21.60 5.84
CA PRO F 124 7.13 -22.71 5.00
C PRO F 124 6.69 -23.91 5.82
N SER F 125 5.61 -24.57 5.39
CA SER F 125 5.14 -25.77 6.03
C SER F 125 6.18 -26.88 5.93
N SER F 126 6.11 -27.85 6.83
CA SER F 126 7.01 -29.00 6.77
C SER F 126 6.69 -29.84 5.54
N GLU F 127 5.43 -29.81 5.11
CA GLU F 127 5.00 -30.55 3.94
C GLU F 127 5.62 -29.99 2.65
N GLN F 128 5.64 -28.67 2.53
CA GLN F 128 6.19 -28.02 1.34
C GLN F 128 7.69 -28.19 1.26
N LEU F 129 8.37 -28.08 2.41
CA LEU F 129 9.80 -28.29 2.47
C LEU F 129 10.17 -29.70 2.03
N THR F 130 9.30 -30.65 2.32
CA THR F 130 9.49 -32.04 1.91
C THR F 130 9.54 -32.16 0.38
N SER F 131 8.70 -31.37 -0.29
CA SER F 131 8.61 -31.44 -1.74
C SER F 131 9.70 -30.62 -2.44
N GLY F 132 10.51 -29.92 -1.66
CA GLY F 132 11.64 -29.16 -2.19
C GLY F 132 11.33 -27.69 -2.40
N GLY F 133 10.12 -27.26 -2.04
CA GLY F 133 9.73 -25.87 -2.16
C GLY F 133 9.78 -25.16 -0.82
N ALA F 134 9.77 -23.84 -0.84
CA ALA F 134 9.81 -23.04 0.40
C ALA F 134 9.20 -21.66 0.18
N SER F 135 7.91 -21.54 0.48
CA SER F 135 7.20 -20.26 0.38
C SER F 135 6.98 -19.63 1.74
N VAL F 136 7.36 -18.36 1.86
CA VAL F 136 7.13 -17.59 3.07
C VAL F 136 5.98 -16.62 2.85
N VAL F 137 4.92 -16.78 3.62
CA VAL F 137 3.68 -16.02 3.43
C VAL F 137 3.49 -14.96 4.50
N CYS F 138 3.09 -13.77 4.08
CA CYS F 138 2.86 -12.65 4.99
C CYS F 138 1.51 -11.99 4.70
N PHE F 139 0.65 -11.95 5.72
CA PHE F 139 -0.68 -11.37 5.57
C PHE F 139 -0.77 -9.97 6.19
N LEU F 140 -1.38 -9.05 5.45
CA LEU F 140 -1.68 -7.70 5.93
C LEU F 140 -3.19 -7.49 5.90
N ASN F 141 -3.85 -7.68 7.04
CA ASN F 141 -5.31 -7.75 7.10
C ASN F 141 -5.98 -6.51 7.71
N ASN F 142 -7.10 -6.12 7.12
CA ASN F 142 -8.00 -5.12 7.68
C ASN F 142 -7.36 -3.75 7.88
N PHE F 143 -6.81 -3.19 6.81
CA PHE F 143 -6.20 -1.86 6.84
C PHE F 143 -6.95 -0.90 5.91
N TYR F 144 -6.67 0.39 6.07
CA TYR F 144 -7.20 1.40 5.17
C TYR F 144 -6.38 2.68 5.30
N PRO F 145 -6.13 3.38 4.19
CA PRO F 145 -6.51 3.12 2.79
C PRO F 145 -5.76 1.96 2.15
N LYS F 146 -6.17 1.59 0.94
CA LYS F 146 -5.57 0.47 0.23
C LYS F 146 -4.12 0.76 -0.11
N ASP F 147 -3.76 2.04 -0.12
CA ASP F 147 -2.39 2.44 -0.41
C ASP F 147 -1.46 1.92 0.67
N ILE F 148 -0.68 0.91 0.30
CA ILE F 148 0.24 0.26 1.24
C ILE F 148 1.42 -0.30 0.46
N ASN F 149 2.57 -0.37 1.12
CA ASN F 149 3.76 -0.97 0.52
C ASN F 149 4.36 -2.01 1.46
N VAL F 150 4.72 -3.16 0.89
CA VAL F 150 5.29 -4.25 1.67
C VAL F 150 6.72 -4.51 1.23
N LYS F 151 7.59 -4.77 2.20
CA LYS F 151 9.01 -4.99 1.94
C LYS F 151 9.50 -6.26 2.62
N TRP F 152 10.25 -7.08 1.89
CA TRP F 152 10.87 -8.29 2.42
C TRP F 152 12.36 -8.08 2.68
N LYS F 153 12.86 -8.67 3.76
CA LYS F 153 14.29 -8.61 4.09
C LYS F 153 14.84 -9.98 4.51
N ILE F 154 15.63 -10.59 3.63
CA ILE F 154 16.31 -11.84 3.95
C ILE F 154 17.69 -11.54 4.54
N ASP F 155 17.83 -11.80 5.84
CA ASP F 155 19.05 -11.46 6.58
C ASP F 155 19.44 -10.00 6.36
N GLY F 156 18.54 -9.09 6.72
CA GLY F 156 18.79 -7.67 6.63
C GLY F 156 19.01 -7.12 5.23
N SER F 157 18.83 -7.97 4.22
CA SER F 157 18.99 -7.56 2.83
C SER F 157 17.64 -7.57 2.11
N GLU F 158 17.32 -6.46 1.45
CA GLU F 158 16.03 -6.34 0.77
C GLU F 158 15.95 -7.30 -0.41
N ARG F 159 14.87 -8.07 -0.45
CA ARG F 159 14.64 -9.07 -1.50
C ARG F 159 13.41 -8.68 -2.33
N GLN F 160 13.61 -8.53 -3.63
CA GLN F 160 12.56 -8.10 -4.54
C GLN F 160 12.08 -9.23 -5.46
N ASN F 161 13.00 -10.11 -5.83
CA ASN F 161 12.68 -11.20 -6.75
C ASN F 161 11.91 -12.33 -6.08
N GLY F 162 10.93 -12.88 -6.78
CA GLY F 162 10.16 -14.01 -6.29
C GLY F 162 9.00 -13.61 -5.39
N VAL F 163 8.67 -12.33 -5.37
CA VAL F 163 7.56 -11.84 -4.56
C VAL F 163 6.32 -11.59 -5.42
N LEU F 164 5.22 -12.27 -5.06
CA LEU F 164 3.93 -12.12 -5.73
C LEU F 164 2.88 -11.67 -4.73
N ASN F 165 2.18 -10.58 -5.05
CA ASN F 165 1.21 -9.97 -4.13
C ASN F 165 -0.24 -10.16 -4.60
N SER F 166 -1.16 -10.27 -3.64
CA SER F 166 -2.59 -10.37 -3.94
C SER F 166 -3.43 -9.62 -2.90
N TRP F 167 -4.52 -9.01 -3.37
CA TRP F 167 -5.42 -8.22 -2.52
C TRP F 167 -6.86 -8.63 -2.65
N THR F 168 -7.57 -8.64 -1.54
CA THR F 168 -9.02 -8.81 -1.55
C THR F 168 -9.65 -7.47 -1.95
N ASP F 169 -10.85 -7.53 -2.52
CA ASP F 169 -11.62 -6.33 -2.78
C ASP F 169 -12.11 -5.78 -1.46
N GLN F 170 -12.59 -4.54 -1.45
CA GLN F 170 -13.08 -3.93 -0.22
C GLN F 170 -14.17 -4.80 0.40
N ASP F 171 -14.05 -5.06 1.70
CA ASP F 171 -15.00 -5.89 2.40
C ASP F 171 -16.34 -5.17 2.50
N SER F 172 -17.44 -5.92 2.49
CA SER F 172 -18.77 -5.34 2.49
C SER F 172 -19.23 -4.98 3.90
N LYS F 173 -18.63 -5.62 4.90
CA LYS F 173 -19.01 -5.37 6.29
C LYS F 173 -18.28 -4.17 6.89
N ASP F 174 -16.95 -4.30 7.06
CA ASP F 174 -16.17 -3.29 7.76
C ASP F 174 -15.49 -2.28 6.83
N SER F 175 -15.49 -2.60 5.53
CA SER F 175 -15.02 -1.69 4.47
C SER F 175 -13.49 -1.61 4.40
N THR F 176 -12.81 -2.61 4.96
CA THR F 176 -11.35 -2.63 4.94
C THR F 176 -10.80 -3.44 3.76
N TYR F 177 -9.49 -3.36 3.55
CA TYR F 177 -8.80 -4.14 2.53
C TYR F 177 -7.83 -5.11 3.19
N SER F 178 -7.32 -6.06 2.41
CA SER F 178 -6.31 -7.00 2.91
C SER F 178 -5.31 -7.33 1.82
N MET F 179 -4.15 -7.86 2.22
CA MET F 179 -3.06 -8.14 1.30
C MET F 179 -2.27 -9.38 1.68
N SER F 180 -2.01 -10.21 0.68
CA SER F 180 -1.11 -11.35 0.83
C SER F 180 0.17 -11.10 0.03
N SER F 181 1.31 -11.37 0.67
CA SER F 181 2.61 -11.30 0.01
C SER F 181 3.34 -12.61 0.21
N THR F 182 3.68 -13.27 -0.89
CA THR F 182 4.28 -14.59 -0.84
C THR F 182 5.67 -14.60 -1.48
N LEU F 183 6.66 -14.95 -0.66
CA LEU F 183 8.05 -15.05 -1.10
C LEU F 183 8.42 -16.50 -1.34
N THR F 184 8.59 -16.87 -2.61
CA THR F 184 8.87 -18.25 -2.99
C THR F 184 10.35 -18.49 -3.24
N LEU F 185 10.93 -19.41 -2.48
CA LEU F 185 12.32 -19.82 -2.64
C LEU F 185 12.41 -21.32 -2.81
N THR F 186 13.59 -21.81 -3.17
CA THR F 186 13.89 -23.23 -3.09
C THR F 186 14.31 -23.55 -1.66
N LYS F 187 14.15 -24.81 -1.26
CA LYS F 187 14.57 -25.24 0.08
C LYS F 187 16.03 -24.89 0.30
N ASP F 188 16.84 -25.09 -0.72
CA ASP F 188 18.26 -24.78 -0.65
C ASP F 188 18.50 -23.30 -0.32
N GLU F 189 17.85 -22.42 -1.08
CA GLU F 189 17.94 -20.99 -0.82
C GLU F 189 17.43 -20.66 0.57
N TYR F 190 16.32 -21.27 0.95
CA TYR F 190 15.68 -21.01 2.23
C TYR F 190 16.60 -21.29 3.41
N GLU F 191 17.29 -22.42 3.36
CA GLU F 191 18.10 -22.88 4.50
C GLU F 191 19.52 -22.29 4.50
N ARG F 192 19.83 -21.48 3.49
CA ARG F 192 21.12 -20.77 3.46
C ARG F 192 21.06 -19.48 4.25
N HIS F 193 19.88 -19.15 4.79
CA HIS F 193 19.67 -17.90 5.53
C HIS F 193 18.95 -18.15 6.85
N ASN F 194 19.04 -17.17 7.75
CA ASN F 194 18.51 -17.32 9.10
C ASN F 194 17.29 -16.45 9.35
N SER F 195 17.47 -15.14 9.22
CA SER F 195 16.42 -14.18 9.59
C SER F 195 15.55 -13.79 8.40
N TYR F 196 14.23 -13.95 8.56
CA TYR F 196 13.26 -13.57 7.53
C TYR F 196 12.30 -12.52 8.08
N THR F 197 12.15 -11.42 7.34
CA THR F 197 11.38 -10.27 7.81
C THR F 197 10.35 -9.80 6.77
N CYS F 198 9.16 -9.45 7.27
CA CYS F 198 8.11 -8.85 6.45
C CYS F 198 7.73 -7.48 7.02
N GLU F 199 7.93 -6.43 6.23
CA GLU F 199 7.70 -5.06 6.70
C GLU F 199 6.59 -4.37 5.91
N ALA F 200 5.61 -3.84 6.63
CA ALA F 200 4.51 -3.10 6.04
C ALA F 200 4.65 -1.60 6.30
N THR F 201 4.65 -0.82 5.22
CA THR F 201 4.74 0.63 5.32
C THR F 201 3.72 1.32 4.41
N HIS F 202 3.08 2.37 4.93
CA HIS F 202 2.11 3.13 4.14
C HIS F 202 2.78 4.37 3.58
N LYS F 203 2.03 5.14 2.80
CA LYS F 203 2.40 6.52 2.51
C LYS F 203 1.89 7.39 3.66
N THR F 204 0.69 7.08 4.11
CA THR F 204 0.05 7.82 5.19
C THR F 204 0.41 7.23 6.55
N SER F 205 1.70 6.94 6.76
CA SER F 205 2.16 6.41 8.03
C SER F 205 3.69 6.52 8.13
N THR F 206 4.17 6.71 9.36
CA THR F 206 5.60 6.84 9.61
C THR F 206 6.16 5.54 10.18
N SER F 207 5.31 4.79 10.87
CA SER F 207 5.73 3.58 11.56
C SER F 207 5.70 2.34 10.66
N PRO F 208 6.88 1.76 10.37
CA PRO F 208 6.86 0.50 9.62
C PRO F 208 6.47 -0.66 10.50
N ILE F 209 5.41 -1.39 10.13
CA ILE F 209 4.94 -2.51 10.92
C ILE F 209 5.65 -3.78 10.47
N VAL F 210 6.42 -4.36 11.38
CA VAL F 210 7.33 -5.45 11.05
C VAL F 210 6.96 -6.76 11.75
N LYS F 211 7.16 -7.87 11.04
CA LYS F 211 7.04 -9.20 11.61
C LYS F 211 8.17 -10.09 11.07
N SER F 212 8.86 -10.78 11.98
CA SER F 212 10.00 -11.59 11.61
C SER F 212 10.02 -12.94 12.32
N PHE F 213 10.82 -13.85 11.78
CA PHE F 213 11.10 -15.11 12.46
C PHE F 213 12.51 -15.56 12.08
N ASN F 214 13.22 -16.16 13.03
CA ASN F 214 14.52 -16.76 12.74
C ASN F 214 14.30 -18.20 12.30
N ARG F 215 14.99 -18.60 11.24
CA ARG F 215 14.84 -19.95 10.71
C ARG F 215 15.43 -20.94 11.69
N ASN F 216 16.52 -20.52 12.33
CA ASN F 216 17.18 -21.34 13.35
C ASN F 216 16.35 -21.47 14.61
N GLU F 217 15.47 -20.49 14.84
CA GLU F 217 14.62 -20.49 16.03
C GLU F 217 13.60 -21.64 15.98
N CYS F 218 13.35 -22.15 14.77
CA CYS F 218 12.43 -23.26 14.56
C CYS F 218 10.98 -22.82 14.75
N GLN G 1 -42.38 -16.95 -11.13
CA GLN G 1 -40.89 -16.82 -11.09
C GLN G 1 -40.27 -17.70 -12.17
N VAL G 2 -39.78 -17.06 -13.23
CA VAL G 2 -39.03 -17.78 -14.27
C VAL G 2 -37.58 -17.91 -13.82
N LYS G 3 -36.75 -18.46 -14.69
CA LYS G 3 -35.32 -18.61 -14.43
C LYS G 3 -34.60 -19.17 -15.64
N LEU G 4 -33.39 -18.67 -15.89
CA LEU G 4 -32.56 -19.14 -16.99
C LEU G 4 -31.41 -19.97 -16.45
N GLN G 5 -31.25 -21.19 -16.98
CA GLN G 5 -30.21 -22.11 -16.55
C GLN G 5 -29.24 -22.41 -17.68
N GLN G 6 -27.97 -22.06 -17.48
CA GLN G 6 -26.94 -22.26 -18.50
C GLN G 6 -26.12 -23.51 -18.21
N SER G 7 -25.14 -23.77 -19.07
CA SER G 7 -24.26 -24.92 -18.90
C SER G 7 -23.14 -24.61 -17.92
N GLY G 8 -22.50 -25.66 -17.41
CA GLY G 8 -21.41 -25.50 -16.47
C GLY G 8 -20.20 -24.84 -17.10
N PRO G 9 -19.14 -24.62 -16.31
CA PRO G 9 -17.94 -23.97 -16.85
C PRO G 9 -17.20 -24.89 -17.80
N GLU G 10 -16.37 -24.33 -18.68
CA GLU G 10 -15.73 -25.10 -19.74
C GLU G 10 -14.23 -24.81 -19.82
N LEU G 11 -13.45 -25.84 -20.13
CA LEU G 11 -12.02 -25.71 -20.36
C LEU G 11 -11.66 -26.22 -21.75
N LYS G 12 -11.13 -25.33 -22.58
CA LYS G 12 -10.79 -25.67 -23.96
C LYS G 12 -9.44 -25.09 -24.36
N LYS G 13 -8.74 -25.80 -25.26
CA LYS G 13 -7.47 -25.33 -25.78
C LYS G 13 -7.70 -24.32 -26.91
N PRO G 14 -6.66 -23.55 -27.26
CA PRO G 14 -6.80 -22.57 -28.34
C PRO G 14 -7.09 -23.20 -29.70
N GLY G 15 -8.17 -22.76 -30.34
CA GLY G 15 -8.53 -23.24 -31.66
C GLY G 15 -9.63 -24.30 -31.63
N GLU G 16 -10.14 -24.58 -30.45
CA GLU G 16 -11.20 -25.58 -30.28
C GLU G 16 -12.57 -24.91 -30.33
N THR G 17 -13.61 -25.73 -30.29
CA THR G 17 -14.99 -25.24 -30.31
C THR G 17 -15.67 -25.51 -28.96
N VAL G 18 -16.58 -24.62 -28.58
CA VAL G 18 -17.38 -24.79 -27.36
C VAL G 18 -18.80 -24.30 -27.61
N LYS G 19 -19.76 -25.06 -27.09
CA LYS G 19 -21.18 -24.73 -27.24
C LYS G 19 -21.85 -24.63 -25.88
N ILE G 20 -22.09 -23.40 -25.43
CA ILE G 20 -22.73 -23.18 -24.15
C ILE G 20 -24.24 -23.03 -24.36
N SER G 21 -25.01 -23.67 -23.50
CA SER G 21 -26.46 -23.72 -23.63
C SER G 21 -27.12 -22.80 -22.62
N CYS G 22 -28.35 -22.43 -22.92
CA CYS G 22 -29.17 -21.63 -22.01
C CYS G 22 -30.63 -22.05 -22.14
N LYS G 23 -31.22 -22.51 -21.05
CA LYS G 23 -32.60 -23.00 -21.06
C LYS G 23 -33.49 -22.15 -20.17
N ALA G 24 -34.62 -21.72 -20.74
CA ALA G 24 -35.61 -20.93 -20.02
C ALA G 24 -36.74 -21.81 -19.54
N SER G 25 -37.05 -21.71 -18.25
CA SER G 25 -38.14 -22.47 -17.66
C SER G 25 -38.96 -21.57 -16.74
N GLY G 26 -40.17 -21.24 -17.19
CA GLY G 26 -41.05 -20.38 -16.43
C GLY G 26 -42.01 -19.60 -17.30
N TYR G 27 -41.59 -19.31 -18.52
CA TYR G 27 -42.41 -18.59 -19.48
C TYR G 27 -42.46 -19.32 -20.81
N THR G 28 -43.16 -18.75 -21.78
CA THR G 28 -43.26 -19.33 -23.12
C THR G 28 -42.04 -18.88 -23.93
N PHE G 29 -41.14 -19.81 -24.17
CA PHE G 29 -39.84 -19.53 -24.78
C PHE G 29 -39.91 -18.65 -26.02
N THR G 30 -40.93 -18.87 -26.83
CA THR G 30 -41.02 -18.22 -28.15
C THR G 30 -41.69 -16.86 -28.10
N ASP G 31 -41.93 -16.33 -26.90
CA ASP G 31 -42.61 -15.05 -26.74
C ASP G 31 -41.67 -13.98 -26.18
N TYR G 32 -40.38 -14.26 -26.24
CA TYR G 32 -39.37 -13.34 -25.72
C TYR G 32 -38.03 -13.54 -26.39
N SER G 33 -37.48 -12.46 -26.93
CA SER G 33 -36.14 -12.51 -27.49
C SER G 33 -35.14 -12.85 -26.40
N MET G 34 -34.02 -13.47 -26.78
CA MET G 34 -32.98 -13.85 -25.85
C MET G 34 -31.67 -13.17 -26.23
N HIS G 35 -31.05 -12.50 -25.27
CA HIS G 35 -29.82 -11.76 -25.53
C HIS G 35 -28.65 -12.38 -24.79
N TRP G 36 -27.46 -12.28 -25.38
CA TRP G 36 -26.24 -12.81 -24.78
C TRP G 36 -25.27 -11.68 -24.43
N VAL G 37 -24.64 -11.79 -23.27
CA VAL G 37 -23.68 -10.79 -22.82
C VAL G 37 -22.37 -11.43 -22.38
N LYS G 38 -21.27 -10.82 -22.76
CA LYS G 38 -19.93 -11.29 -22.39
C LYS G 38 -19.31 -10.32 -21.40
N GLN G 39 -18.60 -10.86 -20.42
CA GLN G 39 -17.80 -10.06 -19.49
C GLN G 39 -16.42 -10.67 -19.30
N ALA G 40 -15.43 -10.14 -20.02
CA ALA G 40 -14.06 -10.61 -19.87
C ALA G 40 -13.55 -10.30 -18.47
N PRO G 41 -12.56 -11.08 -17.99
CA PRO G 41 -12.03 -10.90 -16.62
C PRO G 41 -11.60 -9.47 -16.32
N GLY G 42 -12.08 -8.94 -15.21
CA GLY G 42 -11.68 -7.61 -14.75
C GLY G 42 -12.23 -6.45 -15.57
N LYS G 43 -12.98 -6.77 -16.63
CA LYS G 43 -13.55 -5.74 -17.49
C LYS G 43 -15.04 -5.60 -17.19
N GLY G 44 -15.70 -4.69 -17.91
CA GLY G 44 -17.11 -4.45 -17.74
C GLY G 44 -17.96 -5.33 -18.62
N LEU G 45 -19.27 -5.10 -18.62
CA LEU G 45 -20.18 -5.87 -19.45
C LEU G 45 -20.03 -5.45 -20.90
N LYS G 46 -20.51 -6.28 -21.81
CA LYS G 46 -20.54 -5.93 -23.23
C LYS G 46 -21.58 -6.76 -23.96
N TRP G 47 -22.51 -6.07 -24.62
CA TRP G 47 -23.60 -6.74 -25.33
C TRP G 47 -23.02 -7.53 -26.50
N LEU G 48 -23.60 -8.69 -26.77
CA LEU G 48 -23.03 -9.62 -27.74
C LEU G 48 -23.98 -9.86 -28.92
N GLY G 49 -25.24 -10.15 -28.62
CA GLY G 49 -26.21 -10.42 -29.66
C GLY G 49 -27.58 -10.84 -29.14
N ARG G 50 -28.63 -10.51 -29.89
CA ARG G 50 -29.97 -11.00 -29.61
C ARG G 50 -30.37 -12.02 -30.67
N ILE G 51 -31.08 -13.06 -30.23
CA ILE G 51 -31.65 -14.03 -31.15
C ILE G 51 -33.17 -14.06 -31.02
N ASN G 52 -33.86 -14.04 -32.16
CA ASN G 52 -35.31 -14.08 -32.17
C ASN G 52 -35.77 -15.50 -31.91
N THR G 53 -36.42 -15.70 -30.77
CA THR G 53 -36.83 -17.03 -30.34
C THR G 53 -38.03 -17.57 -31.13
N GLU G 54 -38.48 -16.82 -32.13
CA GLU G 54 -39.61 -17.23 -32.96
C GLU G 54 -39.16 -17.60 -34.36
N THR G 55 -38.27 -16.80 -34.93
CA THR G 55 -37.86 -16.94 -36.32
C THR G 55 -36.52 -17.67 -36.45
N GLY G 56 -35.69 -17.61 -35.41
CA GLY G 56 -34.36 -18.20 -35.44
C GLY G 56 -33.32 -17.13 -35.73
N GLU G 57 -33.76 -16.07 -36.39
CA GLU G 57 -32.90 -14.95 -36.73
C GLU G 57 -32.20 -14.37 -35.51
N ALA G 58 -30.90 -14.08 -35.67
CA ALA G 58 -30.13 -13.45 -34.61
C ALA G 58 -29.17 -12.41 -35.19
N LYS G 59 -28.91 -11.35 -34.43
CA LYS G 59 -27.97 -10.31 -34.83
C LYS G 59 -26.91 -10.12 -33.75
N TYR G 60 -25.65 -10.21 -34.14
CA TYR G 60 -24.55 -10.14 -33.18
C TYR G 60 -23.40 -9.27 -33.68
N VAL G 61 -22.48 -8.95 -32.77
CA VAL G 61 -21.38 -8.03 -33.07
C VAL G 61 -20.03 -8.66 -32.78
N ASP G 62 -19.74 -9.76 -33.47
CA ASP G 62 -18.44 -10.43 -33.34
C ASP G 62 -17.53 -10.07 -34.50
N ASP G 63 -16.27 -9.81 -34.18
CA ASP G 63 -15.25 -9.59 -35.20
C ASP G 63 -15.01 -10.92 -35.92
N PHE G 64 -14.59 -10.83 -37.19
CA PHE G 64 -14.26 -12.01 -37.99
C PHE G 64 -15.51 -12.85 -38.32
N MET G 65 -15.51 -13.46 -39.49
CA MET G 65 -16.63 -14.31 -39.88
C MET G 65 -16.67 -15.58 -39.03
N GLY G 66 -17.81 -16.25 -39.04
CA GLY G 66 -18.03 -17.42 -38.20
C GLY G 66 -17.76 -17.07 -36.76
N HIS G 67 -17.10 -17.97 -36.04
CA HIS G 67 -16.69 -17.72 -34.66
C HIS G 67 -17.85 -17.52 -33.69
N LEU G 68 -18.90 -16.82 -34.10
CA LEU G 68 -20.07 -16.60 -33.27
C LEU G 68 -21.35 -17.04 -33.99
N ALA G 69 -21.89 -18.19 -33.58
CA ALA G 69 -23.11 -18.74 -34.20
C ALA G 69 -24.19 -19.03 -33.15
N PHE G 70 -25.25 -18.22 -33.16
CA PHE G 70 -26.39 -18.44 -32.27
C PHE G 70 -27.41 -19.37 -32.92
N SER G 71 -27.98 -20.26 -32.11
CA SER G 71 -28.96 -21.21 -32.60
C SER G 71 -30.01 -21.50 -31.52
N LEU G 72 -31.03 -22.28 -31.90
CA LEU G 72 -32.14 -22.58 -31.01
C LEU G 72 -32.48 -24.07 -30.95
N GLU G 73 -33.25 -24.42 -29.93
CA GLU G 73 -33.95 -25.70 -29.89
C GLU G 73 -35.28 -25.47 -29.20
N THR G 74 -36.17 -24.78 -29.90
CA THR G 74 -37.50 -24.44 -29.40
C THR G 74 -38.21 -25.62 -28.75
N SER G 75 -37.98 -26.81 -29.31
CA SER G 75 -38.61 -28.03 -28.80
C SER G 75 -38.31 -28.29 -27.33
N ALA G 76 -37.29 -27.60 -26.80
CA ALA G 76 -36.91 -27.77 -25.40
C ALA G 76 -36.52 -26.43 -24.77
N SER G 77 -37.17 -25.36 -25.23
CA SER G 77 -36.95 -24.00 -24.71
C SER G 77 -35.50 -23.70 -24.36
N THR G 78 -34.59 -23.91 -25.31
CA THR G 78 -33.17 -23.76 -25.06
C THR G 78 -32.48 -23.00 -26.19
N ALA G 79 -31.75 -21.95 -25.81
CA ALA G 79 -30.96 -21.17 -26.76
C ALA G 79 -29.48 -21.50 -26.60
N TYR G 80 -28.77 -21.60 -27.72
CA TYR G 80 -27.37 -21.98 -27.71
C TYR G 80 -26.47 -20.87 -28.22
N LEU G 81 -25.25 -20.82 -27.68
CA LEU G 81 -24.21 -19.93 -28.19
C LEU G 81 -22.95 -20.75 -28.44
N GLN G 82 -22.50 -20.76 -29.70
CA GLN G 82 -21.34 -21.54 -30.11
C GLN G 82 -20.16 -20.66 -30.51
N ILE G 83 -19.00 -20.95 -29.93
CA ILE G 83 -17.76 -20.25 -30.27
C ILE G 83 -16.79 -21.22 -30.94
N ASN G 84 -16.43 -20.92 -32.20
CA ASN G 84 -15.77 -21.90 -33.06
C ASN G 84 -14.23 -21.90 -33.03
N ASN G 85 -13.62 -20.72 -33.14
CA ASN G 85 -12.17 -20.60 -33.21
C ASN G 85 -11.66 -19.84 -31.98
N LEU G 86 -11.54 -20.56 -30.87
CA LEU G 86 -11.28 -19.95 -29.58
C LEU G 86 -9.91 -19.29 -29.49
N LYS G 87 -9.82 -18.32 -28.59
CA LYS G 87 -8.62 -17.52 -28.38
C LYS G 87 -8.53 -17.13 -26.92
N ASN G 88 -7.41 -16.57 -26.50
CA ASN G 88 -7.23 -16.15 -25.11
C ASN G 88 -8.11 -14.95 -24.77
N GLU G 89 -8.56 -14.23 -25.79
CA GLU G 89 -9.46 -13.10 -25.58
C GLU G 89 -10.85 -13.59 -25.21
N ASP G 90 -11.25 -14.72 -25.77
CA ASP G 90 -12.60 -15.25 -25.57
C ASP G 90 -12.84 -15.70 -24.14
N THR G 91 -11.77 -15.97 -23.40
CA THR G 91 -11.87 -16.31 -22.00
C THR G 91 -12.65 -15.24 -21.26
N ALA G 92 -13.86 -15.60 -20.83
CA ALA G 92 -14.74 -14.65 -20.16
C ALA G 92 -15.90 -15.34 -19.47
N THR G 93 -16.79 -14.54 -18.88
CA THR G 93 -18.04 -15.04 -18.32
C THR G 93 -19.17 -14.64 -19.26
N TYR G 94 -19.99 -15.62 -19.64
CA TYR G 94 -21.06 -15.39 -20.61
C TYR G 94 -22.44 -15.52 -19.97
N PHE G 95 -23.28 -14.53 -20.22
CA PHE G 95 -24.64 -14.50 -19.68
C PHE G 95 -25.68 -14.46 -20.79
N CYS G 96 -26.74 -15.24 -20.63
CA CYS G 96 -27.93 -15.10 -21.47
C CYS G 96 -29.01 -14.41 -20.64
N ALA G 97 -29.94 -13.73 -21.31
CA ALA G 97 -30.97 -13.01 -20.59
C ALA G 97 -32.19 -12.71 -21.46
N ARG G 98 -33.34 -12.64 -20.80
CA ARG G 98 -34.60 -12.33 -21.45
C ARG G 98 -34.80 -10.83 -21.47
N TYR G 99 -35.49 -10.33 -22.49
CA TYR G 99 -35.86 -8.92 -22.58
C TYR G 99 -37.36 -8.78 -22.75
N ASP G 100 -38.00 -8.23 -21.72
CA ASP G 100 -39.46 -8.09 -21.72
C ASP G 100 -39.95 -7.18 -22.82
N GLY G 101 -40.46 -7.80 -23.89
CA GLY G 101 -41.02 -7.06 -25.01
C GLY G 101 -42.48 -6.70 -24.79
N TYR G 102 -43.12 -7.37 -23.83
CA TYR G 102 -44.53 -7.15 -23.54
C TYR G 102 -44.78 -5.99 -22.59
N SER G 103 -43.93 -5.85 -21.58
CA SER G 103 -44.17 -4.89 -20.49
C SER G 103 -42.93 -4.07 -20.16
N TRP G 104 -43.09 -3.15 -19.21
CA TRP G 104 -42.04 -2.16 -18.92
C TRP G 104 -41.00 -2.66 -17.93
N ASP G 105 -40.75 -3.97 -17.95
CA ASP G 105 -39.54 -4.51 -17.36
C ASP G 105 -38.48 -4.54 -18.45
N ALA G 106 -37.23 -4.79 -18.06
CA ALA G 106 -36.13 -4.80 -19.01
C ALA G 106 -35.48 -6.18 -18.98
N MET G 107 -34.15 -6.23 -19.03
CA MET G 107 -33.44 -7.47 -18.78
C MET G 107 -33.82 -7.99 -17.40
N ASP G 108 -35.04 -8.50 -17.27
CA ASP G 108 -35.63 -8.80 -15.98
C ASP G 108 -35.13 -10.10 -15.36
N TYR G 109 -34.69 -11.02 -16.21
CA TYR G 109 -34.19 -12.31 -15.75
C TYR G 109 -32.92 -12.71 -16.47
N TRP G 110 -31.88 -13.02 -15.70
CA TRP G 110 -30.57 -13.36 -16.23
C TRP G 110 -30.21 -14.81 -15.96
N GLY G 111 -29.11 -15.25 -16.56
CA GLY G 111 -28.60 -16.60 -16.36
C GLY G 111 -27.55 -16.65 -15.27
N GLN G 112 -27.24 -17.88 -14.86
CA GLN G 112 -26.21 -18.12 -13.85
C GLN G 112 -24.87 -17.51 -14.23
N GLY G 113 -24.50 -17.64 -15.50
CA GLY G 113 -23.21 -17.20 -15.99
C GLY G 113 -22.26 -18.36 -16.25
N THR G 114 -21.92 -18.56 -17.52
CA THR G 114 -20.98 -19.62 -17.91
C THR G 114 -19.58 -19.05 -18.02
N SER G 115 -18.60 -19.81 -17.55
CA SER G 115 -17.21 -19.35 -17.52
C SER G 115 -16.32 -20.14 -18.46
N VAL G 116 -16.17 -19.64 -19.68
CA VAL G 116 -15.30 -20.26 -20.66
C VAL G 116 -13.84 -19.89 -20.40
N ILE G 117 -12.99 -20.89 -20.26
CA ILE G 117 -11.56 -20.68 -20.06
C ILE G 117 -10.78 -21.29 -21.22
N VAL G 118 -10.12 -20.43 -22.00
CA VAL G 118 -9.32 -20.86 -23.12
C VAL G 118 -7.84 -20.71 -22.80
N SER G 119 -7.13 -21.83 -22.77
CA SER G 119 -5.69 -21.84 -22.50
C SER G 119 -5.08 -23.18 -22.87
N SER G 120 -3.79 -23.19 -23.14
CA SER G 120 -3.09 -24.40 -23.57
C SER G 120 -2.66 -25.24 -22.39
N ALA G 121 -2.64 -24.64 -21.20
CA ALA G 121 -2.20 -25.34 -20.00
C ALA G 121 -3.14 -26.49 -19.68
N LYS G 122 -2.55 -27.60 -19.22
CA LYS G 122 -3.33 -28.79 -18.87
C LYS G 122 -3.86 -28.69 -17.46
N THR G 123 -4.97 -29.38 -17.20
CA THR G 123 -5.57 -29.41 -15.86
C THR G 123 -4.59 -29.98 -14.84
N THR G 124 -4.39 -29.22 -13.76
CA THR G 124 -3.47 -29.60 -12.70
C THR G 124 -4.11 -29.40 -11.33
N PRO G 125 -4.11 -30.43 -10.47
CA PRO G 125 -4.65 -30.26 -9.12
C PRO G 125 -3.72 -29.47 -8.20
N PRO G 126 -4.26 -28.84 -7.15
CA PRO G 126 -3.45 -28.02 -6.24
C PRO G 126 -2.73 -28.81 -5.15
N SER G 127 -1.69 -28.20 -4.61
CA SER G 127 -1.05 -28.70 -3.39
C SER G 127 -1.50 -27.85 -2.21
N VAL G 128 -1.96 -28.50 -1.15
CA VAL G 128 -2.52 -27.79 0.01
C VAL G 128 -1.56 -27.87 1.19
N TYR G 129 -0.97 -26.72 1.53
CA TYR G 129 0.00 -26.62 2.61
C TYR G 129 -0.58 -25.85 3.79
N PRO G 130 -0.55 -26.43 5.00
CA PRO G 130 -1.07 -25.70 6.16
C PRO G 130 -0.09 -24.66 6.68
N LEU G 131 -0.62 -23.51 7.12
CA LEU G 131 0.20 -22.44 7.68
C LEU G 131 -0.07 -22.28 9.17
N ALA G 132 0.90 -22.67 9.98
CA ALA G 132 0.79 -22.59 11.43
C ALA G 132 1.91 -21.73 12.00
N PRO G 133 1.63 -21.01 13.10
CA PRO G 133 2.69 -20.20 13.75
C PRO G 133 3.88 -21.05 14.20
N GLY G 134 5.08 -20.70 13.71
CA GLY G 134 6.29 -21.41 14.07
C GLY G 134 6.57 -21.40 15.55
N SER G 135 6.85 -20.21 16.08
CA SER G 135 7.07 -20.04 17.51
C SER G 135 6.96 -18.58 17.92
N ALA G 136 6.25 -17.80 17.11
CA ALA G 136 6.02 -16.39 17.41
C ALA G 136 5.21 -16.25 18.70
N ALA G 137 5.41 -15.14 19.40
CA ALA G 137 4.69 -14.83 20.62
C ALA G 137 3.18 -15.00 20.41
N GLN G 138 2.49 -15.36 21.49
CA GLN G 138 1.03 -15.57 21.42
C GLN G 138 0.31 -14.27 21.03
N THR G 139 0.98 -13.14 21.17
CA THR G 139 0.41 -11.83 20.84
C THR G 139 -0.85 -11.58 21.68
N ASN G 140 -1.77 -10.77 21.16
CA ASN G 140 -3.00 -10.43 21.86
C ASN G 140 -3.77 -11.66 22.34
N SER G 141 -4.50 -12.29 21.43
CA SER G 141 -5.30 -13.45 21.77
C SER G 141 -5.78 -14.18 20.50
N MET G 142 -5.95 -13.41 19.43
CA MET G 142 -6.44 -13.97 18.18
C MET G 142 -5.27 -14.49 17.33
N VAL G 143 -5.07 -15.79 17.34
CA VAL G 143 -4.02 -16.41 16.53
C VAL G 143 -4.44 -16.46 15.07
N THR G 144 -3.48 -16.30 14.17
CA THR G 144 -3.74 -16.33 12.73
C THR G 144 -3.21 -17.63 12.13
N LEU G 145 -4.11 -18.39 11.50
CA LEU G 145 -3.73 -19.60 10.76
C LEU G 145 -3.98 -19.37 9.28
N GLY G 146 -3.50 -20.28 8.44
CA GLY G 146 -3.70 -20.14 7.01
C GLY G 146 -3.61 -21.43 6.21
N CYS G 147 -3.80 -21.30 4.90
CA CYS G 147 -3.69 -22.41 3.96
C CYS G 147 -3.15 -21.90 2.63
N LEU G 148 -2.11 -22.55 2.12
CA LEU G 148 -1.52 -22.19 0.84
C LEU G 148 -1.89 -23.21 -0.23
N VAL G 149 -2.64 -22.76 -1.24
CA VAL G 149 -3.08 -23.63 -2.33
C VAL G 149 -2.26 -23.29 -3.57
N LYS G 150 -1.26 -24.12 -3.85
CA LYS G 150 -0.24 -23.81 -4.85
C LYS G 150 -0.30 -24.72 -6.08
N GLY G 151 0.03 -24.15 -7.24
CA GLY G 151 0.27 -24.92 -8.44
C GLY G 151 -0.91 -25.72 -8.98
N TYR G 152 -2.00 -25.03 -9.30
CA TYR G 152 -3.15 -25.68 -9.93
C TYR G 152 -3.61 -24.95 -11.18
N PHE G 153 -4.43 -25.64 -11.97
CA PHE G 153 -5.02 -25.07 -13.17
C PHE G 153 -6.17 -25.95 -13.65
N PRO G 154 -7.26 -25.34 -14.14
CA PRO G 154 -7.56 -23.90 -14.22
C PRO G 154 -8.27 -23.40 -12.97
N GLU G 155 -8.75 -22.16 -13.02
CA GLU G 155 -9.63 -21.64 -12.00
C GLU G 155 -11.00 -22.32 -12.13
N PRO G 156 -11.82 -22.31 -11.07
CA PRO G 156 -11.60 -21.68 -9.76
C PRO G 156 -11.22 -22.67 -8.66
N VAL G 157 -10.86 -22.12 -7.50
CA VAL G 157 -10.70 -22.90 -6.28
C VAL G 157 -11.44 -22.20 -5.16
N THR G 158 -12.15 -22.97 -4.34
CA THR G 158 -12.92 -22.42 -3.22
C THR G 158 -12.36 -22.93 -1.91
N VAL G 159 -12.32 -22.06 -0.91
CA VAL G 159 -11.81 -22.42 0.42
C VAL G 159 -12.80 -22.06 1.51
N THR G 160 -13.05 -23.01 2.40
CA THR G 160 -13.86 -22.79 3.59
C THR G 160 -13.12 -23.33 4.81
N TRP G 161 -13.55 -22.89 5.99
CA TRP G 161 -12.95 -23.35 7.25
C TRP G 161 -14.01 -24.02 8.13
N ASN G 162 -13.71 -25.23 8.59
CA ASN G 162 -14.64 -26.03 9.35
C ASN G 162 -15.96 -26.23 8.60
N SER G 163 -15.85 -26.52 7.31
CA SER G 163 -17.00 -26.76 6.45
C SER G 163 -17.92 -25.54 6.37
N GLY G 164 -17.36 -24.37 6.67
CA GLY G 164 -18.09 -23.11 6.56
C GLY G 164 -18.59 -22.59 7.90
N SER G 165 -18.30 -23.31 8.97
CA SER G 165 -18.69 -22.88 10.30
C SER G 165 -17.89 -21.65 10.72
N LEU G 166 -16.63 -21.61 10.31
CA LEU G 166 -15.78 -20.45 10.53
C LEU G 166 -15.84 -19.51 9.32
N SER G 167 -16.61 -18.44 9.47
CA SER G 167 -16.81 -17.47 8.38
C SER G 167 -16.26 -16.10 8.74
N SER G 168 -16.20 -15.82 10.04
CA SER G 168 -15.69 -14.54 10.52
C SER G 168 -14.18 -14.57 10.66
N GLY G 169 -13.53 -13.45 10.35
CA GLY G 169 -12.09 -13.36 10.43
C GLY G 169 -11.39 -14.08 9.29
N VAL G 170 -12.18 -14.56 8.33
CA VAL G 170 -11.66 -15.28 7.19
C VAL G 170 -11.37 -14.34 6.03
N HIS G 171 -10.16 -14.44 5.48
CA HIS G 171 -9.78 -13.70 4.30
C HIS G 171 -9.21 -14.64 3.25
N THR G 172 -9.94 -14.78 2.14
CA THR G 172 -9.51 -15.62 1.03
C THR G 172 -9.02 -14.76 -0.13
N PHE G 173 -7.72 -14.83 -0.41
CA PHE G 173 -7.10 -13.93 -1.38
C PHE G 173 -7.22 -14.47 -2.81
N PRO G 174 -7.43 -13.56 -3.78
CA PRO G 174 -7.51 -13.97 -5.19
C PRO G 174 -6.27 -14.68 -5.71
N ALA G 175 -6.45 -15.69 -6.55
CA ALA G 175 -5.34 -16.42 -7.13
C ALA G 175 -4.52 -15.52 -8.06
N VAL G 176 -3.23 -15.82 -8.18
CA VAL G 176 -2.35 -15.11 -9.11
C VAL G 176 -1.65 -16.11 -10.03
N LEU G 177 -1.69 -15.84 -11.33
CA LEU G 177 -1.13 -16.74 -12.33
C LEU G 177 0.35 -16.48 -12.56
N GLN G 178 1.16 -17.53 -12.39
CA GLN G 178 2.59 -17.45 -12.64
C GLN G 178 3.10 -18.70 -13.36
N SER G 179 3.38 -18.56 -14.65
CA SER G 179 3.86 -19.65 -15.49
C SER G 179 2.88 -20.84 -15.53
N ASP G 180 1.71 -20.60 -16.13
CA ASP G 180 0.72 -21.64 -16.38
C ASP G 180 0.26 -22.37 -15.11
N LEU G 181 0.45 -21.75 -13.95
CA LEU G 181 -0.05 -22.31 -12.69
C LEU G 181 -0.48 -21.22 -11.72
N TYR G 182 -1.66 -21.38 -11.14
CA TYR G 182 -2.19 -20.43 -10.16
C TYR G 182 -1.69 -20.76 -8.76
N THR G 183 -1.67 -19.73 -7.91
CA THR G 183 -1.36 -19.92 -6.49
C THR G 183 -2.33 -19.08 -5.65
N LEU G 184 -2.96 -19.72 -4.68
CA LEU G 184 -3.97 -19.08 -3.85
C LEU G 184 -3.65 -19.31 -2.38
N SER G 185 -4.08 -18.38 -1.53
CA SER G 185 -3.89 -18.50 -0.09
C SER G 185 -5.07 -17.93 0.68
N SER G 186 -5.28 -18.46 1.89
CA SER G 186 -6.38 -18.04 2.74
C SER G 186 -5.95 -18.04 4.20
N SER G 187 -6.47 -17.09 4.97
CA SER G 187 -6.16 -16.98 6.39
C SER G 187 -7.43 -16.93 7.24
N VAL G 188 -7.30 -17.33 8.49
CA VAL G 188 -8.41 -17.23 9.45
C VAL G 188 -7.87 -16.80 10.81
N THR G 189 -8.57 -15.85 11.42
CA THR G 189 -8.16 -15.31 12.71
C THR G 189 -9.20 -15.65 13.78
N VAL G 190 -8.79 -16.51 14.71
CA VAL G 190 -9.66 -16.94 15.81
C VAL G 190 -8.94 -16.74 17.14
N PRO G 191 -9.70 -16.64 18.25
CA PRO G 191 -9.09 -16.40 19.56
C PRO G 191 -8.12 -17.52 19.97
N SER G 192 -7.31 -17.26 20.98
CA SER G 192 -6.34 -18.25 21.46
C SER G 192 -7.01 -19.39 22.22
N SER G 193 -8.28 -19.21 22.57
CA SER G 193 -9.00 -20.26 23.30
C SER G 193 -9.43 -21.39 22.35
N PRO G 194 -10.17 -21.07 21.28
CA PRO G 194 -10.63 -22.15 20.39
C PRO G 194 -9.54 -22.80 19.52
N ARG G 195 -8.26 -22.63 19.86
CA ARG G 195 -7.19 -23.36 19.19
C ARG G 195 -5.89 -23.23 19.97
N PRO G 196 -5.06 -24.29 20.00
CA PRO G 196 -5.18 -25.64 19.42
C PRO G 196 -6.30 -26.49 20.04
N SER G 197 -6.97 -25.98 21.08
CA SER G 197 -7.91 -26.79 21.85
C SER G 197 -9.03 -27.36 20.98
N GLU G 198 -9.70 -26.51 20.22
CA GLU G 198 -10.72 -26.96 19.27
C GLU G 198 -10.15 -27.16 17.87
N THR G 199 -10.94 -27.78 17.00
CA THR G 199 -10.49 -28.19 15.66
C THR G 199 -10.64 -27.08 14.61
N VAL G 200 -9.54 -26.81 13.90
CA VAL G 200 -9.54 -25.87 12.78
C VAL G 200 -8.99 -26.55 11.52
N THR G 201 -9.86 -26.78 10.55
CA THR G 201 -9.48 -27.41 9.29
C THR G 201 -9.97 -26.59 8.09
N CYS G 202 -9.09 -26.38 7.12
CA CYS G 202 -9.46 -25.69 5.89
C CYS G 202 -9.88 -26.69 4.82
N ASN G 203 -11.04 -26.44 4.21
CA ASN G 203 -11.55 -27.30 3.14
C ASN G 203 -11.44 -26.61 1.78
N VAL G 204 -10.60 -27.17 0.92
CA VAL G 204 -10.37 -26.59 -0.40
C VAL G 204 -10.86 -27.56 -1.48
N ALA G 205 -11.52 -27.00 -2.50
CA ALA G 205 -12.06 -27.79 -3.60
C ALA G 205 -11.66 -27.21 -4.95
N HIS G 206 -11.24 -28.09 -5.86
CA HIS G 206 -10.87 -27.70 -7.22
C HIS G 206 -11.65 -28.59 -8.20
N PRO G 207 -12.88 -28.18 -8.54
CA PRO G 207 -13.80 -29.04 -9.30
C PRO G 207 -13.29 -29.47 -10.68
N ALA G 208 -12.36 -28.73 -11.25
CA ALA G 208 -11.83 -29.06 -12.57
C ALA G 208 -11.12 -30.41 -12.57
N SER G 209 -10.46 -30.73 -11.45
CA SER G 209 -9.76 -32.00 -11.29
C SER G 209 -10.47 -32.89 -10.26
N SER G 210 -11.66 -32.49 -9.85
CA SER G 210 -12.46 -33.24 -8.88
C SER G 210 -11.70 -33.44 -7.58
N THR G 211 -10.95 -32.42 -7.17
CA THR G 211 -10.12 -32.48 -5.97
C THR G 211 -10.85 -31.92 -4.74
N LYS G 212 -10.72 -32.64 -3.63
CA LYS G 212 -11.23 -32.17 -2.33
C LYS G 212 -10.22 -32.51 -1.24
N VAL G 213 -9.71 -31.49 -0.55
CA VAL G 213 -8.71 -31.67 0.49
C VAL G 213 -9.10 -30.95 1.78
N ASP G 214 -9.18 -31.70 2.87
CA ASP G 214 -9.46 -31.14 4.19
C ASP G 214 -8.19 -31.16 5.04
N LYS G 215 -7.51 -30.03 5.10
CA LYS G 215 -6.24 -29.93 5.82
C LYS G 215 -6.43 -29.37 7.23
N LYS G 216 -6.02 -30.16 8.22
CA LYS G 216 -6.07 -29.71 9.61
C LYS G 216 -4.80 -28.96 9.99
N ILE G 217 -4.95 -27.81 10.63
CA ILE G 217 -3.82 -27.00 11.07
C ILE G 217 -3.36 -27.42 12.46
N VAL G 218 -2.14 -27.96 12.54
CA VAL G 218 -1.57 -28.38 13.80
C VAL G 218 -0.30 -27.57 14.10
N PRO G 219 -0.10 -27.20 15.38
CA PRO G 219 1.01 -26.32 15.76
C PRO G 219 2.40 -26.92 15.48
N ARG G 220 3.39 -26.06 15.31
CA ARG G 220 4.76 -26.47 15.05
C ARG G 220 5.55 -26.58 16.35
N ASP G 221 6.06 -25.45 16.82
CA ASP G 221 6.87 -25.36 18.05
C ASP G 221 7.78 -26.56 18.31
N CYS G 222 8.47 -27.01 17.27
CA CYS G 222 9.42 -28.13 17.37
C CYS G 222 8.71 -29.45 17.68
N GLN H 1 -29.13 62.73 -44.95
CA GLN H 1 -30.33 62.23 -45.66
C GLN H 1 -29.99 61.87 -47.09
N VAL H 2 -29.89 60.57 -47.37
CA VAL H 2 -29.69 60.10 -48.74
C VAL H 2 -31.06 60.03 -49.43
N LYS H 3 -31.08 59.52 -50.66
CA LYS H 3 -32.32 59.36 -51.40
C LYS H 3 -32.07 58.64 -52.72
N LEU H 4 -33.00 57.77 -53.08
CA LEU H 4 -32.94 57.05 -54.35
C LEU H 4 -33.95 57.62 -55.31
N GLN H 5 -33.49 58.00 -56.50
CA GLN H 5 -34.34 58.61 -57.50
C GLN H 5 -34.41 57.71 -58.73
N GLN H 6 -35.62 57.26 -59.06
CA GLN H 6 -35.83 56.36 -60.20
C GLN H 6 -36.35 57.12 -61.41
N SER H 7 -36.58 56.40 -62.50
CA SER H 7 -37.09 56.99 -63.72
C SER H 7 -38.61 57.15 -63.70
N GLY H 8 -39.12 58.01 -64.57
CA GLY H 8 -40.55 58.24 -64.65
C GLY H 8 -41.31 57.02 -65.12
N PRO H 9 -42.65 57.14 -65.20
CA PRO H 9 -43.46 55.99 -65.62
C PRO H 9 -43.29 55.69 -67.10
N GLU H 10 -43.60 54.47 -67.51
CA GLU H 10 -43.34 54.03 -68.87
C GLU H 10 -44.56 53.33 -69.47
N LEU H 11 -44.77 53.51 -70.76
CA LEU H 11 -45.81 52.83 -71.49
C LEU H 11 -45.18 52.04 -72.62
N LYS H 12 -45.34 50.73 -72.59
CA LYS H 12 -44.74 49.87 -73.59
C LYS H 12 -45.71 48.78 -74.06
N LYS H 13 -45.58 48.38 -75.32
CA LYS H 13 -46.41 47.34 -75.89
C LYS H 13 -45.84 45.97 -75.51
N PRO H 14 -46.65 44.91 -75.63
CA PRO H 14 -46.16 43.57 -75.28
C PRO H 14 -45.03 43.10 -76.20
N GLY H 15 -43.90 42.72 -75.60
CA GLY H 15 -42.77 42.20 -76.35
C GLY H 15 -41.67 43.23 -76.56
N GLU H 16 -41.86 44.42 -75.99
CA GLU H 16 -40.87 45.49 -76.09
C GLU H 16 -39.89 45.44 -74.91
N THR H 17 -38.88 46.31 -74.95
CA THR H 17 -37.90 46.41 -73.88
C THR H 17 -38.04 47.73 -73.14
N VAL H 18 -37.74 47.71 -71.84
CA VAL H 18 -37.74 48.92 -71.04
C VAL H 18 -36.60 48.90 -70.04
N LYS H 19 -35.94 50.05 -69.88
CA LYS H 19 -34.83 50.19 -68.96
C LYS H 19 -35.11 51.28 -67.96
N ILE H 20 -35.46 50.89 -66.73
CA ILE H 20 -35.73 51.85 -65.67
C ILE H 20 -34.46 52.06 -64.84
N SER H 21 -34.18 53.32 -64.53
CA SER H 21 -32.95 53.69 -63.85
C SER H 21 -33.23 54.02 -62.40
N CYS H 22 -32.19 53.94 -61.57
CA CYS H 22 -32.27 54.31 -60.16
C CYS H 22 -30.94 54.91 -59.73
N LYS H 23 -30.98 56.16 -59.27
CA LYS H 23 -29.75 56.87 -58.88
C LYS H 23 -29.73 57.19 -57.40
N ALA H 24 -28.62 56.84 -56.76
CA ALA H 24 -28.42 57.12 -55.35
C ALA H 24 -27.55 58.35 -55.19
N SER H 25 -28.03 59.30 -54.41
CA SER H 25 -27.27 60.51 -54.12
C SER H 25 -27.37 60.83 -52.64
N GLY H 26 -26.27 60.65 -51.93
CA GLY H 26 -26.26 60.91 -50.50
C GLY H 26 -25.22 60.07 -49.78
N TYR H 27 -24.95 58.90 -50.32
CA TYR H 27 -23.94 58.00 -49.76
C TYR H 27 -22.98 57.56 -50.85
N THR H 28 -22.02 56.71 -50.50
CA THR H 28 -21.06 56.18 -51.47
C THR H 28 -21.69 54.98 -52.16
N PHE H 29 -22.04 55.17 -53.42
CA PHE H 29 -22.81 54.17 -54.19
C PHE H 29 -22.24 52.76 -54.08
N THR H 30 -20.92 52.66 -54.07
CA THR H 30 -20.26 51.37 -54.15
C THR H 30 -20.05 50.73 -52.77
N ASP H 31 -20.68 51.29 -51.74
CA ASP H 31 -20.52 50.79 -50.38
C ASP H 31 -21.81 50.17 -49.85
N TYR H 32 -22.75 49.92 -50.75
CA TYR H 32 -24.06 49.38 -50.38
C TYR H 32 -24.71 48.64 -51.53
N SER H 33 -25.09 47.39 -51.31
CA SER H 33 -25.83 46.62 -52.29
C SER H 33 -27.18 47.27 -52.56
N MET H 34 -27.70 47.08 -53.77
CA MET H 34 -28.98 47.66 -54.19
C MET H 34 -29.95 46.54 -54.55
N HIS H 35 -31.16 46.59 -53.98
CA HIS H 35 -32.15 45.55 -54.19
C HIS H 35 -33.34 46.10 -54.96
N TRP H 36 -33.96 45.25 -55.78
CA TRP H 36 -35.14 45.63 -56.54
C TRP H 36 -36.36 44.82 -56.08
N VAL H 37 -37.50 45.50 -55.97
CA VAL H 37 -38.75 44.87 -55.54
C VAL H 37 -39.89 45.22 -56.48
N LYS H 38 -40.71 44.21 -56.80
CA LYS H 38 -41.88 44.38 -57.65
C LYS H 38 -43.16 44.24 -56.85
N GLN H 39 -44.14 45.08 -57.17
CA GLN H 39 -45.48 44.95 -56.60
C GLN H 39 -46.53 45.08 -57.70
N ALA H 40 -47.03 43.93 -58.16
CA ALA H 40 -48.06 43.90 -59.19
C ALA H 40 -49.36 44.50 -58.65
N PRO H 41 -50.23 45.00 -59.55
CA PRO H 41 -51.49 45.65 -59.17
C PRO H 41 -52.35 44.84 -58.22
N GLY H 42 -52.75 45.45 -57.11
CA GLY H 42 -53.63 44.81 -56.14
C GLY H 42 -52.97 43.69 -55.34
N LYS H 43 -51.71 43.40 -55.64
CA LYS H 43 -50.98 42.34 -54.95
C LYS H 43 -49.99 42.90 -53.94
N GLY H 44 -49.29 42.01 -53.26
CA GLY H 44 -48.31 42.39 -52.27
C GLY H 44 -46.92 42.56 -52.86
N LEU H 45 -45.95 42.79 -51.99
CA LEU H 45 -44.56 42.94 -52.43
C LEU H 45 -43.97 41.59 -52.82
N LYS H 46 -42.88 41.64 -53.57
CA LYS H 46 -42.14 40.44 -53.92
C LYS H 46 -40.71 40.80 -54.28
N TRP H 47 -39.76 40.20 -53.57
CA TRP H 47 -38.35 40.48 -53.79
C TRP H 47 -37.92 40.00 -55.17
N LEU H 48 -37.03 40.76 -55.81
CA LEU H 48 -36.67 40.52 -57.20
C LEU H 48 -35.20 40.16 -57.38
N GLY H 49 -34.32 40.95 -56.78
CA GLY H 49 -32.89 40.72 -56.92
C GLY H 49 -32.02 41.78 -56.26
N ARG H 50 -30.84 41.37 -55.79
CA ARG H 50 -29.84 42.31 -55.30
C ARG H 50 -28.69 42.37 -56.29
N ILE H 51 -28.14 43.57 -56.47
CA ILE H 51 -26.95 43.75 -57.29
C ILE H 51 -25.82 44.33 -56.45
N ASN H 52 -24.64 43.72 -56.56
CA ASN H 52 -23.48 44.17 -55.82
C ASN H 52 -22.90 45.41 -56.50
N THR H 53 -22.99 46.55 -55.81
CA THR H 53 -22.57 47.82 -56.38
C THR H 53 -21.05 47.97 -56.46
N GLU H 54 -20.32 46.91 -56.13
CA GLU H 54 -18.87 46.93 -56.19
C GLU H 54 -18.35 46.05 -57.32
N THR H 55 -18.92 44.85 -57.45
CA THR H 55 -18.41 43.84 -58.37
C THR H 55 -19.20 43.78 -59.68
N GLY H 56 -20.47 44.18 -59.63
CA GLY H 56 -21.35 44.09 -60.78
C GLY H 56 -22.23 42.85 -60.69
N GLU H 57 -21.75 41.85 -59.98
CA GLU H 57 -22.48 40.61 -59.76
C GLU H 57 -23.86 40.89 -59.16
N ALA H 58 -24.88 40.22 -59.72
CA ALA H 58 -26.24 40.34 -59.23
C ALA H 58 -26.95 38.99 -59.27
N LYS H 59 -27.85 38.76 -58.31
CA LYS H 59 -28.63 37.53 -58.25
C LYS H 59 -30.12 37.85 -58.20
N TYR H 60 -30.90 37.26 -59.10
CA TYR H 60 -32.33 37.56 -59.17
C TYR H 60 -33.16 36.29 -59.36
N VAL H 61 -34.47 36.42 -59.18
CA VAL H 61 -35.37 35.27 -59.21
C VAL H 61 -36.49 35.48 -60.23
N ASP H 62 -36.10 35.66 -61.49
CA ASP H 62 -37.06 35.79 -62.58
C ASP H 62 -37.17 34.49 -63.36
N ASP H 63 -38.40 34.11 -63.72
CA ASP H 63 -38.61 32.97 -64.58
C ASP H 63 -38.07 33.29 -65.97
N PHE H 64 -37.67 32.26 -66.70
CA PHE H 64 -37.18 32.38 -68.08
C PHE H 64 -35.84 33.11 -68.14
N MET H 65 -35.00 32.72 -69.10
CA MET H 65 -33.71 33.36 -69.27
C MET H 65 -33.88 34.77 -69.79
N GLY H 66 -32.82 35.56 -69.66
CA GLY H 66 -32.87 36.96 -70.02
C GLY H 66 -34.00 37.60 -69.26
N HIS H 67 -34.76 38.46 -69.94
CA HIS H 67 -35.94 39.09 -69.36
C HIS H 67 -35.61 40.01 -68.18
N LEU H 68 -34.68 39.60 -67.32
CA LEU H 68 -34.26 40.40 -66.19
C LEU H 68 -32.73 40.57 -66.20
N ALA H 69 -32.27 41.76 -66.55
CA ALA H 69 -30.84 42.04 -66.60
C ALA H 69 -30.52 43.29 -65.77
N PHE H 70 -29.87 43.08 -64.63
CA PHE H 70 -29.42 44.17 -63.78
C PHE H 70 -28.04 44.65 -64.19
N SER H 71 -27.84 45.97 -64.17
CA SER H 71 -26.56 46.56 -64.53
C SER H 71 -26.28 47.80 -63.70
N LEU H 72 -25.07 48.35 -63.85
CA LEU H 72 -24.61 49.49 -63.06
C LEU H 72 -24.06 50.60 -63.93
N GLU H 73 -23.92 51.78 -63.33
CA GLU H 73 -23.08 52.82 -63.89
C GLU H 73 -22.46 53.58 -62.72
N THR H 74 -21.51 52.92 -62.05
CA THR H 74 -20.81 53.46 -60.89
C THR H 74 -20.33 54.88 -61.13
N SER H 75 -19.94 55.17 -62.36
CA SER H 75 -19.46 56.49 -62.74
C SER H 75 -20.49 57.58 -62.47
N ALA H 76 -21.74 57.19 -62.24
CA ALA H 76 -22.80 58.13 -61.96
C ALA H 76 -23.78 57.63 -60.89
N SER H 77 -23.27 56.82 -59.96
CA SER H 77 -24.05 56.26 -58.85
C SER H 77 -25.46 55.86 -59.24
N THR H 78 -25.58 55.03 -60.27
CA THR H 78 -26.89 54.66 -60.82
C THR H 78 -27.00 53.17 -61.11
N ALA H 79 -28.04 52.55 -60.58
CA ALA H 79 -28.32 51.14 -60.84
C ALA H 79 -29.48 51.02 -61.81
N TYR H 80 -29.38 50.08 -62.75
CA TYR H 80 -30.38 49.91 -63.79
C TYR H 80 -31.06 48.55 -63.71
N LEU H 81 -32.33 48.52 -64.10
CA LEU H 81 -33.08 47.29 -64.26
C LEU H 81 -33.72 47.25 -65.64
N GLN H 82 -33.36 46.25 -66.43
CA GLN H 82 -33.84 46.13 -67.80
C GLN H 82 -34.78 44.93 -67.94
N ILE H 83 -35.96 45.18 -68.51
CA ILE H 83 -36.92 44.11 -68.81
C ILE H 83 -37.08 43.96 -70.32
N ASN H 84 -36.73 42.79 -70.84
CA ASN H 84 -36.50 42.61 -72.27
C ASN H 84 -37.71 42.17 -73.11
N ASN H 85 -38.40 41.14 -72.65
CA ASN H 85 -39.54 40.59 -73.39
C ASN H 85 -40.82 40.73 -72.60
N LEU H 86 -41.39 41.93 -72.64
CA LEU H 86 -42.48 42.32 -71.77
C LEU H 86 -43.78 41.53 -72.01
N LYS H 87 -44.59 41.48 -70.97
CA LYS H 87 -45.84 40.74 -70.98
C LYS H 87 -46.86 41.47 -70.12
N ASN H 88 -48.12 41.05 -70.17
CA ASN H 88 -49.16 41.68 -69.37
C ASN H 88 -48.97 41.40 -67.88
N GLU H 89 -48.20 40.35 -67.58
CA GLU H 89 -47.88 40.01 -66.19
C GLU H 89 -46.89 41.01 -65.60
N ASP H 90 -45.99 41.51 -66.44
CA ASP H 90 -44.93 42.40 -65.99
C ASP H 90 -45.45 43.75 -65.52
N THR H 91 -46.66 44.12 -65.94
CA THR H 91 -47.30 45.35 -65.50
C THR H 91 -47.33 45.44 -63.99
N ALA H 92 -46.53 46.35 -63.43
CA ALA H 92 -46.43 46.50 -61.98
C ALA H 92 -45.74 47.80 -61.59
N THR H 93 -45.56 47.98 -60.28
CA THR H 93 -44.77 49.08 -59.75
C THR H 93 -43.44 48.54 -59.23
N TYR H 94 -42.35 49.14 -59.68
CA TYR H 94 -41.00 48.66 -59.35
C TYR H 94 -40.23 49.62 -58.44
N PHE H 95 -39.65 49.08 -57.37
CA PHE H 95 -38.89 49.85 -56.40
C PHE H 95 -37.46 49.37 -56.30
N CYS H 96 -36.51 50.31 -56.21
CA CYS H 96 -35.14 49.98 -55.85
C CYS H 96 -34.90 50.45 -54.43
N ALA H 97 -33.96 49.83 -53.72
CA ALA H 97 -33.70 50.20 -52.33
C ALA H 97 -32.30 49.78 -51.86
N ARG H 98 -31.77 50.56 -50.94
CA ARG H 98 -30.46 50.27 -50.36
C ARG H 98 -30.61 49.36 -49.16
N TYR H 99 -29.62 48.52 -48.90
CA TYR H 99 -29.62 47.68 -47.71
C TYR H 99 -28.36 47.93 -46.89
N ASP H 100 -28.54 48.53 -45.72
CA ASP H 100 -27.41 48.90 -44.86
C ASP H 100 -26.62 47.68 -44.40
N GLY H 101 -25.48 47.46 -45.04
CA GLY H 101 -24.59 46.38 -44.68
C GLY H 101 -23.66 46.75 -43.55
N TYR H 102 -23.56 48.05 -43.28
CA TYR H 102 -22.68 48.54 -42.23
C TYR H 102 -23.30 48.52 -40.84
N SER H 103 -24.59 48.83 -40.75
CA SER H 103 -25.22 49.03 -39.44
C SER H 103 -26.56 48.30 -39.33
N TRP H 104 -27.19 48.41 -38.16
CA TRP H 104 -28.39 47.65 -37.86
C TRP H 104 -29.67 48.33 -38.35
N ASP H 105 -29.55 49.08 -39.44
CA ASP H 105 -30.71 49.48 -40.22
C ASP H 105 -30.95 48.41 -41.29
N ALA H 106 -32.09 48.48 -41.96
CA ALA H 106 -32.43 47.48 -42.99
C ALA H 106 -32.61 48.18 -44.33
N MET H 107 -33.61 47.76 -45.11
CA MET H 107 -34.00 48.51 -46.29
C MET H 107 -34.36 49.93 -45.88
N ASP H 108 -33.35 50.72 -45.55
CA ASP H 108 -33.55 52.00 -44.89
C ASP H 108 -33.99 53.11 -45.85
N TYR H 109 -33.63 52.97 -47.13
CA TYR H 109 -33.98 53.97 -48.13
C TYR H 109 -34.47 53.33 -49.40
N TRP H 110 -35.65 53.76 -49.83
CA TRP H 110 -36.31 53.20 -51.01
C TRP H 110 -36.40 54.23 -52.13
N GLY H 111 -36.83 53.78 -53.30
CA GLY H 111 -37.02 54.64 -54.45
C GLY H 111 -38.45 55.14 -54.55
N GLN H 112 -38.66 56.13 -55.39
CA GLN H 112 -39.97 56.72 -55.63
C GLN H 112 -41.00 55.67 -56.06
N GLY H 113 -40.56 54.74 -56.90
CA GLY H 113 -41.43 53.74 -57.47
C GLY H 113 -41.75 54.03 -58.93
N THR H 114 -41.28 53.16 -59.82
CA THR H 114 -41.58 53.28 -61.24
C THR H 114 -42.76 52.40 -61.60
N SER H 115 -43.64 52.90 -62.48
CA SER H 115 -44.86 52.20 -62.84
C SER H 115 -44.87 51.76 -64.30
N VAL H 116 -44.42 50.53 -64.53
CA VAL H 116 -44.41 49.95 -65.88
C VAL H 116 -45.80 49.42 -66.26
N ILE H 117 -46.31 49.88 -67.41
CA ILE H 117 -47.60 49.43 -67.95
C ILE H 117 -47.41 48.78 -69.31
N VAL H 118 -47.69 47.48 -69.39
CA VAL H 118 -47.58 46.74 -70.63
C VAL H 118 -48.97 46.41 -71.19
N SER H 119 -49.27 46.97 -72.36
CA SER H 119 -50.54 46.70 -73.03
C SER H 119 -50.49 47.18 -74.49
N SER H 120 -51.34 46.59 -75.32
CA SER H 120 -51.37 46.88 -76.75
C SER H 120 -52.21 48.12 -77.08
N ALA H 121 -53.05 48.53 -76.13
CA ALA H 121 -53.94 49.67 -76.34
C ALA H 121 -53.15 50.96 -76.56
N LYS H 122 -53.65 51.82 -77.43
CA LYS H 122 -52.99 53.08 -77.76
C LYS H 122 -53.34 54.16 -76.74
N THR H 123 -52.44 55.13 -76.59
CA THR H 123 -52.66 56.27 -75.71
C THR H 123 -53.89 57.05 -76.15
N THR H 124 -54.82 57.27 -75.22
CA THR H 124 -56.08 57.98 -75.53
C THR H 124 -56.39 59.03 -74.45
N PRO H 125 -56.64 60.28 -74.87
CA PRO H 125 -57.01 61.30 -73.89
C PRO H 125 -58.46 61.13 -73.41
N PRO H 126 -58.76 61.62 -72.20
CA PRO H 126 -60.12 61.48 -71.64
C PRO H 126 -61.12 62.53 -72.12
N SER H 127 -62.39 62.22 -71.99
CA SER H 127 -63.46 63.20 -72.14
C SER H 127 -63.93 63.59 -70.74
N VAL H 128 -64.01 64.89 -70.48
CA VAL H 128 -64.37 65.38 -69.14
C VAL H 128 -65.77 65.96 -69.14
N TYR H 129 -66.68 65.27 -68.46
CA TYR H 129 -68.08 65.65 -68.40
C TYR H 129 -68.44 66.12 -66.99
N PRO H 130 -69.01 67.34 -66.87
CA PRO H 130 -69.41 67.82 -65.53
C PRO H 130 -70.74 67.20 -65.06
N LEU H 131 -70.83 66.92 -63.77
CA LEU H 131 -72.04 66.34 -63.19
C LEU H 131 -72.73 67.33 -62.27
N ALA H 132 -73.88 67.84 -62.70
CA ALA H 132 -74.64 68.81 -61.93
C ALA H 132 -76.05 68.28 -61.65
N PRO H 133 -76.63 68.65 -60.50
CA PRO H 133 -78.00 68.23 -60.19
C PRO H 133 -79.01 68.67 -61.24
N GLY H 134 -79.75 67.73 -61.83
CA GLY H 134 -80.74 68.05 -62.83
C GLY H 134 -81.79 69.01 -62.31
N SER H 135 -82.58 68.55 -61.35
CA SER H 135 -83.57 69.39 -60.70
C SER H 135 -84.05 68.76 -59.40
N ALA H 136 -83.23 67.89 -58.83
CA ALA H 136 -83.54 67.25 -57.56
C ALA H 136 -83.66 68.30 -56.48
N ALA H 137 -84.49 68.01 -55.47
CA ALA H 137 -84.67 68.91 -54.33
C ALA H 137 -83.32 69.34 -53.77
N GLN H 138 -83.28 70.55 -53.21
CA GLN H 138 -82.04 71.07 -52.63
C GLN H 138 -81.57 70.19 -51.48
N THR H 139 -82.45 69.35 -50.96
CA THR H 139 -82.14 68.44 -49.86
C THR H 139 -81.70 69.24 -48.63
N ASN H 140 -80.89 68.62 -47.78
CA ASN H 140 -80.40 69.26 -46.56
C ASN H 140 -79.77 70.63 -46.84
N SER H 141 -78.51 70.64 -47.25
CA SER H 141 -77.81 71.88 -47.54
C SER H 141 -76.55 71.62 -48.36
N MET H 142 -75.98 70.44 -48.21
CA MET H 142 -74.76 70.09 -48.91
C MET H 142 -75.09 69.49 -50.27
N VAL H 143 -74.97 70.30 -51.33
CA VAL H 143 -75.19 69.82 -52.67
C VAL H 143 -74.01 68.98 -53.11
N THR H 144 -74.28 67.94 -53.88
CA THR H 144 -73.23 67.06 -54.38
C THR H 144 -73.00 67.32 -55.87
N LEU H 145 -71.77 67.65 -56.23
CA LEU H 145 -71.39 67.82 -57.63
C LEU H 145 -70.41 66.71 -58.00
N GLY H 146 -70.11 66.57 -59.28
CA GLY H 146 -69.18 65.55 -59.72
C GLY H 146 -68.51 65.82 -61.06
N CYS H 147 -67.66 64.89 -61.47
CA CYS H 147 -66.97 64.96 -62.75
C CYS H 147 -66.80 63.56 -63.30
N LEU H 148 -67.18 63.35 -64.56
CA LEU H 148 -67.02 62.05 -65.20
C LEU H 148 -65.89 62.10 -66.22
N VAL H 149 -64.84 61.32 -65.95
CA VAL H 149 -63.68 61.26 -66.84
C VAL H 149 -63.69 59.93 -67.58
N LYS H 150 -64.12 59.97 -68.84
CA LYS H 150 -64.41 58.76 -69.60
C LYS H 150 -63.44 58.52 -70.75
N GLY H 151 -63.19 57.24 -71.04
CA GLY H 151 -62.50 56.82 -72.25
C GLY H 151 -61.07 57.30 -72.44
N TYR H 152 -60.20 56.95 -71.50
CA TYR H 152 -58.78 57.25 -71.63
C TYR H 152 -57.88 56.05 -71.43
N PHE H 153 -56.63 56.19 -71.85
CA PHE H 153 -55.61 55.17 -71.66
C PHE H 153 -54.24 55.79 -71.92
N PRO H 154 -53.22 55.40 -71.14
CA PRO H 154 -53.25 54.50 -69.98
C PRO H 154 -53.53 55.25 -68.68
N GLU H 155 -53.41 54.54 -67.57
CA GLU H 155 -53.44 55.18 -66.27
C GLU H 155 -52.13 55.96 -66.08
N PRO H 156 -52.11 56.94 -65.17
CA PRO H 156 -53.17 57.37 -64.25
C PRO H 156 -53.86 58.66 -64.67
N VAL H 157 -54.92 59.01 -63.96
CA VAL H 157 -55.57 60.30 -64.07
C VAL H 157 -55.77 60.87 -62.66
N THR H 158 -55.50 62.16 -62.51
CA THR H 158 -55.64 62.82 -61.22
C THR H 158 -56.70 63.91 -61.28
N VAL H 159 -57.49 64.04 -60.22
CA VAL H 159 -58.57 65.01 -60.16
C VAL H 159 -58.46 65.87 -58.90
N THR H 160 -58.57 67.19 -59.09
CA THR H 160 -58.65 68.12 -57.98
C THR H 160 -59.81 69.09 -58.20
N TRP H 161 -60.23 69.76 -57.14
CA TRP H 161 -61.33 70.73 -57.21
C TRP H 161 -60.83 72.11 -56.78
N ASN H 162 -61.08 73.12 -57.62
CA ASN H 162 -60.59 74.48 -57.37
C ASN H 162 -59.09 74.49 -57.13
N SER H 163 -58.36 73.73 -57.95
CA SER H 163 -56.91 73.64 -57.86
C SER H 163 -56.47 73.09 -56.51
N GLY H 164 -57.37 72.40 -55.83
CA GLY H 164 -57.06 71.76 -54.56
C GLY H 164 -57.53 72.49 -53.32
N SER H 165 -58.22 73.61 -53.51
CA SER H 165 -58.74 74.37 -52.38
C SER H 165 -59.86 73.57 -51.71
N LEU H 166 -60.62 72.86 -52.54
CA LEU H 166 -61.65 71.95 -52.04
C LEU H 166 -61.07 70.55 -51.89
N SER H 167 -60.76 70.19 -50.65
CA SER H 167 -60.17 68.88 -50.33
C SER H 167 -61.08 68.03 -49.46
N SER H 168 -61.93 68.69 -48.68
CA SER H 168 -62.85 67.98 -47.80
C SER H 168 -64.14 67.62 -48.54
N GLY H 169 -64.70 66.46 -48.22
CA GLY H 169 -65.91 66.00 -48.87
C GLY H 169 -65.65 65.51 -50.29
N VAL H 170 -64.38 65.43 -50.66
CA VAL H 170 -64.00 64.98 -51.99
C VAL H 170 -63.82 63.47 -52.01
N HIS H 171 -64.46 62.81 -52.97
CA HIS H 171 -64.28 61.38 -53.19
C HIS H 171 -63.96 61.10 -54.64
N THR H 172 -62.73 60.66 -54.88
CA THR H 172 -62.28 60.29 -56.22
C THR H 172 -62.20 58.76 -56.31
N PHE H 173 -63.07 58.19 -57.14
CA PHE H 173 -63.22 56.74 -57.20
C PHE H 173 -62.23 56.11 -58.17
N PRO H 174 -61.74 54.90 -57.84
CA PRO H 174 -60.78 54.21 -58.73
C PRO H 174 -61.33 53.97 -60.12
N ALA H 175 -60.46 54.09 -61.12
CA ALA H 175 -60.84 53.87 -62.51
C ALA H 175 -61.20 52.41 -62.76
N VAL H 176 -62.08 52.19 -63.73
CA VAL H 176 -62.47 50.84 -64.15
C VAL H 176 -62.21 50.67 -65.63
N LEU H 177 -61.52 49.58 -65.99
CA LEU H 177 -61.14 49.32 -67.36
C LEU H 177 -62.23 48.55 -68.09
N GLN H 178 -62.68 49.09 -69.22
CA GLN H 178 -63.66 48.42 -70.06
C GLN H 178 -63.29 48.56 -71.53
N SER H 179 -62.79 47.47 -72.11
CA SER H 179 -62.39 47.44 -73.52
C SER H 179 -61.32 48.48 -73.84
N ASP H 180 -60.13 48.28 -73.27
CA ASP H 180 -58.95 49.09 -73.60
C ASP H 180 -59.15 50.60 -73.34
N LEU H 181 -60.12 50.94 -72.50
CA LEU H 181 -60.34 52.33 -72.11
C LEU H 181 -60.82 52.43 -70.66
N TYR H 182 -60.19 53.30 -69.89
CA TYR H 182 -60.55 53.52 -68.51
C TYR H 182 -61.67 54.54 -68.40
N THR H 183 -62.43 54.47 -67.31
CA THR H 183 -63.43 55.47 -66.98
C THR H 183 -63.36 55.78 -65.49
N LEU H 184 -63.27 57.07 -65.17
CA LEU H 184 -63.12 57.52 -63.79
C LEU H 184 -64.15 58.59 -63.48
N SER H 185 -64.51 58.70 -62.21
CA SER H 185 -65.44 59.73 -61.76
C SER H 185 -65.04 60.23 -60.37
N SER H 186 -65.41 61.47 -60.08
CA SER H 186 -65.07 62.09 -58.80
C SER H 186 -66.22 62.97 -58.32
N SER H 187 -66.40 63.02 -57.00
CA SER H 187 -67.48 63.81 -56.40
C SER H 187 -66.94 64.76 -55.35
N VAL H 188 -67.67 65.85 -55.13
CA VAL H 188 -67.36 66.80 -54.06
C VAL H 188 -68.65 67.27 -53.42
N THR H 189 -68.67 67.31 -52.09
CA THR H 189 -69.86 67.73 -51.36
C THR H 189 -69.59 69.02 -50.59
N VAL H 190 -70.26 70.09 -51.00
CA VAL H 190 -70.12 71.40 -50.38
C VAL H 190 -71.51 71.95 -50.03
N PRO H 191 -71.58 72.90 -49.09
CA PRO H 191 -72.89 73.44 -48.69
C PRO H 191 -73.62 74.12 -49.85
N SER H 192 -74.91 74.38 -49.67
CA SER H 192 -75.70 75.03 -50.72
C SER H 192 -75.30 76.49 -50.85
N SER H 193 -74.54 76.99 -49.88
CA SER H 193 -74.11 78.38 -49.90
C SER H 193 -72.97 78.57 -50.91
N PRO H 194 -71.85 77.83 -50.79
CA PRO H 194 -70.77 78.06 -51.76
C PRO H 194 -71.01 77.55 -53.19
N ARG H 195 -72.25 77.24 -53.59
CA ARG H 195 -72.53 76.91 -54.99
C ARG H 195 -74.04 76.91 -55.25
N PRO H 196 -74.47 77.37 -56.44
CA PRO H 196 -73.77 77.93 -57.61
C PRO H 196 -73.05 79.23 -57.30
N SER H 197 -73.22 79.68 -56.07
CA SER H 197 -72.79 80.98 -55.61
C SER H 197 -71.29 81.25 -55.78
N GLU H 198 -70.45 80.38 -55.25
CA GLU H 198 -68.99 80.45 -55.48
C GLU H 198 -68.60 79.53 -56.63
N THR H 199 -67.36 79.66 -57.09
CA THR H 199 -66.90 78.92 -58.26
C THR H 199 -66.42 77.53 -57.85
N VAL H 200 -66.95 76.51 -58.52
CA VAL H 200 -66.53 75.13 -58.32
C VAL H 200 -66.13 74.53 -59.67
N THR H 201 -64.83 74.26 -59.83
CA THR H 201 -64.29 73.69 -61.05
C THR H 201 -63.43 72.48 -60.74
N CYS H 202 -63.64 71.39 -61.47
CA CYS H 202 -62.80 70.21 -61.32
C CYS H 202 -61.64 70.24 -62.30
N ASN H 203 -60.43 70.02 -61.79
CA ASN H 203 -59.22 70.00 -62.62
C ASN H 203 -58.70 68.58 -62.79
N VAL H 204 -58.76 68.07 -64.01
CA VAL H 204 -58.32 66.70 -64.30
C VAL H 204 -57.11 66.75 -65.22
N ALA H 205 -56.13 65.89 -64.92
CA ALA H 205 -54.89 65.82 -65.69
C ALA H 205 -54.57 64.39 -66.09
N HIS H 206 -54.16 64.22 -67.35
CA HIS H 206 -53.75 62.92 -67.88
C HIS H 206 -52.36 63.04 -68.49
N PRO H 207 -51.31 62.88 -67.67
CA PRO H 207 -49.93 63.17 -68.10
C PRO H 207 -49.45 62.34 -69.29
N ALA H 208 -50.06 61.19 -69.51
CA ALA H 208 -49.68 60.33 -70.63
C ALA H 208 -49.94 61.01 -71.97
N SER H 209 -51.02 61.79 -72.02
CA SER H 209 -51.39 62.53 -73.23
C SER H 209 -51.21 64.04 -73.06
N SER H 210 -50.57 64.44 -71.97
CA SER H 210 -50.30 65.85 -71.70
C SER H 210 -51.59 66.67 -71.68
N THR H 211 -52.66 66.07 -71.16
CA THR H 211 -53.98 66.71 -71.14
C THR H 211 -54.24 67.42 -69.81
N LYS H 212 -54.80 68.62 -69.91
CA LYS H 212 -55.25 69.37 -68.74
C LYS H 212 -56.58 70.03 -69.04
N VAL H 213 -57.61 69.68 -68.28
CA VAL H 213 -58.96 70.21 -68.48
C VAL H 213 -59.57 70.71 -67.18
N ASP H 214 -59.95 71.98 -67.18
CA ASP H 214 -60.62 72.60 -66.03
C ASP H 214 -62.10 72.82 -66.32
N LYS H 215 -62.93 71.91 -65.83
CA LYS H 215 -64.37 71.96 -66.08
C LYS H 215 -65.15 72.63 -64.94
N LYS H 216 -65.86 73.70 -65.27
CA LYS H 216 -66.70 74.40 -64.30
C LYS H 216 -68.08 73.76 -64.23
N ILE H 217 -68.56 73.52 -63.02
CA ILE H 217 -69.90 72.96 -62.80
C ILE H 217 -70.94 74.06 -62.71
N VAL H 218 -71.85 74.10 -63.68
CA VAL H 218 -72.93 75.07 -63.70
C VAL H 218 -74.28 74.36 -63.63
N PRO H 219 -75.24 74.94 -62.88
CA PRO H 219 -76.54 74.28 -62.66
C PRO H 219 -77.33 74.08 -63.95
N ARG H 220 -78.22 73.08 -63.95
CA ARG H 220 -79.05 72.77 -65.11
C ARG H 220 -80.41 73.47 -65.01
N ASP H 221 -81.34 72.84 -64.28
CA ASP H 221 -82.71 73.33 -64.09
C ASP H 221 -83.29 74.03 -65.32
N CYS H 222 -83.10 73.41 -66.49
CA CYS H 222 -83.62 73.93 -67.75
C CYS H 222 -82.95 75.25 -68.14
N LYS I 26 -45.79 -10.29 -46.71
CA LYS I 26 -47.14 -10.41 -47.34
C LYS I 26 -47.57 -9.08 -47.94
N LYS I 27 -48.53 -8.41 -47.32
CA LYS I 27 -48.95 -7.09 -47.75
C LYS I 27 -47.81 -6.10 -47.51
N VAL I 28 -47.68 -5.11 -48.39
CA VAL I 28 -46.60 -4.14 -48.30
C VAL I 28 -47.13 -2.71 -48.47
N VAL I 29 -47.03 -1.94 -47.40
CA VAL I 29 -47.46 -0.54 -47.40
C VAL I 29 -46.26 0.39 -47.50
N LEU I 30 -46.45 1.53 -48.16
CA LEU I 30 -45.43 2.56 -48.26
C LEU I 30 -45.90 3.80 -47.52
N GLY I 31 -44.96 4.66 -47.15
CA GLY I 31 -45.27 5.85 -46.39
C GLY I 31 -44.19 6.90 -46.49
N LYS I 32 -44.59 8.16 -46.37
CA LYS I 32 -43.68 9.28 -46.49
C LYS I 32 -43.06 9.65 -45.14
N LYS I 33 -41.90 10.28 -45.19
CA LYS I 33 -41.23 10.76 -43.98
C LYS I 33 -42.09 11.80 -43.27
N GLY I 34 -42.05 11.79 -41.94
CA GLY I 34 -42.83 12.71 -41.13
C GLY I 34 -44.31 12.75 -41.50
N ASP I 35 -44.81 11.61 -41.98
CA ASP I 35 -46.20 11.50 -42.42
C ASP I 35 -46.99 10.59 -41.50
N THR I 36 -48.20 10.25 -41.91
CA THR I 36 -49.07 9.36 -41.13
C THR I 36 -49.54 8.21 -42.01
N VAL I 37 -49.64 7.02 -41.42
CA VAL I 37 -50.07 5.82 -42.14
C VAL I 37 -50.97 4.96 -41.26
N GLU I 38 -51.82 4.16 -41.90
CA GLU I 38 -52.73 3.27 -41.19
C GLU I 38 -52.57 1.83 -41.65
N LEU I 39 -51.97 1.01 -40.78
CA LEU I 39 -51.87 -0.43 -41.04
C LEU I 39 -53.13 -1.13 -40.55
N THR I 40 -53.82 -1.80 -41.47
CA THR I 40 -55.11 -2.42 -41.16
C THR I 40 -54.97 -3.90 -40.82
N CYS I 41 -55.80 -4.36 -39.88
CA CYS I 41 -55.80 -5.74 -39.44
C CYS I 41 -57.22 -6.17 -39.05
N THR I 42 -57.86 -6.95 -39.93
CA THR I 42 -59.25 -7.33 -39.75
C THR I 42 -59.38 -8.83 -39.47
N ALA I 43 -59.97 -9.16 -38.33
CA ALA I 43 -60.35 -10.53 -38.01
C ALA I 43 -61.85 -10.71 -38.14
N SER I 44 -62.30 -11.96 -38.23
CA SER I 44 -63.73 -12.25 -38.37
C SER I 44 -64.43 -12.02 -37.03
N GLN I 45 -65.68 -12.48 -36.93
CA GLN I 45 -66.50 -12.24 -35.74
C GLN I 45 -66.51 -10.76 -35.41
N LYS I 46 -67.16 -9.99 -36.28
CA LYS I 46 -67.25 -8.54 -36.13
C LYS I 46 -67.64 -8.10 -34.72
N LYS I 47 -66.62 -7.94 -33.88
CA LYS I 47 -66.83 -7.58 -32.48
C LYS I 47 -65.49 -7.23 -31.82
N SER I 48 -65.53 -6.50 -30.72
CA SER I 48 -64.32 -6.14 -29.99
C SER I 48 -63.76 -7.36 -29.26
N ILE I 49 -62.95 -8.14 -29.96
CA ILE I 49 -62.31 -9.33 -29.39
C ILE I 49 -60.89 -8.94 -28.98
N GLN I 50 -60.06 -9.92 -28.64
CA GLN I 50 -58.72 -9.66 -28.13
C GLN I 50 -57.69 -9.59 -29.26
N PHE I 51 -56.80 -8.61 -29.18
CA PHE I 51 -55.79 -8.41 -30.22
C PHE I 51 -54.54 -7.69 -29.69
N HIS I 52 -53.50 -7.62 -30.52
CA HIS I 52 -52.33 -6.78 -30.25
C HIS I 52 -51.43 -6.69 -31.48
N TRP I 53 -50.66 -5.60 -31.55
CA TRP I 53 -49.66 -5.40 -32.60
C TRP I 53 -48.25 -5.56 -32.02
N LYS I 54 -47.37 -6.22 -32.77
CA LYS I 54 -45.95 -6.28 -32.40
C LYS I 54 -45.10 -6.19 -33.65
N ASN I 55 -43.84 -5.77 -33.48
CA ASN I 55 -42.92 -5.66 -34.61
C ASN I 55 -42.20 -6.98 -34.84
N SER I 56 -41.16 -6.95 -35.66
CA SER I 56 -40.43 -8.16 -36.04
C SER I 56 -39.61 -8.74 -34.91
N ASN I 57 -39.44 -7.98 -33.83
CA ASN I 57 -38.54 -8.38 -32.74
C ASN I 57 -39.27 -8.69 -31.45
N GLN I 58 -40.47 -9.25 -31.59
CA GLN I 58 -41.33 -9.59 -30.45
C GLN I 58 -41.33 -8.47 -29.40
N ILE I 59 -41.76 -7.30 -29.83
CA ILE I 59 -42.00 -6.17 -28.94
C ILE I 59 -43.40 -5.63 -29.16
N LYS I 60 -44.24 -5.74 -28.12
CA LYS I 60 -45.62 -5.29 -28.20
C LYS I 60 -45.70 -3.79 -28.48
N ILE I 61 -46.35 -3.43 -29.59
CA ILE I 61 -46.56 -2.03 -29.94
C ILE I 61 -47.76 -1.49 -29.16
N LEU I 62 -48.88 -2.18 -29.28
CA LEU I 62 -50.07 -1.89 -28.50
C LEU I 62 -51.07 -3.04 -28.60
N GLY I 63 -51.96 -3.12 -27.60
CA GLY I 63 -52.97 -4.16 -27.56
C GLY I 63 -54.04 -3.78 -26.56
N ASN I 64 -55.14 -4.52 -26.54
CA ASN I 64 -56.20 -4.27 -25.58
C ASN I 64 -56.08 -5.21 -24.38
N GLN I 65 -55.86 -4.62 -23.21
CA GLN I 65 -55.89 -5.37 -21.95
C GLN I 65 -57.19 -5.01 -21.27
N GLY I 66 -57.99 -6.02 -20.97
CA GLY I 66 -59.36 -5.80 -20.59
C GLY I 66 -60.11 -5.21 -21.76
N SER I 67 -60.43 -3.93 -21.67
CA SER I 67 -61.04 -3.20 -22.78
C SER I 67 -60.20 -2.00 -23.17
N PHE I 68 -59.32 -1.57 -22.27
CA PHE I 68 -58.53 -0.36 -22.46
C PHE I 68 -57.29 -0.61 -23.31
N LEU I 69 -56.97 0.37 -24.15
CA LEU I 69 -55.79 0.31 -24.99
C LEU I 69 -54.52 0.41 -24.15
N THR I 70 -53.60 -0.53 -24.37
CA THR I 70 -52.29 -0.51 -23.70
C THR I 70 -51.20 -0.30 -24.73
N LYS I 71 -50.14 0.40 -24.33
CA LYS I 71 -48.98 0.61 -25.18
C LYS I 71 -47.76 -0.07 -24.57
N GLY I 72 -46.98 -0.76 -25.40
CA GLY I 72 -45.86 -1.54 -24.92
C GLY I 72 -44.54 -0.82 -25.02
N PRO I 73 -43.45 -1.50 -24.66
CA PRO I 73 -42.07 -0.96 -24.64
C PRO I 73 -41.57 -0.54 -26.01
N SER I 74 -42.38 -0.74 -27.05
CA SER I 74 -42.05 -0.34 -28.40
C SER I 74 -41.42 1.04 -28.48
N LYS I 75 -40.48 1.18 -29.41
CA LYS I 75 -39.83 2.45 -29.69
C LYS I 75 -40.84 3.50 -30.17
N LEU I 76 -42.00 3.02 -30.62
CA LEU I 76 -43.06 3.86 -31.17
C LEU I 76 -44.06 4.35 -30.14
N ASN I 77 -43.79 4.05 -28.87
CA ASN I 77 -44.73 4.29 -27.77
C ASN I 77 -45.60 5.53 -27.88
N ASP I 78 -45.01 6.63 -28.35
CA ASP I 78 -45.72 7.91 -28.38
C ASP I 78 -46.52 8.12 -29.66
N ARG I 79 -45.93 7.75 -30.80
CA ARG I 79 -46.50 8.06 -32.11
C ARG I 79 -47.45 6.97 -32.62
N ALA I 80 -47.71 5.96 -31.81
CA ALA I 80 -48.55 4.84 -32.21
C ALA I 80 -49.92 4.91 -31.55
N ASP I 81 -50.95 4.52 -32.30
CA ASP I 81 -52.31 4.56 -31.79
C ASP I 81 -53.23 3.68 -32.64
N SER I 82 -54.44 3.43 -32.14
CA SER I 82 -55.46 2.69 -32.87
C SER I 82 -56.72 3.53 -33.01
N ARG I 83 -57.85 2.86 -33.24
CA ARG I 83 -59.14 3.54 -33.32
C ARG I 83 -60.21 2.70 -32.62
N ARG I 84 -60.61 3.12 -31.42
CA ARG I 84 -61.48 2.33 -30.56
C ARG I 84 -62.81 1.97 -31.20
N SER I 85 -63.51 2.97 -31.73
CA SER I 85 -64.84 2.78 -32.29
C SER I 85 -64.86 1.69 -33.37
N LEU I 86 -63.76 1.55 -34.10
CA LEU I 86 -63.69 0.58 -35.19
C LEU I 86 -63.43 -0.84 -34.70
N TRP I 87 -63.37 -1.02 -33.39
CA TRP I 87 -63.10 -2.35 -32.82
C TRP I 87 -64.36 -3.22 -32.87
N ASP I 88 -65.52 -2.58 -32.80
CA ASP I 88 -66.79 -3.31 -32.86
C ASP I 88 -67.07 -3.77 -34.28
N GLN I 89 -66.26 -3.32 -35.24
CA GLN I 89 -66.42 -3.68 -36.64
C GLN I 89 -65.34 -4.66 -37.09
N GLY I 90 -64.71 -5.32 -36.12
CA GLY I 90 -63.71 -6.33 -36.42
C GLY I 90 -62.37 -5.75 -36.85
N ASN I 91 -62.33 -4.43 -37.03
CA ASN I 91 -61.11 -3.75 -37.45
C ASN I 91 -60.25 -3.35 -36.26
N PHE I 92 -58.95 -3.58 -36.39
CA PHE I 92 -57.99 -3.20 -35.38
C PHE I 92 -56.77 -2.56 -36.04
N PRO I 93 -56.90 -1.28 -36.43
CA PRO I 93 -55.83 -0.62 -37.19
C PRO I 93 -54.68 -0.14 -36.33
N LEU I 94 -53.47 -0.15 -36.89
CA LEU I 94 -52.30 0.45 -36.26
C LEU I 94 -51.98 1.75 -36.98
N ILE I 95 -51.91 2.85 -36.21
CA ILE I 95 -51.77 4.18 -36.79
C ILE I 95 -50.52 4.87 -36.25
N ILE I 96 -49.62 5.21 -37.17
CA ILE I 96 -48.32 5.78 -36.82
C ILE I 96 -48.14 7.16 -37.44
N LYS I 97 -48.05 8.18 -36.58
CA LYS I 97 -47.87 9.55 -37.04
C LYS I 97 -46.39 9.94 -37.03
N ASN I 98 -46.05 11.01 -37.74
CA ASN I 98 -44.67 11.49 -37.82
C ASN I 98 -43.71 10.35 -38.15
N LEU I 99 -44.01 9.62 -39.23
CA LEU I 99 -43.20 8.48 -39.63
C LEU I 99 -41.72 8.80 -39.82
N LYS I 100 -40.87 8.16 -39.02
CA LYS I 100 -39.43 8.15 -39.25
C LYS I 100 -39.08 6.96 -40.13
N ILE I 101 -37.84 6.90 -40.60
CA ILE I 101 -37.45 5.89 -41.56
C ILE I 101 -37.23 4.54 -40.88
N GLU I 102 -36.60 4.58 -39.71
CA GLU I 102 -36.33 3.35 -38.97
C GLU I 102 -37.60 2.71 -38.43
N ASP I 103 -38.75 3.31 -38.74
CA ASP I 103 -40.04 2.68 -38.47
C ASP I 103 -40.34 1.62 -39.53
N SER I 104 -39.55 1.61 -40.59
CA SER I 104 -39.64 0.56 -41.60
C SER I 104 -39.38 -0.79 -40.96
N ASP I 105 -40.30 -1.72 -41.15
CA ASP I 105 -40.25 -2.99 -40.46
C ASP I 105 -41.40 -3.87 -40.93
N THR I 106 -41.40 -5.12 -40.52
CA THR I 106 -42.51 -6.02 -40.78
C THR I 106 -43.35 -6.14 -39.52
N TYR I 107 -44.49 -5.44 -39.50
CA TYR I 107 -45.37 -5.42 -38.34
C TYR I 107 -46.35 -6.58 -38.35
N ILE I 108 -46.57 -7.18 -37.19
CA ILE I 108 -47.42 -8.36 -37.05
C ILE I 108 -48.58 -8.09 -36.11
N CYS I 109 -49.79 -8.29 -36.62
CA CYS I 109 -51.00 -8.19 -35.81
C CYS I 109 -51.49 -9.60 -35.49
N GLU I 110 -51.80 -9.84 -34.22
CA GLU I 110 -52.18 -11.17 -33.77
C GLU I 110 -53.56 -11.12 -33.11
N VAL I 111 -54.53 -11.74 -33.76
CA VAL I 111 -55.92 -11.75 -33.29
C VAL I 111 -56.47 -13.17 -33.21
N GLU I 112 -56.88 -13.57 -32.02
CA GLU I 112 -57.51 -14.87 -31.81
C GLU I 112 -56.55 -16.01 -32.15
N ASP I 113 -56.44 -16.36 -33.42
CA ASP I 113 -55.45 -17.32 -33.89
C ASP I 113 -54.92 -16.89 -35.26
N GLN I 114 -55.01 -15.60 -35.53
CA GLN I 114 -54.59 -15.02 -36.81
C GLN I 114 -53.19 -14.41 -36.71
N LYS I 115 -52.43 -14.50 -37.79
CA LYS I 115 -51.13 -13.86 -37.90
C LYS I 115 -51.05 -13.05 -39.19
N GLU I 116 -51.58 -11.83 -39.15
CA GLU I 116 -51.57 -10.95 -40.31
C GLU I 116 -50.32 -10.08 -40.32
N GLU I 117 -49.50 -10.24 -41.35
CA GLU I 117 -48.24 -9.54 -41.45
C GLU I 117 -48.33 -8.40 -42.45
N VAL I 118 -47.66 -7.29 -42.14
CA VAL I 118 -47.62 -6.13 -43.01
C VAL I 118 -46.23 -5.53 -42.98
N GLN I 119 -45.62 -5.35 -44.15
CA GLN I 119 -44.30 -4.71 -44.22
C GLN I 119 -44.42 -3.24 -44.59
N LEU I 120 -44.08 -2.38 -43.63
CA LEU I 120 -44.06 -0.94 -43.86
C LEU I 120 -42.67 -0.51 -44.30
N LEU I 121 -42.61 0.26 -45.38
CA LEU I 121 -41.37 0.86 -45.83
C LEU I 121 -41.56 2.38 -45.90
N VAL I 122 -40.72 3.10 -45.18
CA VAL I 122 -40.89 4.55 -45.05
C VAL I 122 -39.75 5.30 -45.73
N PHE I 123 -40.05 5.86 -46.90
CA PHE I 123 -39.08 6.64 -47.66
C PHE I 123 -39.23 8.12 -47.40
N GLY I 124 -38.18 8.87 -47.70
CA GLY I 124 -38.19 10.32 -47.62
C GLY I 124 -37.36 10.88 -48.76
N LEU I 125 -37.58 12.14 -49.10
CA LEU I 125 -36.88 12.77 -50.22
C LEU I 125 -36.39 14.17 -49.86
N THR I 126 -35.11 14.40 -50.11
CA THR I 126 -34.48 15.68 -49.80
C THR I 126 -33.62 16.17 -50.96
N ALA I 127 -33.36 17.47 -50.99
CA ALA I 127 -32.45 18.06 -51.97
C ALA I 127 -31.13 18.42 -51.30
N ASN I 128 -30.11 17.61 -51.53
CA ASN I 128 -28.83 17.74 -50.83
C ASN I 128 -28.07 19.03 -51.11
N SER I 129 -28.70 19.96 -51.82
CA SER I 129 -28.05 21.21 -52.17
C SER I 129 -28.65 22.38 -51.40
N ASP I 130 -28.98 22.14 -50.13
CA ASP I 130 -29.51 23.18 -49.24
C ASP I 130 -30.74 23.83 -49.88
N THR I 131 -30.56 25.01 -50.47
CA THR I 131 -31.61 25.72 -51.17
C THR I 131 -31.04 26.97 -51.82
N HIS I 132 -31.88 27.68 -52.55
CA HIS I 132 -31.46 28.86 -53.30
C HIS I 132 -30.25 28.53 -54.16
N LEU I 133 -30.49 27.82 -55.25
CA LEU I 133 -29.43 27.40 -56.15
C LEU I 133 -29.29 28.37 -57.32
N LEU I 134 -28.27 28.14 -58.14
CA LEU I 134 -27.90 29.10 -59.16
C LEU I 134 -27.82 28.45 -60.54
N GLN I 135 -28.38 29.14 -61.51
CA GLN I 135 -28.24 28.80 -62.92
C GLN I 135 -26.82 28.30 -63.21
N GLY I 136 -26.72 27.06 -63.67
CA GLY I 136 -25.44 26.46 -64.00
C GLY I 136 -24.95 25.49 -62.95
N GLN I 137 -25.36 25.69 -61.70
CA GLN I 137 -24.93 24.81 -60.61
C GLN I 137 -25.57 23.43 -60.73
N SER I 138 -25.07 22.49 -59.93
CA SER I 138 -25.56 21.12 -59.95
C SER I 138 -26.57 20.90 -58.83
N LEU I 139 -27.69 20.27 -59.19
CA LEU I 139 -28.71 19.88 -58.23
C LEU I 139 -28.65 18.38 -57.99
N THR I 140 -28.82 17.98 -56.74
CA THR I 140 -28.84 16.57 -56.39
C THR I 140 -30.00 16.26 -55.45
N LEU I 141 -30.90 15.39 -55.91
CA LEU I 141 -31.94 14.85 -55.05
C LEU I 141 -31.50 13.48 -54.56
N THR I 142 -31.64 13.24 -53.27
CA THR I 142 -31.23 11.97 -52.68
C THR I 142 -32.42 11.32 -51.97
N LEU I 143 -32.56 10.01 -52.15
CA LEU I 143 -33.69 9.28 -51.60
C LEU I 143 -33.29 8.56 -50.32
N GLU I 144 -33.79 9.07 -49.19
CA GLU I 144 -33.57 8.42 -47.91
C GLU I 144 -34.42 7.15 -47.79
N SER I 145 -33.78 6.01 -48.02
CA SER I 145 -34.46 4.72 -47.96
C SER I 145 -34.01 3.92 -46.74
N PRO I 146 -34.81 2.94 -46.32
CA PRO I 146 -34.44 2.09 -45.18
C PRO I 146 -33.45 1.00 -45.58
N PRO I 147 -32.66 0.49 -44.62
CA PRO I 147 -31.67 -0.55 -44.92
C PRO I 147 -32.28 -1.79 -45.57
N GLY I 148 -31.72 -2.21 -46.71
CA GLY I 148 -32.15 -3.42 -47.38
C GLY I 148 -33.41 -3.22 -48.20
N SER I 149 -33.40 -2.22 -49.08
CA SER I 149 -34.54 -1.92 -49.94
C SER I 149 -34.08 -1.75 -51.38
N SER I 150 -35.01 -1.93 -52.32
CA SER I 150 -34.75 -1.75 -53.75
C SER I 150 -35.67 -0.70 -54.36
N PRO I 151 -35.44 0.58 -54.03
CA PRO I 151 -36.32 1.63 -54.56
C PRO I 151 -35.95 2.05 -55.97
N SER I 152 -36.96 2.31 -56.80
CA SER I 152 -36.74 2.81 -58.16
C SER I 152 -37.44 4.15 -58.32
N VAL I 153 -36.66 5.22 -58.20
CA VAL I 153 -37.21 6.58 -58.26
C VAL I 153 -37.22 7.12 -59.68
N GLN I 154 -38.19 7.99 -59.97
CA GLN I 154 -38.18 8.77 -61.19
C GLN I 154 -39.03 10.01 -61.00
N CYS I 155 -38.52 11.15 -61.47
CA CYS I 155 -39.12 12.44 -61.18
C CYS I 155 -39.60 13.16 -62.44
N ARG I 156 -40.21 14.32 -62.23
CA ARG I 156 -40.77 15.11 -63.32
C ARG I 156 -40.65 16.59 -62.98
N SER I 157 -39.78 17.29 -63.70
CA SER I 157 -39.58 18.72 -63.48
C SER I 157 -40.85 19.50 -63.84
N PRO I 158 -40.83 20.82 -63.61
CA PRO I 158 -41.97 21.66 -64.03
C PRO I 158 -41.99 21.91 -65.54
N ARG I 159 -41.30 21.08 -66.30
CA ARG I 159 -41.29 21.19 -67.76
C ARG I 159 -42.00 19.98 -68.37
N GLY I 160 -41.60 18.78 -67.92
CA GLY I 160 -42.14 17.55 -68.44
C GLY I 160 -41.09 16.46 -68.52
N LYS I 161 -39.83 16.87 -68.63
CA LYS I 161 -38.70 15.94 -68.67
C LYS I 161 -38.72 14.99 -67.47
N ASN I 162 -38.40 13.73 -67.73
CA ASN I 162 -38.34 12.71 -66.68
C ASN I 162 -36.92 12.19 -66.48
N ILE I 163 -36.50 12.13 -65.21
CA ILE I 163 -35.22 11.52 -64.86
C ILE I 163 -35.47 10.37 -63.90
N GLN I 164 -34.63 9.34 -63.97
CA GLN I 164 -34.77 8.17 -63.10
C GLN I 164 -33.41 7.66 -62.66
N GLY I 165 -33.37 7.10 -61.46
CA GLY I 165 -32.15 6.50 -60.93
C GLY I 165 -32.38 5.83 -59.60
N GLY I 166 -31.30 5.54 -58.89
CA GLY I 166 -31.38 4.91 -57.58
C GLY I 166 -31.53 5.93 -56.46
N LYS I 167 -30.73 5.75 -55.42
CA LYS I 167 -30.75 6.65 -54.27
C LYS I 167 -30.43 8.10 -54.66
N THR I 168 -29.72 8.27 -55.78
CA THR I 168 -29.22 9.57 -56.21
C THR I 168 -29.70 9.95 -57.61
N LEU I 169 -30.56 10.96 -57.69
CA LEU I 169 -30.94 11.56 -58.97
C LEU I 169 -30.30 12.93 -59.09
N SER I 170 -29.52 13.12 -60.14
CA SER I 170 -28.76 14.36 -60.31
C SER I 170 -29.11 15.09 -61.59
N VAL I 171 -29.15 16.42 -61.51
CA VAL I 171 -29.27 17.28 -62.67
C VAL I 171 -27.91 17.95 -62.91
N SER I 172 -27.25 17.57 -63.99
CA SER I 172 -25.91 18.04 -64.30
C SER I 172 -25.76 19.55 -64.16
N GLN I 173 -26.60 20.29 -64.88
CA GLN I 173 -26.57 21.75 -64.84
C GLN I 173 -27.97 22.32 -64.94
N LEU I 174 -28.32 23.20 -64.00
CA LEU I 174 -29.69 23.70 -63.87
C LEU I 174 -30.06 24.75 -64.90
N GLU I 175 -31.34 24.86 -65.17
CA GLU I 175 -31.90 25.92 -66.00
C GLU I 175 -32.81 26.76 -65.12
N LEU I 176 -33.27 27.88 -65.65
CA LEU I 176 -34.23 28.72 -64.94
C LEU I 176 -35.62 28.11 -65.05
N GLN I 177 -35.86 27.35 -66.11
CA GLN I 177 -37.13 26.67 -66.31
C GLN I 177 -37.37 25.61 -65.24
N ASP I 178 -36.35 25.32 -64.43
CA ASP I 178 -36.44 24.26 -63.42
C ASP I 178 -36.95 24.81 -62.09
N SER I 179 -36.89 26.13 -61.93
CA SER I 179 -37.41 26.76 -60.72
C SER I 179 -38.92 26.57 -60.61
N GLY I 180 -39.34 25.67 -59.73
CA GLY I 180 -40.74 25.36 -59.56
C GLY I 180 -40.95 24.16 -58.66
N THR I 181 -42.00 23.39 -58.94
CA THR I 181 -42.36 22.23 -58.13
C THR I 181 -42.07 20.94 -58.87
N TRP I 182 -41.22 20.10 -58.28
CA TRP I 182 -40.87 18.81 -58.87
C TRP I 182 -41.69 17.69 -58.27
N THR I 183 -42.19 16.80 -59.13
CA THR I 183 -42.91 15.61 -58.69
C THR I 183 -41.98 14.40 -58.84
N CYS I 184 -42.05 13.48 -57.88
CA CYS I 184 -41.19 12.31 -57.91
C CYS I 184 -41.92 11.04 -57.47
N THR I 185 -41.81 10.01 -58.29
CA THR I 185 -42.48 8.73 -58.04
C THR I 185 -41.47 7.67 -57.60
N VAL I 186 -41.69 7.13 -56.40
CA VAL I 186 -40.89 6.02 -55.90
C VAL I 186 -41.67 4.72 -56.05
N LEU I 187 -41.02 3.70 -56.61
CA LEU I 187 -41.66 2.40 -56.83
C LEU I 187 -40.97 1.28 -56.07
N GLN I 188 -41.67 0.74 -55.08
CA GLN I 188 -41.21 -0.44 -54.35
C GLN I 188 -42.20 -1.57 -54.62
N ASN I 189 -41.68 -2.69 -55.10
CA ASN I 189 -42.53 -3.79 -55.56
C ASN I 189 -43.47 -3.27 -56.64
N GLN I 190 -44.79 -3.48 -56.48
CA GLN I 190 -45.77 -2.93 -57.41
C GLN I 190 -46.50 -1.72 -56.83
N LYS I 191 -46.22 -1.41 -55.56
CA LYS I 191 -46.84 -0.26 -54.90
C LYS I 191 -45.95 0.96 -55.12
N LYS I 192 -46.49 2.15 -54.86
CA LYS I 192 -45.72 3.37 -55.08
C LYS I 192 -46.22 4.55 -54.27
N VAL I 193 -45.28 5.43 -53.92
CA VAL I 193 -45.56 6.67 -53.21
C VAL I 193 -45.03 7.84 -54.05
N GLU I 194 -45.56 9.03 -53.82
CA GLU I 194 -45.18 10.20 -54.62
C GLU I 194 -44.90 11.44 -53.78
N PHE I 195 -43.71 12.01 -53.95
CA PHE I 195 -43.31 13.23 -53.26
C PHE I 195 -43.41 14.44 -54.19
N LYS I 196 -43.55 15.62 -53.59
CA LYS I 196 -43.34 16.87 -54.33
C LYS I 196 -42.32 17.68 -53.56
N ILE I 197 -41.46 18.40 -54.28
CA ILE I 197 -40.37 19.15 -53.63
C ILE I 197 -40.07 20.43 -54.39
N ASP I 198 -40.28 21.56 -53.72
CA ASP I 198 -40.11 22.86 -54.34
C ASP I 198 -38.63 23.26 -54.39
N ILE I 199 -38.19 23.67 -55.58
CA ILE I 199 -36.84 24.14 -55.78
C ILE I 199 -36.85 25.51 -56.45
N VAL I 200 -35.99 26.39 -55.97
CA VAL I 200 -35.83 27.71 -56.56
C VAL I 200 -34.43 27.82 -57.17
N VAL I 201 -34.33 28.49 -58.31
CA VAL I 201 -33.07 28.68 -59.00
C VAL I 201 -32.94 30.14 -59.39
N LEU I 202 -31.77 30.71 -59.12
CA LEU I 202 -31.50 32.11 -59.41
C LEU I 202 -30.43 32.21 -60.49
N ALA I 203 -30.29 33.39 -61.10
CA ALA I 203 -29.27 33.61 -62.12
C ALA I 203 -28.15 34.47 -61.55
N PHE I 204 -26.99 34.46 -62.19
CA PHE I 204 -25.92 35.35 -61.75
C PHE I 204 -24.86 35.57 -62.83
N GLN I 205 -24.10 36.65 -62.66
CA GLN I 205 -23.05 37.04 -63.60
C GLN I 205 -21.91 37.68 -62.81
N LYS I 206 -20.72 37.72 -63.42
CA LYS I 206 -19.59 38.43 -62.81
C LYS I 206 -18.83 39.23 -63.85
N ALA I 207 -19.01 40.56 -63.81
CA ALA I 207 -18.38 41.47 -64.75
C ALA I 207 -17.18 42.15 -64.12
N LYS J 26 37.02 -37.06 52.49
CA LYS J 26 38.48 -37.05 52.80
C LYS J 26 38.86 -38.30 53.59
N LYS J 27 39.13 -38.15 54.89
CA LYS J 27 39.41 -39.28 55.74
C LYS J 27 38.16 -40.14 55.89
N VAL J 28 38.35 -41.45 56.00
CA VAL J 28 37.23 -42.39 56.07
C VAL J 28 37.42 -43.39 57.21
N VAL J 29 36.56 -43.31 58.21
CA VAL J 29 36.61 -44.21 59.37
C VAL J 29 35.55 -45.29 59.25
N LEU J 30 35.86 -46.48 59.77
CA LEU J 30 34.90 -47.57 59.82
C LEU J 30 34.54 -47.87 61.27
N GLY J 31 33.42 -48.54 61.49
CA GLY J 31 32.97 -48.85 62.82
C GLY J 31 31.96 -49.98 62.84
N LYS J 32 31.94 -50.73 63.94
CA LYS J 32 31.05 -51.87 64.08
C LYS J 32 29.71 -51.45 64.67
N LYS J 33 28.68 -52.24 64.42
CA LYS J 33 27.35 -51.99 64.97
C LYS J 33 27.38 -52.04 66.50
N GLY J 34 26.59 -51.19 67.14
CA GLY J 34 26.54 -51.11 68.59
C GLY J 34 27.91 -50.96 69.24
N ASP J 35 28.83 -50.33 68.52
CA ASP J 35 30.20 -50.15 68.99
C ASP J 35 30.50 -48.69 69.27
N THR J 36 31.77 -48.37 69.53
CA THR J 36 32.19 -47.01 69.80
C THR J 36 33.36 -46.62 68.88
N VAL J 37 33.37 -45.37 68.45
CA VAL J 37 34.42 -44.86 67.58
C VAL J 37 34.76 -43.43 67.99
N GLU J 38 35.99 -43.01 67.67
CA GLU J 38 36.45 -41.65 68.00
C GLU J 38 36.95 -40.94 66.74
N LEU J 39 36.16 -39.97 66.28
CA LEU J 39 36.55 -39.13 65.15
C LEU J 39 37.39 -37.95 65.63
N THR J 40 38.61 -37.87 65.13
CA THR J 40 39.57 -36.86 65.60
C THR J 40 39.57 -35.62 64.72
N CYS J 41 39.78 -34.47 65.34
CA CYS J 41 39.83 -33.19 64.66
C CYS J 41 40.81 -32.25 65.35
N THR J 42 41.99 -32.10 64.74
CA THR J 42 43.06 -31.31 65.34
C THR J 42 43.36 -30.04 64.56
N ALA J 43 43.23 -28.91 65.24
CA ALA J 43 43.64 -27.61 64.70
C ALA J 43 44.94 -27.19 65.37
N SER J 44 45.64 -26.24 64.79
CA SER J 44 46.89 -25.76 65.34
C SER J 44 46.63 -24.89 66.57
N GLN J 45 47.65 -24.18 67.04
CA GLN J 45 47.55 -23.40 68.27
C GLN J 45 47.06 -24.29 69.41
N LYS J 46 47.92 -25.20 69.83
CA LYS J 46 47.60 -26.16 70.89
C LYS J 46 46.99 -25.47 72.10
N LYS J 47 45.68 -25.27 72.06
CA LYS J 47 44.96 -24.58 73.12
C LYS J 47 43.46 -24.73 72.90
N SER J 48 42.68 -24.54 73.97
CA SER J 48 41.22 -24.62 73.90
C SER J 48 40.63 -23.43 73.16
N ILE J 49 40.55 -23.53 71.84
CA ILE J 49 39.96 -22.48 71.01
C ILE J 49 38.50 -22.86 70.72
N GLN J 50 37.85 -22.16 69.81
CA GLN J 50 36.44 -22.37 69.52
C GLN J 50 36.24 -23.41 68.41
N PHE J 51 35.27 -24.29 68.58
CA PHE J 51 35.00 -25.35 67.61
C PHE J 51 33.55 -25.83 67.66
N HIS J 52 33.18 -26.69 66.70
CA HIS J 52 31.92 -27.40 66.74
C HIS J 52 31.87 -28.51 65.68
N TRP J 53 31.08 -29.53 65.94
CA TRP J 53 30.85 -30.62 64.99
C TRP J 53 29.46 -30.54 64.39
N LYS J 54 29.34 -30.80 63.09
CA LYS J 54 28.04 -30.92 62.45
C LYS J 54 28.09 -32.03 61.39
N ASN J 55 26.92 -32.57 61.05
CA ASN J 55 26.84 -33.60 60.02
C ASN J 55 26.66 -32.98 58.65
N SER J 56 26.32 -33.80 57.66
CA SER J 56 26.22 -33.35 56.28
C SER J 56 25.03 -32.43 56.03
N ASN J 57 24.11 -32.36 56.99
CA ASN J 57 22.85 -31.65 56.80
C ASN J 57 22.73 -30.40 57.66
N GLN J 58 23.86 -29.75 57.89
CA GLN J 58 23.95 -28.55 58.73
C GLN J 58 23.10 -28.69 60.01
N ILE J 59 23.43 -29.71 60.78
CA ILE J 59 22.85 -29.92 62.10
C ILE J 59 24.00 -30.05 63.12
N LYS J 60 24.08 -29.08 64.03
CA LYS J 60 25.13 -29.05 65.04
C LYS J 60 25.06 -30.29 65.92
N ILE J 61 26.13 -31.07 65.94
CA ILE J 61 26.20 -32.24 66.79
C ILE J 61 26.54 -31.78 68.20
N LEU J 62 27.64 -31.03 68.30
CA LEU J 62 28.05 -30.41 69.55
C LEU J 62 29.11 -29.37 69.30
N GLY J 63 29.27 -28.44 70.24
CA GLY J 63 30.27 -27.39 70.14
C GLY J 63 30.46 -26.76 71.50
N ASN J 64 31.50 -25.95 71.66
CA ASN J 64 31.75 -25.27 72.92
C ASN J 64 31.19 -23.85 72.88
N GLN J 65 30.22 -23.58 73.75
CA GLN J 65 29.70 -22.23 73.94
C GLN J 65 30.25 -21.70 75.25
N GLY J 66 30.94 -20.57 75.18
CA GLY J 66 31.75 -20.12 76.28
C GLY J 66 32.88 -21.10 76.51
N SER J 67 32.77 -21.89 77.58
CA SER J 67 33.70 -22.97 77.86
C SER J 67 32.98 -24.31 77.96
N PHE J 68 31.67 -24.27 78.18
CA PHE J 68 30.89 -25.48 78.41
C PHE J 68 30.49 -26.18 77.12
N LEU J 69 30.50 -27.50 77.17
CA LEU J 69 30.09 -28.32 76.03
C LEU J 69 28.59 -28.22 75.81
N THR J 70 28.20 -27.92 74.57
CA THR J 70 26.79 -27.89 74.17
C THR J 70 26.50 -28.98 73.16
N LYS J 71 25.31 -29.56 73.25
CA LYS J 71 24.86 -30.56 72.28
C LYS J 71 23.66 -30.02 71.49
N GLY J 72 23.67 -30.24 70.19
CA GLY J 72 22.66 -29.67 69.32
C GLY J 72 21.53 -30.64 69.00
N PRO J 73 20.59 -30.21 68.14
CA PRO J 73 19.40 -30.98 67.76
C PRO J 73 19.70 -32.30 67.05
N SER J 74 20.98 -32.58 66.81
CA SER J 74 21.43 -33.82 66.18
C SER J 74 20.70 -35.06 66.69
N LYS J 75 20.50 -36.01 65.78
CA LYS J 75 19.92 -37.30 66.12
C LYS J 75 20.79 -38.06 67.12
N LEU J 76 22.05 -37.66 67.22
CA LEU J 76 23.03 -38.33 68.08
C LEU J 76 23.11 -37.73 69.49
N ASN J 77 22.23 -36.77 69.76
CA ASN J 77 22.25 -35.98 71.00
C ASN J 77 22.69 -36.72 72.26
N ASP J 78 22.26 -37.97 72.40
CA ASP J 78 22.51 -38.74 73.62
C ASP J 78 23.84 -39.48 73.56
N ARG J 79 24.12 -40.08 72.41
CA ARG J 79 25.25 -40.98 72.28
C ARG J 79 26.53 -40.28 71.83
N ALA J 80 26.49 -38.96 71.70
CA ALA J 80 27.63 -38.19 71.20
C ALA J 80 28.32 -37.43 72.33
N ASP J 81 29.64 -37.38 72.28
CA ASP J 81 30.43 -36.68 73.29
C ASP J 81 31.85 -36.42 72.78
N SER J 82 32.60 -35.60 73.52
CA SER J 82 34.00 -35.31 73.21
C SER J 82 34.88 -35.68 74.40
N ARG J 83 36.07 -35.08 74.46
CA ARG J 83 36.98 -35.27 75.60
C ARG J 83 37.62 -33.94 75.97
N ARG J 84 37.14 -33.37 77.08
CA ARG J 84 37.48 -32.02 77.48
C ARG J 84 38.98 -31.79 77.68
N SER J 85 39.62 -32.66 78.45
CA SER J 85 41.03 -32.50 78.79
C SER J 85 41.92 -32.38 77.54
N LEU J 86 41.51 -33.03 76.45
CA LEU J 86 42.29 -33.04 75.23
C LEU J 86 42.11 -31.75 74.41
N TRP J 87 41.34 -30.80 74.94
CA TRP J 87 41.09 -29.54 74.23
C TRP J 87 42.29 -28.60 74.32
N ASP J 88 43.05 -28.70 75.41
CA ASP J 88 44.25 -27.88 75.59
C ASP J 88 45.39 -28.36 74.70
N GLN J 89 45.18 -29.51 74.06
CA GLN J 89 46.18 -30.10 73.19
C GLN J 89 45.80 -29.96 71.71
N GLY J 90 44.88 -29.04 71.44
CA GLY J 90 44.46 -28.77 70.07
C GLY J 90 43.50 -29.82 69.51
N ASN J 91 43.27 -30.88 70.29
CA ASN J 91 42.39 -31.96 69.86
C ASN J 91 40.93 -31.70 70.25
N PHE J 92 40.02 -31.97 69.33
CA PHE J 92 38.59 -31.85 69.59
C PHE J 92 37.88 -33.08 69.01
N PRO J 93 37.97 -34.21 69.72
CA PRO J 93 37.45 -35.47 69.18
C PRO J 93 35.94 -35.60 69.31
N LEU J 94 35.32 -36.26 68.34
CA LEU J 94 33.90 -36.62 68.41
C LEU J 94 33.78 -38.11 68.70
N ILE J 95 33.05 -38.43 69.76
CA ILE J 95 32.96 -39.81 70.26
C ILE J 95 31.50 -40.26 70.28
N ILE J 96 31.23 -41.34 69.55
CA ILE J 96 29.88 -41.85 69.38
C ILE J 96 29.79 -43.29 69.87
N LYS J 97 29.00 -43.51 70.92
CA LYS J 97 28.83 -44.85 71.49
C LYS J 97 27.59 -45.53 70.91
N ASN J 98 27.52 -46.85 71.08
CA ASN J 98 26.39 -47.65 70.58
C ASN J 98 26.05 -47.30 69.13
N LEU J 99 27.04 -47.35 68.26
CA LEU J 99 26.88 -47.00 66.84
C LEU J 99 25.76 -47.77 66.15
N LYS J 100 24.76 -47.04 65.66
CA LYS J 100 23.77 -47.61 64.74
C LYS J 100 24.29 -47.38 63.32
N ILE J 101 23.66 -48.00 62.34
CA ILE J 101 24.17 -47.97 60.97
C ILE J 101 23.83 -46.64 60.30
N GLU J 102 22.61 -46.15 60.52
CA GLU J 102 22.18 -44.90 59.91
C GLU J 102 22.93 -43.69 60.51
N ASP J 103 23.87 -43.96 61.41
CA ASP J 103 24.80 -42.93 61.88
C ASP J 103 25.88 -42.70 60.84
N SER J 104 25.95 -43.58 59.86
CA SER J 104 26.88 -43.41 58.75
C SER J 104 26.60 -42.11 58.02
N ASP J 105 27.64 -41.31 57.85
CA ASP J 105 27.51 -39.95 57.33
C ASP J 105 28.89 -39.33 57.17
N THR J 106 28.94 -38.16 56.53
CA THR J 106 30.17 -37.39 56.44
C THR J 106 30.15 -36.25 57.44
N TYR J 107 30.87 -36.44 58.55
CA TYR J 107 30.88 -35.46 59.64
C TYR J 107 31.90 -34.37 59.38
N ILE J 108 31.52 -33.13 59.69
CA ILE J 108 32.36 -31.97 59.42
C ILE J 108 32.68 -31.24 60.72
N CYS J 109 33.97 -31.10 61.01
CA CYS J 109 34.44 -30.34 62.16
C CYS J 109 34.95 -28.98 61.69
N GLU J 110 34.51 -27.92 62.36
CA GLU J 110 34.84 -26.56 61.95
C GLU J 110 35.52 -25.81 63.08
N VAL J 111 36.80 -25.52 62.88
CA VAL J 111 37.62 -24.84 63.88
C VAL J 111 38.31 -23.63 63.26
N GLU J 112 38.04 -22.45 63.82
CA GLU J 112 38.69 -21.22 63.40
C GLU J 112 38.36 -20.90 61.94
N ASP J 113 39.10 -21.51 61.02
CA ASP J 113 38.80 -21.39 59.58
C ASP J 113 39.09 -22.72 58.88
N GLN J 114 39.04 -23.81 59.63
CA GLN J 114 39.32 -25.14 59.12
C GLN J 114 38.03 -25.90 58.81
N LYS J 115 38.07 -26.73 57.77
CA LYS J 115 36.96 -27.62 57.46
C LYS J 115 37.49 -29.04 57.26
N GLU J 116 37.66 -29.75 58.36
CA GLU J 116 38.17 -31.12 58.34
C GLU J 116 37.00 -32.10 58.24
N GLU J 117 36.98 -32.87 57.15
CA GLU J 117 35.88 -33.78 56.86
C GLU J 117 36.24 -35.24 57.15
N VAL J 118 35.27 -35.98 57.67
CA VAL J 118 35.43 -37.40 57.95
C VAL J 118 34.16 -38.17 57.59
N GLN J 119 34.31 -39.21 56.78
CA GLN J 119 33.20 -40.07 56.41
C GLN J 119 33.18 -41.35 57.24
N LEU J 120 32.16 -41.48 58.09
CA LEU J 120 31.98 -42.68 58.88
C LEU J 120 31.06 -43.67 58.17
N LEU J 121 31.51 -44.92 58.09
CA LEU J 121 30.69 -46.01 57.56
C LEU J 121 30.57 -47.09 58.62
N VAL J 122 29.34 -47.41 59.01
CA VAL J 122 29.10 -48.30 60.14
C VAL J 122 28.50 -49.62 59.67
N PHE J 123 29.33 -50.66 59.66
CA PHE J 123 28.88 -51.99 59.26
C PHE J 123 28.49 -52.84 60.47
N GLY J 124 27.68 -53.86 60.21
CA GLY J 124 27.30 -54.83 61.21
C GLY J 124 27.17 -56.19 60.56
N LEU J 125 27.25 -57.25 61.36
CA LEU J 125 27.17 -58.60 60.83
C LEU J 125 26.25 -59.48 61.66
N THR J 126 25.31 -60.14 60.98
CA THR J 126 24.34 -61.02 61.63
C THR J 126 24.22 -62.33 60.86
N ALA J 127 23.77 -63.37 61.56
CA ALA J 127 23.48 -64.66 60.94
C ALA J 127 21.97 -64.85 60.84
N ASN J 128 21.42 -64.68 59.65
CA ASN J 128 19.97 -64.71 59.45
C ASN J 128 19.34 -66.07 59.71
N SER J 129 20.12 -67.01 60.25
CA SER J 129 19.62 -68.36 60.52
C SER J 129 19.44 -68.60 62.01
N ASP J 130 19.00 -67.56 62.71
CA ASP J 130 18.68 -67.64 64.14
C ASP J 130 19.87 -68.18 64.95
N THR J 131 19.82 -69.47 65.30
CA THR J 131 20.90 -70.14 66.01
C THR J 131 20.54 -71.62 66.12
N HIS J 132 21.46 -72.40 66.68
CA HIS J 132 21.29 -73.85 66.77
C HIS J 132 20.92 -74.45 65.43
N LEU J 133 21.90 -74.55 64.53
CA LEU J 133 21.65 -75.08 63.21
C LEU J 133 21.98 -76.57 63.16
N LEU J 134 21.68 -77.20 62.02
CA LEU J 134 21.76 -78.64 61.90
C LEU J 134 22.60 -79.07 60.70
N GLN J 135 23.47 -80.05 60.94
CA GLN J 135 24.22 -80.72 59.90
C GLN J 135 23.36 -80.95 58.66
N GLY J 136 23.79 -80.36 57.55
CA GLY J 136 23.07 -80.47 56.28
C GLY J 136 22.30 -79.22 55.91
N GLN J 137 21.89 -78.44 56.92
CA GLN J 137 21.14 -77.21 56.66
C GLN J 137 22.02 -76.13 56.05
N SER J 138 21.38 -75.06 55.58
CA SER J 138 22.08 -73.95 54.96
C SER J 138 22.28 -72.78 55.93
N LEU J 139 23.50 -72.25 55.95
CA LEU J 139 23.83 -71.07 56.74
C LEU J 139 24.02 -69.86 55.83
N THR J 140 23.50 -68.71 56.28
CA THR J 140 23.68 -67.47 55.55
C THR J 140 24.04 -66.32 56.48
N LEU J 141 25.20 -65.73 56.25
CA LEU J 141 25.62 -64.51 56.93
C LEU J 141 25.30 -63.31 56.05
N THR J 142 24.70 -62.29 56.64
CA THR J 142 24.33 -61.09 55.90
C THR J 142 24.99 -59.85 56.51
N LEU J 143 25.47 -58.97 55.64
CA LEU J 143 26.19 -57.77 56.07
C LEU J 143 25.28 -56.55 56.05
N GLU J 144 24.89 -56.07 57.23
CA GLU J 144 24.11 -54.85 57.33
C GLU J 144 25.00 -53.64 57.05
N SER J 145 24.91 -53.13 55.83
CA SER J 145 25.71 -51.98 55.39
C SER J 145 24.85 -50.74 55.24
N PRO J 146 25.47 -49.55 55.23
CA PRO J 146 24.72 -48.31 55.03
C PRO J 146 24.42 -48.04 53.56
N PRO J 147 23.35 -47.26 53.27
CA PRO J 147 22.99 -46.95 51.88
C PRO J 147 24.12 -46.28 51.09
N GLY J 148 24.43 -46.82 49.92
CA GLY J 148 25.43 -46.23 49.04
C GLY J 148 26.86 -46.54 49.44
N SER J 149 27.16 -47.84 49.59
CA SER J 149 28.50 -48.29 49.95
C SER J 149 28.97 -49.41 49.02
N SER J 150 30.28 -49.59 48.97
CA SER J 150 30.87 -50.67 48.16
C SER J 150 31.75 -51.58 49.02
N PRO J 151 31.13 -52.38 49.89
CA PRO J 151 31.88 -53.27 50.78
C PRO J 151 32.28 -54.58 50.12
N SER J 152 33.47 -55.08 50.42
CA SER J 152 33.92 -56.38 49.92
C SER J 152 34.24 -57.30 51.10
N VAL J 153 33.31 -58.17 51.43
CA VAL J 153 33.46 -59.07 52.57
C VAL J 153 34.13 -60.38 52.19
N GLN J 154 34.87 -60.96 53.13
CA GLN J 154 35.35 -62.32 53.01
C GLN J 154 35.65 -62.86 54.40
N CYS J 155 35.27 -64.11 54.65
CA CYS J 155 35.31 -64.68 55.99
C CYS J 155 36.25 -65.88 56.12
N ARG J 156 36.31 -66.41 57.35
CA ARG J 156 37.19 -67.53 57.67
C ARG J 156 36.56 -68.41 58.76
N SER J 157 36.14 -69.61 58.37
CA SER J 157 35.54 -70.56 59.29
C SER J 157 36.56 -71.01 60.34
N PRO J 158 36.13 -71.84 61.29
CA PRO J 158 37.10 -72.39 62.26
C PRO J 158 37.97 -73.51 61.67
N ARG J 159 38.07 -73.58 60.34
CA ARG J 159 38.92 -74.54 59.67
C ARG J 159 40.06 -73.83 58.96
N GLY J 160 39.73 -72.80 58.19
CA GLY J 160 40.73 -72.07 57.42
C GLY J 160 40.20 -71.64 56.08
N LYS J 161 39.20 -72.37 55.58
CA LYS J 161 38.54 -72.06 54.32
C LYS J 161 38.07 -70.61 54.30
N ASN J 162 38.24 -69.96 53.15
CA ASN J 162 37.81 -68.58 52.97
C ASN J 162 36.70 -68.48 51.93
N ILE J 163 35.64 -67.76 52.28
CA ILE J 163 34.56 -67.47 51.35
C ILE J 163 34.44 -65.96 51.20
N GLN J 164 34.04 -65.50 50.02
CA GLN J 164 33.90 -64.06 49.77
C GLN J 164 32.67 -63.79 48.91
N GLY J 165 32.06 -62.63 49.13
CA GLY J 165 30.92 -62.20 48.35
C GLY J 165 30.51 -60.80 48.76
N GLY J 166 29.29 -60.41 48.39
CA GLY J 166 28.77 -59.10 48.73
C GLY J 166 28.06 -59.12 50.08
N LYS J 167 26.89 -58.50 50.13
CA LYS J 167 26.10 -58.44 51.35
C LYS J 167 25.75 -59.83 51.86
N THR J 168 25.74 -60.82 50.96
CA THR J 168 25.28 -62.16 51.28
C THR J 168 26.37 -63.20 51.01
N LEU J 169 26.88 -63.78 52.10
CA LEU J 169 27.80 -64.91 52.03
C LEU J 169 27.04 -66.14 52.51
N SER J 170 26.98 -67.16 51.66
CA SER J 170 26.20 -68.35 51.96
C SER J 170 27.03 -69.63 52.00
N VAL J 171 26.71 -70.50 52.95
CA VAL J 171 27.27 -71.84 53.00
C VAL J 171 26.18 -72.83 52.61
N SER J 172 26.35 -73.43 51.43
CA SER J 172 25.36 -74.33 50.86
C SER J 172 24.83 -75.36 51.85
N GLN J 173 25.75 -76.15 52.42
CA GLN J 173 25.37 -77.20 53.38
C GLN J 173 26.44 -77.36 54.46
N LEU J 174 26.01 -77.30 55.71
CA LEU J 174 26.93 -77.27 56.84
C LEU J 174 27.52 -78.63 57.20
N GLU J 175 28.70 -78.58 57.80
CA GLU J 175 29.35 -79.74 58.38
C GLU J 175 29.46 -79.54 59.89
N LEU J 176 29.93 -80.54 60.60
CA LEU J 176 30.15 -80.43 62.04
C LEU J 176 31.42 -79.64 62.35
N GLN J 177 32.39 -79.67 61.45
CA GLN J 177 33.63 -78.92 61.62
C GLN J 177 33.42 -77.41 61.64
N ASP J 178 32.20 -76.96 61.32
CA ASP J 178 31.92 -75.53 61.22
C ASP J 178 31.51 -74.93 62.57
N SER J 179 31.11 -75.80 63.51
CA SER J 179 30.73 -75.33 64.84
C SER J 179 31.94 -74.68 65.53
N GLY J 180 31.93 -73.36 65.59
CA GLY J 180 33.03 -72.63 66.18
C GLY J 180 32.93 -71.13 65.96
N THR J 181 34.09 -70.49 65.83
CA THR J 181 34.13 -69.04 65.68
C THR J 181 34.51 -68.64 64.25
N TRP J 182 33.62 -67.88 63.61
CA TRP J 182 33.86 -67.40 62.25
C TRP J 182 34.38 -65.98 62.25
N THR J 183 35.42 -65.73 61.48
CA THR J 183 35.98 -64.38 61.32
C THR J 183 35.58 -63.82 59.97
N CYS J 184 35.32 -62.51 59.92
CA CYS J 184 34.91 -61.86 58.69
C CYS J 184 35.56 -60.49 58.53
N THR J 185 36.19 -60.29 57.38
CA THR J 185 36.88 -59.05 57.06
C THR J 185 36.10 -58.24 56.03
N VAL J 186 35.70 -57.04 56.40
CA VAL J 186 35.04 -56.13 55.48
C VAL J 186 36.04 -55.10 54.99
N LEU J 187 36.06 -54.86 53.68
CA LEU J 187 37.00 -53.90 53.10
C LEU J 187 36.26 -52.77 52.38
N GLN J 188 36.38 -51.57 52.95
CA GLN J 188 35.87 -50.35 52.34
C GLN J 188 37.05 -49.44 52.03
N ASN J 189 37.17 -49.03 50.76
CA ASN J 189 38.34 -48.29 50.30
C ASN J 189 39.60 -49.10 50.59
N GLN J 190 40.56 -48.50 51.29
CA GLN J 190 41.76 -49.23 51.73
C GLN J 190 41.71 -49.58 53.21
N LYS J 191 40.67 -49.10 53.90
CA LYS J 191 40.50 -49.38 55.32
C LYS J 191 39.66 -50.65 55.50
N LYS J 192 39.67 -51.21 56.70
CA LYS J 192 38.92 -52.44 56.96
C LYS J 192 38.58 -52.66 58.43
N VAL J 193 37.44 -53.31 58.66
CA VAL J 193 36.99 -53.69 59.99
C VAL J 193 36.78 -55.20 60.01
N GLU J 194 36.82 -55.80 61.20
CA GLU J 194 36.73 -57.25 61.34
C GLU J 194 35.74 -57.70 62.40
N PHE J 195 34.77 -58.51 61.99
CA PHE J 195 33.79 -59.08 62.91
C PHE J 195 34.10 -60.53 63.23
N LYS J 196 33.65 -61.00 64.38
CA LYS J 196 33.64 -62.42 64.70
C LYS J 196 32.24 -62.82 65.12
N ILE J 197 31.83 -64.04 64.77
CA ILE J 197 30.48 -64.50 65.04
C ILE J 197 30.44 -66.00 65.30
N ASP J 198 30.03 -66.36 66.52
CA ASP J 198 30.01 -67.75 66.94
C ASP J 198 28.78 -68.48 66.38
N ILE J 199 29.02 -69.64 65.78
CA ILE J 199 27.96 -70.49 65.25
C ILE J 199 28.09 -71.90 65.77
N VAL J 200 26.97 -72.50 66.16
CA VAL J 200 26.92 -73.88 66.63
C VAL J 200 26.14 -74.74 65.66
N VAL J 201 26.60 -75.98 65.47
CA VAL J 201 25.94 -76.92 64.57
C VAL J 201 25.78 -78.27 65.26
N LEU J 202 24.59 -78.84 65.14
CA LEU J 202 24.27 -80.13 65.75
C LEU J 202 24.04 -81.15 64.65
N ALA J 203 24.03 -82.43 65.02
CA ALA J 203 23.77 -83.50 64.06
C ALA J 203 22.38 -84.07 64.31
N PHE J 204 21.82 -84.74 63.30
CA PHE J 204 20.52 -85.38 63.46
C PHE J 204 20.29 -86.46 62.42
N GLN J 205 19.34 -87.34 62.73
CA GLN J 205 18.97 -88.45 61.86
C GLN J 205 17.48 -88.72 62.06
N LYS J 206 16.85 -89.39 61.09
CA LYS J 206 15.45 -89.80 61.24
C LYS J 206 15.29 -91.24 60.78
N ALA J 207 15.14 -92.14 61.75
CA ALA J 207 15.04 -93.56 61.46
C ALA J 207 13.58 -94.03 61.53
N LYS K 26 28.03 -0.78 16.93
CA LYS K 26 26.69 -0.38 16.42
C LYS K 26 25.81 -1.62 16.25
N LYS K 27 25.57 -2.03 15.01
CA LYS K 27 24.82 -3.27 14.75
C LYS K 27 25.65 -4.46 15.22
N VAL K 28 24.97 -5.50 15.72
CA VAL K 28 25.63 -6.67 16.27
C VAL K 28 25.01 -7.96 15.74
N VAL K 29 25.80 -8.72 14.97
CA VAL K 29 25.35 -9.99 14.41
C VAL K 29 25.93 -11.17 15.19
N LEU K 30 25.16 -12.25 15.28
CA LEU K 30 25.61 -13.48 15.91
C LEU K 30 25.72 -14.58 14.85
N GLY K 31 26.51 -15.61 15.15
CA GLY K 31 26.72 -16.69 14.21
C GLY K 31 27.25 -17.94 14.86
N LYS K 32 26.95 -19.10 14.28
CA LYS K 32 27.39 -20.38 14.83
C LYS K 32 28.76 -20.78 14.30
N LYS K 33 29.43 -21.66 15.05
CA LYS K 33 30.71 -22.21 14.63
C LYS K 33 30.53 -23.00 13.33
N GLY K 34 31.54 -22.94 12.47
CA GLY K 34 31.50 -23.62 11.18
C GLY K 34 30.25 -23.33 10.36
N ASP K 35 29.69 -22.14 10.54
CA ASP K 35 28.46 -21.74 9.86
C ASP K 35 28.73 -20.62 8.86
N THR K 36 27.67 -20.03 8.32
CA THR K 36 27.78 -18.92 7.39
C THR K 36 26.91 -17.75 7.84
N VAL K 37 27.40 -16.53 7.62
CA VAL K 37 26.69 -15.33 8.00
C VAL K 37 26.85 -14.24 6.94
N GLU K 38 25.90 -13.31 6.89
CA GLU K 38 25.94 -12.22 5.93
C GLU K 38 25.90 -10.86 6.61
N LEU K 39 27.04 -10.17 6.62
CA LEU K 39 27.13 -8.82 7.14
C LEU K 39 26.77 -7.81 6.04
N THR K 40 25.73 -7.01 6.30
CA THR K 40 25.20 -6.10 5.29
C THR K 40 25.77 -4.68 5.39
N CYS K 41 25.94 -4.06 4.24
CA CYS K 41 26.44 -2.69 4.16
C CYS K 41 25.83 -1.99 2.95
N THR K 42 24.87 -1.11 3.21
CA THR K 42 24.11 -0.44 2.16
C THR K 42 24.38 1.06 2.11
N ALA K 43 24.89 1.52 0.97
CA ALA K 43 25.04 2.96 0.73
C ALA K 43 23.96 3.43 -0.24
N SER K 44 23.75 4.73 -0.30
CA SER K 44 22.75 5.31 -1.19
C SER K 44 23.27 5.27 -2.63
N GLN K 45 22.60 6.00 -3.53
CA GLN K 45 22.94 5.97 -4.95
C GLN K 45 22.99 4.54 -5.45
N LYS K 46 21.80 3.92 -5.53
CA LYS K 46 21.66 2.53 -5.96
C LYS K 46 22.47 2.24 -7.23
N LYS K 47 23.74 1.92 -7.05
CA LYS K 47 24.64 1.68 -8.17
C LYS K 47 25.97 1.09 -7.68
N SER K 48 26.69 0.44 -8.59
CA SER K 48 28.00 -0.13 -8.26
C SER K 48 29.05 0.97 -8.10
N ILE K 49 29.16 1.50 -6.89
CA ILE K 49 30.14 2.54 -6.59
C ILE K 49 31.35 1.85 -5.92
N GLN K 50 32.27 2.63 -5.37
CA GLN K 50 33.50 2.08 -4.80
C GLN K 50 33.32 1.75 -3.32
N PHE K 51 33.84 0.60 -2.90
CA PHE K 51 33.71 0.16 -1.52
C PHE K 51 34.83 -0.79 -1.10
N HIS K 52 34.87 -1.11 0.19
CA HIS K 52 35.75 -2.17 0.71
C HIS K 52 35.42 -2.48 2.17
N TRP K 53 35.73 -3.71 2.57
CA TRP K 53 35.56 -4.16 3.95
C TRP K 53 36.93 -4.32 4.63
N LYS K 54 37.02 -3.92 5.88
CA LYS K 54 38.21 -4.16 6.69
C LYS K 54 37.80 -4.51 8.12
N ASN K 55 38.68 -5.18 8.85
CA ASN K 55 38.41 -5.52 10.24
C ASN K 55 38.88 -4.41 11.18
N SER K 56 38.93 -4.70 12.47
CA SER K 56 39.25 -3.69 13.47
C SER K 56 40.73 -3.28 13.43
N ASN K 57 41.54 -4.04 12.69
CA ASN K 57 42.99 -3.84 12.70
C ASN K 57 43.55 -3.31 11.38
N GLN K 58 42.74 -2.50 10.70
CA GLN K 58 43.08 -1.93 9.39
C GLN K 58 43.72 -2.99 8.47
N ILE K 59 42.98 -4.07 8.25
CA ILE K 59 43.37 -5.09 7.28
C ILE K 59 42.21 -5.32 6.31
N LYS K 60 42.46 -4.99 5.04
CA LYS K 60 41.45 -5.11 4.00
C LYS K 60 40.97 -6.55 3.85
N ILE K 61 39.68 -6.78 4.06
CA ILE K 61 39.10 -8.11 3.87
C ILE K 61 38.88 -8.32 2.38
N LEU K 62 38.14 -7.38 1.78
CA LEU K 62 37.92 -7.39 0.35
C LEU K 62 37.33 -6.05 -0.12
N GLY K 63 37.52 -5.74 -1.39
CA GLY K 63 37.02 -4.51 -1.97
C GLY K 63 37.04 -4.61 -3.47
N ASN K 64 36.43 -3.65 -4.14
CA ASN K 64 36.43 -3.65 -5.61
C ASN K 64 37.52 -2.73 -6.16
N GLN K 65 38.45 -3.33 -6.88
CA GLN K 65 39.46 -2.59 -7.62
C GLN K 65 39.09 -2.65 -9.09
N GLY K 66 38.93 -1.47 -9.68
CA GLY K 66 38.30 -1.36 -10.98
C GLY K 66 36.85 -1.81 -10.85
N SER K 67 36.55 -2.99 -11.38
CA SER K 67 35.23 -3.59 -11.22
C SER K 67 35.34 -4.96 -10.55
N PHE K 68 36.54 -5.52 -10.58
CA PHE K 68 36.76 -6.87 -10.11
C PHE K 68 36.94 -6.92 -8.59
N LEU K 69 36.43 -7.99 -7.98
CA LEU K 69 36.57 -8.21 -6.55
C LEU K 69 38.01 -8.54 -6.18
N THR K 70 38.55 -7.83 -5.19
CA THR K 70 39.88 -8.09 -4.67
C THR K 70 39.80 -8.57 -3.23
N LYS K 71 40.69 -9.49 -2.86
CA LYS K 71 40.79 -9.98 -1.50
C LYS K 71 42.13 -9.58 -0.90
N GLY K 72 42.10 -9.11 0.35
CA GLY K 72 43.30 -8.58 0.97
C GLY K 72 44.01 -9.59 1.86
N PRO K 73 45.09 -9.15 2.55
CA PRO K 73 45.91 -9.99 3.43
C PRO K 73 45.17 -10.57 4.63
N SER K 74 43.89 -10.23 4.77
CA SER K 74 43.05 -10.74 5.84
C SER K 74 43.24 -12.24 6.09
N LYS K 75 43.12 -12.62 7.35
CA LYS K 75 43.15 -14.02 7.75
C LYS K 75 42.01 -14.81 7.09
N LEU K 76 40.99 -14.08 6.65
CA LEU K 76 39.77 -14.67 6.09
C LEU K 76 39.83 -14.87 4.58
N ASN K 77 40.99 -14.58 3.98
CA ASN K 77 41.16 -14.56 2.53
C ASN K 77 40.38 -15.60 1.72
N ASP K 78 40.30 -16.82 2.26
CA ASP K 78 39.69 -17.92 1.53
C ASP K 78 38.19 -18.01 1.76
N ARG K 79 37.78 -17.82 3.01
CA ARG K 79 36.40 -18.05 3.40
C ARG K 79 35.53 -16.81 3.27
N ALA K 80 36.10 -15.73 2.74
CA ALA K 80 35.37 -14.47 2.61
C ALA K 80 34.99 -14.20 1.16
N ASP K 81 33.78 -13.65 0.98
CA ASP K 81 33.28 -13.35 -0.36
C ASP K 81 32.13 -12.34 -0.27
N SER K 82 31.71 -11.81 -1.41
CA SER K 82 30.56 -10.92 -1.49
C SER K 82 29.52 -11.48 -2.46
N ARG K 83 28.66 -10.60 -2.98
CA ARG K 83 27.68 -10.99 -3.98
C ARG K 83 27.57 -9.90 -5.04
N ARG K 84 28.16 -10.17 -6.20
CA ARG K 84 28.34 -9.18 -7.26
C ARG K 84 27.02 -8.57 -7.74
N SER K 85 26.05 -9.41 -8.08
CA SER K 85 24.78 -8.95 -8.64
C SER K 85 24.09 -7.90 -7.78
N LEU K 86 24.27 -7.99 -6.47
CA LEU K 86 23.63 -7.08 -5.54
C LEU K 86 24.34 -5.73 -5.43
N TRP K 87 25.40 -5.53 -6.22
CA TRP K 87 26.15 -4.27 -6.16
C TRP K 87 25.42 -3.13 -6.87
N ASP K 88 24.64 -3.47 -7.90
CA ASP K 88 23.87 -2.47 -8.63
C ASP K 88 22.67 -1.98 -7.83
N GLN K 89 22.40 -2.63 -6.70
CA GLN K 89 21.28 -2.28 -5.84
C GLN K 89 21.75 -1.58 -4.57
N GLY K 90 22.97 -1.06 -4.59
CA GLY K 90 23.52 -0.34 -3.46
C GLY K 90 24.00 -1.23 -2.34
N ASN K 91 23.77 -2.54 -2.48
CA ASN K 91 24.17 -3.51 -1.47
C ASN K 91 25.61 -4.00 -1.65
N PHE K 92 26.34 -4.07 -0.55
CA PHE K 92 27.70 -4.61 -0.56
C PHE K 92 27.88 -5.54 0.62
N PRO K 93 27.37 -6.78 0.50
CA PRO K 93 27.39 -7.70 1.64
C PRO K 93 28.74 -8.40 1.82
N LEU K 94 29.11 -8.68 3.07
CA LEU K 94 30.28 -9.48 3.38
C LEU K 94 29.84 -10.86 3.84
N ILE K 95 30.34 -11.91 3.19
CA ILE K 95 29.88 -13.27 3.41
C ILE K 95 31.04 -14.16 3.83
N ILE K 96 30.90 -14.75 5.02
CA ILE K 96 31.95 -15.56 5.62
C ILE K 96 31.48 -16.98 5.91
N LYS K 97 32.05 -17.96 5.22
CA LYS K 97 31.67 -19.36 5.41
C LYS K 97 32.61 -20.05 6.39
N ASN K 98 32.19 -21.20 6.91
CA ASN K 98 32.97 -21.97 7.89
C ASN K 98 33.49 -21.09 9.02
N LEU K 99 32.57 -20.37 9.66
CA LEU K 99 32.92 -19.44 10.74
C LEU K 99 33.69 -20.11 11.88
N LYS K 100 34.92 -19.63 12.10
CA LYS K 100 35.66 -19.97 13.31
C LYS K 100 35.37 -18.91 14.37
N ILE K 101 35.77 -19.17 15.60
CA ILE K 101 35.40 -18.29 16.70
C ILE K 101 36.24 -17.03 16.72
N GLU K 102 37.54 -17.18 16.48
CA GLU K 102 38.45 -16.04 16.49
C GLU K 102 38.20 -15.10 15.31
N ASP K 103 37.19 -15.42 14.50
CA ASP K 103 36.72 -14.50 13.47
C ASP K 103 35.85 -13.41 14.10
N SER K 104 35.48 -13.61 15.36
CA SER K 104 34.73 -12.61 16.11
C SER K 104 35.52 -11.31 16.16
N ASP K 105 34.87 -10.22 15.76
CA ASP K 105 35.54 -8.93 15.60
C ASP K 105 34.51 -7.88 15.21
N THR K 106 34.94 -6.61 15.19
CA THR K 106 34.10 -5.52 14.71
C THR K 106 34.53 -5.16 13.29
N TYR K 107 33.75 -5.60 12.31
CA TYR K 107 34.06 -5.40 10.90
C TYR K 107 33.55 -4.04 10.42
N ILE K 108 34.36 -3.37 9.60
CA ILE K 108 34.05 -2.03 9.12
C ILE K 108 33.95 -1.99 7.61
N CYS K 109 32.80 -1.51 7.11
CA CYS K 109 32.59 -1.31 5.68
C CYS K 109 32.72 0.18 5.37
N GLU K 110 33.50 0.49 4.33
CA GLU K 110 33.79 1.88 3.97
C GLU K 110 33.38 2.17 2.53
N VAL K 111 32.35 3.01 2.38
CA VAL K 111 31.79 3.35 1.08
C VAL K 111 31.71 4.85 0.89
N GLU K 112 32.40 5.36 -0.13
CA GLU K 112 32.34 6.77 -0.49
C GLU K 112 32.83 7.66 0.67
N ASP K 113 31.96 7.92 1.64
CA ASP K 113 32.35 8.62 2.86
C ASP K 113 31.61 8.04 4.05
N GLN K 114 31.19 6.78 3.91
CA GLN K 114 30.43 6.08 4.94
C GLN K 114 31.34 5.17 5.76
N LYS K 115 31.02 5.04 7.04
CA LYS K 115 31.72 4.10 7.92
C LYS K 115 30.68 3.26 8.67
N GLU K 116 30.20 2.22 8.01
CA GLU K 116 29.21 1.33 8.61
C GLU K 116 29.88 0.16 9.34
N GLU K 117 29.66 0.10 10.65
CA GLU K 117 30.31 -0.89 11.50
C GLU K 117 29.36 -2.02 11.90
N VAL K 118 29.90 -3.23 11.99
CA VAL K 118 29.14 -4.40 12.41
C VAL K 118 30.02 -5.29 13.27
N GLN K 119 29.54 -5.63 14.46
CA GLN K 119 30.27 -6.52 15.36
C GLN K 119 29.74 -7.94 15.26
N LEU K 120 30.60 -8.83 14.75
CA LEU K 120 30.27 -10.25 14.67
C LEU K 120 30.78 -10.97 15.89
N LEU K 121 29.91 -11.76 16.52
CA LEU K 121 30.28 -12.61 17.65
C LEU K 121 29.93 -14.05 17.30
N VAL K 122 30.93 -14.92 17.34
CA VAL K 122 30.77 -16.29 16.87
C VAL K 122 30.87 -17.28 18.02
N PHE K 123 29.71 -17.81 18.43
CA PHE K 123 29.66 -18.79 19.49
C PHE K 123 29.62 -20.21 18.94
N GLY K 124 29.99 -21.17 19.78
CA GLY K 124 29.91 -22.57 19.43
C GLY K 124 29.49 -23.36 20.67
N LEU K 125 28.95 -24.56 20.44
CA LEU K 125 28.47 -25.38 21.54
C LEU K 125 28.90 -26.83 21.35
N THR K 126 29.48 -27.39 22.41
CA THR K 126 29.96 -28.77 22.40
C THR K 126 29.54 -29.49 23.67
N ALA K 127 29.51 -30.81 23.62
CA ALA K 127 29.26 -31.62 24.80
C ALA K 127 30.58 -32.25 25.25
N ASN K 128 31.17 -31.68 26.28
CA ASN K 128 32.49 -32.08 26.76
C ASN K 128 32.57 -33.50 27.30
N SER K 129 31.48 -34.26 27.16
CA SER K 129 31.42 -35.62 27.68
C SER K 129 31.48 -36.63 26.54
N ASP K 130 32.28 -36.32 25.53
CA ASP K 130 32.48 -37.21 24.38
C ASP K 130 31.13 -37.55 23.77
N THR K 131 30.62 -38.74 24.07
CA THR K 131 29.30 -39.19 23.61
C THR K 131 28.99 -40.54 24.24
N HIS K 132 27.79 -41.06 23.96
CA HIS K 132 27.33 -42.31 24.56
C HIS K 132 27.49 -42.29 26.07
N LEU K 133 26.61 -41.56 26.74
CA LEU K 133 26.67 -41.43 28.19
C LEU K 133 25.74 -42.43 28.88
N LEU K 134 25.81 -42.45 30.21
CA LEU K 134 25.14 -43.48 31.00
C LEU K 134 24.26 -42.87 32.08
N GLN K 135 23.05 -43.41 32.21
CA GLN K 135 22.15 -43.10 33.32
C GLN K 135 22.91 -42.96 34.64
N GLY K 136 22.81 -41.77 35.23
CA GLY K 136 23.46 -41.49 36.50
C GLY K 136 24.70 -40.64 36.36
N GLN K 137 25.36 -40.74 35.21
CA GLN K 137 26.58 -39.96 34.96
C GLN K 137 26.26 -38.48 34.83
N SER K 138 27.32 -37.66 34.83
CA SER K 138 27.18 -36.21 34.72
C SER K 138 27.39 -35.75 33.29
N LEU K 139 26.49 -34.90 32.82
CA LEU K 139 26.59 -34.28 31.51
C LEU K 139 26.97 -32.81 31.63
N THR K 140 27.88 -32.36 30.76
CA THR K 140 28.26 -30.96 30.73
C THR K 140 28.32 -30.43 29.30
N LEU K 141 27.50 -29.41 29.03
CA LEU K 141 27.58 -28.67 27.78
C LEU K 141 28.39 -27.40 28.02
N THR K 142 29.34 -27.13 27.13
CA THR K 142 30.21 -25.97 27.28
C THR K 142 30.10 -25.06 26.07
N LEU K 143 30.06 -23.76 26.34
CA LEU K 143 29.87 -22.76 25.30
C LEU K 143 31.20 -22.13 24.91
N GLU K 144 31.68 -22.46 23.71
CA GLU K 144 32.88 -21.83 23.18
C GLU K 144 32.57 -20.40 22.74
N SER K 145 32.93 -19.44 23.58
CA SER K 145 32.69 -18.03 23.29
C SER K 145 34.00 -17.32 22.96
N PRO K 146 33.90 -16.16 22.27
CA PRO K 146 35.09 -15.36 21.95
C PRO K 146 35.53 -14.49 23.11
N PRO K 147 36.81 -14.10 23.17
CA PRO K 147 37.31 -13.25 24.26
C PRO K 147 36.54 -11.94 24.39
N GLY K 148 36.06 -11.64 25.60
CA GLY K 148 35.36 -10.39 25.87
C GLY K 148 33.91 -10.40 25.46
N SER K 149 33.16 -11.40 25.92
CA SER K 149 31.74 -11.51 25.64
C SER K 149 30.95 -11.77 26.92
N SER K 150 29.66 -11.44 26.88
CA SER K 150 28.76 -11.69 28.01
C SER K 150 27.58 -12.56 27.59
N PRO K 151 27.83 -13.85 27.32
CA PRO K 151 26.75 -14.71 26.86
C PRO K 151 25.89 -15.27 27.98
N SER K 152 24.59 -15.34 27.75
CA SER K 152 23.66 -15.93 28.71
C SER K 152 22.91 -17.08 28.04
N VAL K 153 23.39 -18.29 28.30
CA VAL K 153 22.82 -19.48 27.67
C VAL K 153 21.71 -20.08 28.53
N GLN K 154 20.74 -20.71 27.87
CA GLN K 154 19.76 -21.53 28.55
C GLN K 154 19.19 -22.55 27.58
N CYS K 155 19.02 -23.78 28.04
CA CYS K 155 18.67 -24.89 27.17
C CYS K 155 17.33 -25.52 27.50
N ARG K 156 16.94 -26.51 26.71
CA ARG K 156 15.66 -27.19 26.86
C ARG K 156 15.79 -28.65 26.43
N SER K 157 15.72 -29.56 27.41
CA SER K 157 15.80 -30.98 27.14
C SER K 157 14.61 -31.44 26.29
N PRO K 158 14.59 -32.71 25.89
CA PRO K 158 13.42 -33.24 25.17
C PRO K 158 12.23 -33.51 26.09
N ARG K 159 12.21 -32.89 27.26
CA ARG K 159 11.10 -33.00 28.20
C ARG K 159 10.38 -31.68 28.33
N GLY K 160 11.14 -30.62 28.59
CA GLY K 160 10.59 -29.30 28.80
C GLY K 160 11.36 -28.53 29.86
N LYS K 161 12.02 -29.26 30.75
CA LYS K 161 12.85 -28.65 31.78
C LYS K 161 13.86 -27.68 31.17
N ASN K 162 14.04 -26.54 31.81
CA ASN K 162 14.99 -25.53 31.36
C ASN K 162 16.13 -25.33 32.36
N ILE K 163 17.35 -25.32 31.85
CA ILE K 163 18.53 -25.01 32.65
C ILE K 163 19.23 -23.80 32.04
N GLN K 164 19.85 -22.97 32.88
CA GLN K 164 20.53 -21.77 32.41
C GLN K 164 21.81 -21.54 33.21
N GLY K 165 22.81 -20.97 32.54
CA GLY K 165 24.06 -20.61 33.18
C GLY K 165 24.98 -19.88 32.23
N GLY K 166 26.26 -19.81 32.59
CA GLY K 166 27.25 -19.15 31.76
C GLY K 166 27.85 -20.10 30.73
N LYS K 167 29.17 -20.06 30.61
CA LYS K 167 29.88 -20.92 29.68
C LYS K 167 29.61 -22.41 29.93
N THR K 168 29.25 -22.74 31.17
CA THR K 168 29.11 -24.14 31.59
C THR K 168 27.71 -24.44 32.14
N LEU K 169 26.96 -25.23 31.39
CA LEU K 169 25.68 -25.76 31.85
C LEU K 169 25.80 -27.26 32.13
N SER K 170 25.46 -27.66 33.36
CA SER K 170 25.64 -29.04 33.79
C SER K 170 24.33 -29.71 34.21
N VAL K 171 24.21 -30.98 33.86
CA VAL K 171 23.14 -31.83 34.36
C VAL K 171 23.75 -32.79 35.38
N SER K 172 23.41 -32.59 36.65
CA SER K 172 23.98 -33.37 37.75
C SER K 172 24.01 -34.87 37.48
N GLN K 173 22.84 -35.44 37.21
CA GLN K 173 22.72 -36.88 36.96
C GLN K 173 21.66 -37.13 35.88
N LEU K 174 22.04 -37.89 34.86
CA LEU K 174 21.22 -38.07 33.66
C LEU K 174 20.07 -39.04 33.82
N GLU K 175 19.07 -38.87 32.96
CA GLU K 175 17.93 -39.76 32.85
C GLU K 175 17.96 -40.46 31.51
N LEU K 176 17.07 -41.43 31.33
CA LEU K 176 16.87 -42.05 30.02
C LEU K 176 15.98 -41.15 29.17
N GLN K 177 15.11 -40.40 29.85
CA GLN K 177 14.21 -39.44 29.20
C GLN K 177 14.97 -38.30 28.52
N ASP K 178 16.26 -38.20 28.80
CA ASP K 178 17.08 -37.12 28.28
C ASP K 178 17.69 -37.48 26.94
N SER K 179 17.70 -38.77 26.61
CA SER K 179 18.20 -39.25 25.34
C SER K 179 17.35 -38.70 24.20
N GLY K 180 17.89 -37.69 23.50
CA GLY K 180 17.16 -37.06 22.42
C GLY K 180 17.87 -35.82 21.91
N THR K 181 17.10 -34.83 21.47
CA THR K 181 17.64 -33.60 20.90
C THR K 181 17.45 -32.42 21.85
N TRP K 182 18.56 -31.81 22.23
CA TRP K 182 18.53 -30.65 23.13
C TRP K 182 18.61 -29.35 22.36
N THR K 183 17.77 -28.39 22.72
CA THR K 183 17.82 -27.05 22.13
C THR K 183 18.44 -26.09 23.14
N CYS K 184 19.24 -25.15 22.63
CA CYS K 184 19.93 -24.20 23.50
C CYS K 184 19.94 -22.78 22.91
N THR K 185 19.52 -21.82 23.73
CA THR K 185 19.42 -20.42 23.30
C THR K 185 20.54 -19.58 23.94
N VAL K 186 21.36 -18.97 23.09
CA VAL K 186 22.39 -18.04 23.55
C VAL K 186 21.92 -16.60 23.33
N LEU K 187 22.05 -15.77 24.36
CA LEU K 187 21.61 -14.38 24.27
C LEU K 187 22.78 -13.41 24.48
N GLN K 188 23.12 -12.69 23.41
CA GLN K 188 24.11 -11.62 23.48
C GLN K 188 23.42 -10.29 23.19
N ASN K 189 23.55 -9.33 24.10
CA ASN K 189 22.80 -8.09 24.02
C ASN K 189 21.30 -8.40 23.95
N GLN K 190 20.61 -7.90 22.93
CA GLN K 190 19.21 -8.24 22.71
C GLN K 190 19.05 -9.26 21.58
N LYS K 191 20.15 -9.59 20.92
CA LYS K 191 20.14 -10.56 19.84
C LYS K 191 20.37 -11.96 20.40
N LYS K 192 20.07 -12.98 19.60
CA LYS K 192 20.22 -14.36 20.07
C LYS K 192 20.36 -15.37 18.95
N VAL K 193 21.12 -16.43 19.24
CA VAL K 193 21.30 -17.55 18.32
C VAL K 193 20.88 -18.82 19.08
N GLU K 194 20.53 -19.87 18.34
CA GLU K 194 20.07 -21.11 18.97
C GLU K 194 20.71 -22.35 18.36
N PHE K 195 21.34 -23.16 19.20
CA PHE K 195 21.95 -24.42 18.77
C PHE K 195 21.05 -25.59 19.13
N LYS K 196 21.21 -26.69 18.40
CA LYS K 196 20.64 -27.97 18.80
C LYS K 196 21.77 -29.00 18.84
N ILE K 197 21.69 -29.91 19.79
CA ILE K 197 22.76 -30.88 20.01
C ILE K 197 22.22 -32.21 20.50
N ASP K 198 22.43 -33.26 19.72
CA ASP K 198 21.90 -34.58 20.02
C ASP K 198 22.74 -35.28 21.08
N ILE K 199 22.06 -35.81 22.10
CA ILE K 199 22.70 -36.57 23.15
C ILE K 199 21.99 -37.91 23.34
N VAL K 200 22.79 -38.97 23.51
CA VAL K 200 22.24 -40.29 23.76
C VAL K 200 22.63 -40.74 25.17
N VAL K 201 21.72 -41.45 25.83
CA VAL K 201 21.96 -41.95 27.17
C VAL K 201 21.53 -43.41 27.27
N LEU K 202 22.40 -44.23 27.85
CA LEU K 202 22.15 -45.66 28.00
C LEU K 202 21.99 -45.98 29.48
N ALA K 203 21.48 -47.17 29.78
CA ALA K 203 21.33 -47.62 31.16
C ALA K 203 22.37 -48.69 31.47
N PHE K 204 22.65 -48.93 32.75
CA PHE K 204 23.56 -50.00 33.11
C PHE K 204 23.41 -50.44 34.56
N GLN K 205 23.92 -51.63 34.84
CA GLN K 205 23.88 -52.24 36.17
C GLN K 205 25.12 -53.10 36.36
N LYS K 206 25.49 -53.39 37.60
CA LYS K 206 26.59 -54.32 37.88
C LYS K 206 26.21 -55.29 39.00
N ALA K 207 25.94 -56.53 38.63
CA ALA K 207 25.52 -57.55 39.58
C ALA K 207 26.68 -58.46 39.97
N ASP L 1 -34.94 28.28 -49.67
CA ASP L 1 -36.38 28.61 -49.55
C ASP L 1 -36.70 29.04 -48.13
N ILE L 2 -37.22 30.25 -47.98
CA ILE L 2 -37.66 30.76 -46.69
C ILE L 2 -39.01 31.44 -46.86
N MET L 3 -40.07 30.71 -46.51
CA MET L 3 -41.43 31.21 -46.68
C MET L 3 -41.94 31.91 -45.44
N LEU L 4 -42.49 33.11 -45.64
CA LEU L 4 -43.15 33.85 -44.56
C LEU L 4 -44.66 33.75 -44.74
N THR L 5 -45.33 33.30 -43.68
CA THR L 5 -46.78 33.16 -43.70
C THR L 5 -47.41 34.06 -42.65
N GLN L 6 -48.21 35.02 -43.09
CA GLN L 6 -48.87 35.95 -42.20
C GLN L 6 -50.30 35.49 -41.87
N SER L 7 -50.72 35.74 -40.64
CA SER L 7 -52.09 35.45 -40.21
C SER L 7 -52.56 36.50 -39.22
N PRO L 8 -53.83 36.94 -39.32
CA PRO L 8 -54.83 36.55 -40.33
C PRO L 8 -54.57 37.20 -41.68
N ALA L 9 -55.36 36.83 -42.68
CA ALA L 9 -55.27 37.45 -44.00
C ALA L 9 -55.90 38.83 -43.98
N SER L 10 -56.90 39.00 -43.11
CA SER L 10 -57.57 40.28 -42.94
C SER L 10 -57.99 40.45 -41.49
N LEU L 11 -57.94 41.68 -41.00
CA LEU L 11 -58.25 41.98 -39.61
C LEU L 11 -59.19 43.18 -39.48
N THR L 12 -60.26 43.00 -38.71
CA THR L 12 -61.22 44.07 -38.44
C THR L 12 -61.28 44.34 -36.94
N VAL L 13 -61.02 45.59 -36.55
CA VAL L 13 -60.90 45.95 -35.15
C VAL L 13 -61.43 47.36 -34.87
N SER L 14 -62.07 47.54 -33.72
CA SER L 14 -62.61 48.85 -33.35
C SER L 14 -61.53 49.76 -32.77
N LEU L 15 -61.74 51.07 -32.88
CA LEU L 15 -60.82 52.04 -32.30
C LEU L 15 -60.57 51.77 -30.82
N GLY L 16 -59.32 51.83 -30.40
CA GLY L 16 -58.97 51.66 -29.01
C GLY L 16 -58.61 50.23 -28.62
N GLN L 17 -58.80 49.30 -29.54
CA GLN L 17 -58.53 47.89 -29.29
C GLN L 17 -57.15 47.47 -29.80
N ARG L 18 -56.74 46.26 -29.42
CA ARG L 18 -55.41 45.74 -29.78
C ARG L 18 -55.47 44.90 -31.04
N ALA L 19 -54.62 45.25 -32.01
CA ALA L 19 -54.47 44.47 -33.24
C ALA L 19 -53.19 43.61 -33.18
N THR L 20 -53.36 42.31 -33.38
CA THR L 20 -52.23 41.38 -33.33
C THR L 20 -52.09 40.63 -34.65
N MET L 21 -50.92 40.77 -35.28
CA MET L 21 -50.64 40.10 -36.54
C MET L 21 -49.36 39.28 -36.42
N SER L 22 -49.44 38.01 -36.81
CA SER L 22 -48.34 37.07 -36.69
C SER L 22 -47.64 36.84 -38.02
N CYS L 23 -46.35 36.51 -37.97
CA CYS L 23 -45.58 36.13 -39.15
C CYS L 23 -44.67 34.95 -38.82
N ARG L 24 -44.94 33.81 -39.44
CA ARG L 24 -44.20 32.59 -39.17
C ARG L 24 -43.24 32.24 -40.32
N ALA L 25 -41.98 32.04 -39.99
CA ALA L 25 -40.95 31.70 -40.96
C ALA L 25 -40.74 30.18 -41.03
N SER L 26 -40.47 29.67 -42.22
CA SER L 26 -40.28 28.22 -42.42
C SER L 26 -39.02 27.73 -41.74
N GLN L 27 -38.01 28.60 -41.65
CA GLN L 27 -36.79 28.31 -40.91
C GLN L 27 -36.39 29.50 -40.05
N SER L 28 -35.49 29.26 -39.10
CA SER L 28 -35.09 30.31 -38.17
C SER L 28 -34.34 31.40 -38.91
N VAL L 29 -34.66 32.65 -38.58
CA VAL L 29 -34.03 33.82 -39.19
C VAL L 29 -33.27 34.63 -38.14
N SER L 30 -32.94 33.99 -37.02
CA SER L 30 -32.34 34.68 -35.88
C SER L 30 -31.04 34.02 -35.41
N THR L 31 -30.22 34.81 -34.72
CA THR L 31 -29.01 34.33 -34.07
C THR L 31 -28.91 34.91 -32.67
N SER L 32 -29.29 34.11 -31.68
CA SER L 32 -29.27 34.47 -30.26
C SER L 32 -29.43 35.98 -29.98
N ARG L 33 -28.44 36.76 -30.40
CA ARG L 33 -28.43 38.19 -30.18
C ARG L 33 -29.60 38.89 -30.88
N TYR L 34 -29.70 38.70 -32.19
CA TYR L 34 -30.66 39.43 -33.00
C TYR L 34 -31.54 38.51 -33.86
N SER L 35 -32.59 39.09 -34.42
CA SER L 35 -33.49 38.38 -35.31
C SER L 35 -33.74 39.20 -36.57
N TYR L 36 -33.47 38.61 -37.73
CA TYR L 36 -33.52 39.32 -39.00
C TYR L 36 -34.93 39.34 -39.58
N MET L 37 -35.79 40.17 -39.00
CA MET L 37 -37.16 40.34 -39.47
C MET L 37 -37.54 41.81 -39.50
N HIS L 38 -38.45 42.16 -40.39
CA HIS L 38 -38.85 43.55 -40.57
C HIS L 38 -40.33 43.66 -40.87
N TRP L 39 -40.95 44.76 -40.44
CA TRP L 39 -42.36 45.00 -40.74
C TRP L 39 -42.54 46.27 -41.57
N TYR L 40 -43.46 46.22 -42.53
CA TYR L 40 -43.80 47.39 -43.33
C TYR L 40 -45.28 47.77 -43.21
N GLN L 41 -45.57 49.03 -43.47
CA GLN L 41 -46.94 49.51 -43.58
C GLN L 41 -47.13 50.10 -44.96
N GLU L 42 -48.18 49.66 -45.64
CA GLU L 42 -48.52 50.18 -46.97
C GLU L 42 -50.00 50.54 -47.05
N LYS L 43 -50.29 51.82 -46.82
CA LYS L 43 -51.66 52.31 -46.91
C LYS L 43 -52.17 52.26 -48.35
N ALA L 44 -53.47 52.48 -48.52
CA ALA L 44 -54.11 52.49 -49.83
C ALA L 44 -53.32 53.25 -50.88
N GLY L 45 -52.84 52.52 -51.89
CA GLY L 45 -52.16 53.10 -53.04
C GLY L 45 -50.91 53.90 -52.69
N GLN L 46 -50.27 53.54 -51.59
CA GLN L 46 -49.01 54.15 -51.18
C GLN L 46 -47.87 53.15 -51.37
N PRO L 47 -46.62 53.65 -51.40
CA PRO L 47 -45.47 52.73 -51.34
C PRO L 47 -45.30 52.17 -49.94
N PRO L 48 -44.70 50.97 -49.80
CA PRO L 48 -44.52 50.43 -48.46
C PRO L 48 -43.49 51.24 -47.68
N GLN L 49 -43.60 51.25 -46.35
CA GLN L 49 -42.67 51.99 -45.52
C GLN L 49 -42.25 51.15 -44.32
N LEU L 50 -40.96 51.19 -44.01
CA LEU L 50 -40.40 50.37 -42.96
C LEU L 50 -40.92 50.83 -41.60
N LEU L 51 -41.47 49.88 -40.84
CA LEU L 51 -42.06 50.16 -39.53
C LEU L 51 -41.15 49.66 -38.41
N ILE L 52 -40.96 48.34 -38.39
CA ILE L 52 -40.09 47.70 -37.43
C ILE L 52 -38.89 47.13 -38.18
N LYS L 53 -37.70 47.36 -37.63
CA LYS L 53 -36.48 46.81 -38.20
C LYS L 53 -35.85 45.83 -37.21
N TYR L 54 -35.49 44.65 -37.72
CA TYR L 54 -34.89 43.60 -36.92
C TYR L 54 -35.82 43.22 -35.76
N ALA L 55 -37.10 43.08 -36.11
CA ALA L 55 -38.10 42.37 -35.32
C ALA L 55 -38.70 43.17 -34.17
N SER L 56 -37.94 44.08 -33.56
CA SER L 56 -38.39 44.74 -32.33
C SER L 56 -38.02 46.22 -32.22
N ASN L 57 -37.30 46.75 -33.21
CA ASN L 57 -36.86 48.15 -33.15
C ASN L 57 -37.76 49.08 -33.95
N LEU L 58 -38.44 49.98 -33.25
CA LEU L 58 -39.29 50.98 -33.89
C LEU L 58 -38.45 51.90 -34.76
N GLU L 59 -38.94 52.16 -35.98
CA GLU L 59 -38.31 53.14 -36.84
C GLU L 59 -38.53 54.53 -36.24
N SER L 60 -37.68 55.47 -36.62
CA SER L 60 -37.79 56.84 -36.13
C SER L 60 -39.14 57.43 -36.48
N GLY L 61 -39.76 58.10 -35.51
CA GLY L 61 -41.03 58.77 -35.74
C GLY L 61 -42.24 57.91 -35.45
N VAL L 62 -42.18 56.65 -35.83
CA VAL L 62 -43.24 55.67 -35.60
C VAL L 62 -43.82 55.79 -34.19
N PRO L 63 -45.16 55.97 -34.06
CA PRO L 63 -45.76 56.14 -32.74
C PRO L 63 -45.50 54.97 -31.80
N ALA L 64 -45.52 55.22 -30.50
CA ALA L 64 -45.17 54.21 -29.50
C ALA L 64 -46.18 53.06 -29.45
N ARG L 65 -47.36 53.27 -30.02
CA ARG L 65 -48.42 52.26 -29.98
C ARG L 65 -48.09 51.04 -30.85
N PHE L 66 -47.14 51.20 -31.76
CA PHE L 66 -46.62 50.07 -32.53
C PHE L 66 -45.53 49.34 -31.73
N SER L 67 -45.48 48.02 -31.83
CA SER L 67 -44.43 47.24 -31.19
C SER L 67 -44.26 45.90 -31.86
N GLY L 68 -43.03 45.40 -31.90
CA GLY L 68 -42.73 44.11 -32.50
C GLY L 68 -42.01 43.20 -31.51
N SER L 69 -42.18 41.89 -31.69
CA SER L 69 -41.55 40.92 -30.81
C SER L 69 -41.41 39.57 -31.51
N GLY L 70 -40.71 38.65 -30.85
CA GLY L 70 -40.55 37.30 -31.35
C GLY L 70 -39.10 36.95 -31.60
N SER L 71 -38.85 35.67 -31.89
CA SER L 71 -37.50 35.19 -32.19
C SER L 71 -37.59 33.81 -32.85
N GLY L 72 -36.52 33.43 -33.54
CA GLY L 72 -36.49 32.15 -34.22
C GLY L 72 -37.36 32.11 -35.45
N THR L 73 -38.54 31.49 -35.34
CA THR L 73 -39.43 31.29 -36.48
C THR L 73 -40.77 32.02 -36.33
N ASP L 74 -41.07 32.49 -35.13
CA ASP L 74 -42.36 33.13 -34.85
C ASP L 74 -42.19 34.59 -34.46
N PHE L 75 -42.94 35.46 -35.13
CA PHE L 75 -42.86 36.90 -34.90
C PHE L 75 -44.24 37.55 -34.85
N THR L 76 -44.35 38.62 -34.07
CA THR L 76 -45.62 39.29 -33.86
C THR L 76 -45.46 40.80 -33.81
N LEU L 77 -46.40 41.52 -34.40
CA LEU L 77 -46.52 42.96 -34.19
C LEU L 77 -47.75 43.24 -33.34
N ASN L 78 -47.72 44.34 -32.60
CA ASN L 78 -48.89 44.81 -31.86
C ASN L 78 -49.15 46.28 -32.12
N ILE L 79 -50.42 46.62 -32.32
CA ILE L 79 -50.87 48.00 -32.46
C ILE L 79 -51.92 48.28 -31.39
N HIS L 80 -51.57 49.06 -30.38
CA HIS L 80 -52.49 49.36 -29.30
C HIS L 80 -52.20 50.73 -28.70
N PRO L 81 -53.22 51.62 -28.63
CA PRO L 81 -54.58 51.47 -29.16
C PRO L 81 -54.64 51.77 -30.66
N VAL L 82 -55.46 51.03 -31.39
CA VAL L 82 -55.61 51.24 -32.83
C VAL L 82 -56.27 52.59 -33.11
N GLU L 83 -55.83 53.23 -34.19
CA GLU L 83 -56.39 54.52 -34.60
C GLU L 83 -56.92 54.46 -36.02
N ALA L 84 -57.61 55.52 -36.43
CA ALA L 84 -58.24 55.57 -37.75
C ALA L 84 -57.21 55.48 -38.87
N GLU L 85 -56.08 56.16 -38.69
CA GLU L 85 -55.06 56.24 -39.73
C GLU L 85 -54.32 54.91 -39.93
N ASP L 86 -54.55 53.95 -39.05
CA ASP L 86 -53.87 52.66 -39.13
C ASP L 86 -54.46 51.75 -40.19
N THR L 87 -55.52 52.19 -40.87
CA THR L 87 -56.09 51.42 -41.96
C THR L 87 -55.08 51.27 -43.08
N ALA L 88 -54.59 50.05 -43.26
CA ALA L 88 -53.55 49.79 -44.25
C ALA L 88 -53.28 48.30 -44.34
N THR L 89 -52.44 47.91 -45.29
CA THR L 89 -51.96 46.54 -45.41
C THR L 89 -50.57 46.48 -44.81
N TYR L 90 -50.30 45.42 -44.04
CA TYR L 90 -49.02 45.27 -43.36
C TYR L 90 -48.30 43.99 -43.81
N TYR L 91 -47.01 44.14 -44.12
CA TYR L 91 -46.20 43.04 -44.63
C TYR L 91 -45.02 42.76 -43.71
N CYS L 92 -44.36 41.63 -43.93
CA CYS L 92 -43.18 41.26 -43.17
C CYS L 92 -42.10 40.69 -44.07
N GLN L 93 -40.85 41.01 -43.76
CA GLN L 93 -39.70 40.65 -44.59
C GLN L 93 -38.53 40.17 -43.73
N HIS L 94 -37.82 39.16 -44.21
CA HIS L 94 -36.62 38.66 -43.53
C HIS L 94 -35.39 39.02 -44.33
N SER L 95 -34.27 39.24 -43.64
CA SER L 95 -32.99 39.53 -44.31
C SER L 95 -31.96 38.45 -43.97
N TRP L 96 -32.46 37.28 -43.59
CA TRP L 96 -31.61 36.12 -43.28
C TRP L 96 -30.75 35.73 -44.47
N GLU L 97 -31.39 35.17 -45.49
CA GLU L 97 -30.72 34.73 -46.70
C GLU L 97 -31.43 35.23 -47.94
N ILE L 98 -30.69 35.93 -48.79
CA ILE L 98 -31.14 36.26 -50.14
C ILE L 98 -31.76 35.02 -50.78
N PRO L 99 -32.99 35.13 -51.32
CA PRO L 99 -33.95 36.25 -51.44
C PRO L 99 -34.55 36.71 -50.12
N TYR L 100 -34.57 38.03 -49.93
CA TYR L 100 -35.27 38.62 -48.79
C TYR L 100 -36.75 38.73 -49.10
N THR L 101 -37.45 37.62 -48.96
CA THR L 101 -38.85 37.52 -49.39
C THR L 101 -39.82 38.24 -48.46
N PHE L 102 -41.05 38.40 -48.95
CA PHE L 102 -42.12 39.07 -48.20
C PHE L 102 -43.23 38.10 -47.78
N GLY L 103 -43.94 38.48 -46.72
CA GLY L 103 -45.14 37.75 -46.33
C GLY L 103 -46.29 38.01 -47.27
N GLY L 104 -47.41 37.34 -47.04
CA GLY L 104 -48.58 37.49 -47.91
C GLY L 104 -49.31 38.79 -47.68
N GLY L 105 -49.08 39.42 -46.53
CA GLY L 105 -49.71 40.69 -46.20
C GLY L 105 -50.97 40.50 -45.36
N THR L 106 -51.28 41.50 -44.54
CA THR L 106 -52.49 41.49 -43.73
C THR L 106 -53.17 42.85 -43.78
N LYS L 107 -54.40 42.86 -44.28
CA LYS L 107 -55.17 44.10 -44.43
C LYS L 107 -55.93 44.40 -43.15
N LEU L 108 -55.67 45.58 -42.58
CA LEU L 108 -56.32 46.01 -41.36
C LEU L 108 -57.42 47.03 -41.65
N GLU L 109 -58.61 46.77 -41.13
CA GLU L 109 -59.75 47.66 -41.28
C GLU L 109 -60.30 48.05 -39.93
N ILE L 110 -60.84 49.25 -39.81
CA ILE L 110 -61.40 49.72 -38.55
C ILE L 110 -62.92 49.56 -38.53
N LYS L 111 -63.41 48.99 -37.44
CA LYS L 111 -64.86 48.84 -37.24
C LYS L 111 -65.43 50.04 -36.48
N ARG L 112 -66.26 50.83 -37.17
CA ARG L 112 -67.01 51.91 -36.54
C ARG L 112 -68.49 51.58 -36.49
N ALA L 113 -69.25 52.40 -35.76
CA ALA L 113 -70.69 52.28 -35.77
C ALA L 113 -71.20 52.47 -37.20
N ASP L 114 -72.28 51.80 -37.55
CA ASP L 114 -72.78 51.82 -38.92
C ASP L 114 -73.27 53.22 -39.30
N ALA L 115 -73.10 53.56 -40.58
CA ALA L 115 -73.51 54.85 -41.10
C ALA L 115 -74.36 54.68 -42.36
N ALA L 116 -75.21 55.65 -42.64
CA ALA L 116 -76.10 55.60 -43.79
C ALA L 116 -75.48 56.37 -44.97
N PRO L 117 -75.40 55.75 -46.16
CA PRO L 117 -74.77 56.41 -47.30
C PRO L 117 -75.48 57.68 -47.76
N THR L 118 -74.70 58.73 -48.01
CA THR L 118 -75.23 59.96 -48.59
C THR L 118 -75.47 59.78 -50.08
N VAL L 119 -76.68 59.37 -50.44
CA VAL L 119 -77.01 59.06 -51.82
C VAL L 119 -77.16 60.32 -52.66
N SER L 120 -76.65 60.28 -53.88
CA SER L 120 -76.79 61.38 -54.84
C SER L 120 -76.78 60.83 -56.26
N ILE L 121 -77.76 61.26 -57.07
CA ILE L 121 -77.89 60.81 -58.45
C ILE L 121 -77.70 61.96 -59.42
N PHE L 122 -77.18 61.67 -60.61
CA PHE L 122 -76.85 62.69 -61.59
C PHE L 122 -77.28 62.31 -63.01
N PRO L 123 -78.03 63.20 -63.67
CA PRO L 123 -78.33 62.95 -65.09
C PRO L 123 -77.10 63.14 -65.96
N PRO L 124 -77.12 62.58 -67.19
CA PRO L 124 -76.02 62.82 -68.14
C PRO L 124 -75.80 64.30 -68.39
N SER L 125 -74.54 64.70 -68.50
CA SER L 125 -74.21 66.09 -68.84
C SER L 125 -74.73 66.43 -70.23
N SER L 126 -74.94 67.72 -70.47
CA SER L 126 -75.34 68.18 -71.79
C SER L 126 -74.20 67.97 -72.78
N GLU L 127 -72.97 68.02 -72.26
CA GLU L 127 -71.78 67.81 -73.08
C GLU L 127 -71.67 66.37 -73.59
N GLN L 128 -71.95 65.41 -72.72
CA GLN L 128 -71.86 64.00 -73.10
C GLN L 128 -72.99 63.63 -74.06
N LEU L 129 -74.18 64.17 -73.80
CA LEU L 129 -75.33 63.94 -74.67
C LEU L 129 -75.02 64.42 -76.08
N THR L 130 -74.26 65.51 -76.18
CA THR L 130 -73.85 66.05 -77.47
C THR L 130 -72.99 65.05 -78.24
N SER L 131 -72.14 64.32 -77.51
CA SER L 131 -71.22 63.37 -78.12
C SER L 131 -71.88 62.04 -78.44
N GLY L 132 -73.14 61.89 -78.04
CA GLY L 132 -73.90 60.68 -78.34
C GLY L 132 -73.90 59.67 -77.22
N GLY L 133 -73.25 60.02 -76.12
CA GLY L 133 -73.20 59.15 -74.95
C GLY L 133 -74.17 59.62 -73.88
N ALA L 134 -74.47 58.75 -72.93
CA ALA L 134 -75.37 59.09 -71.83
C ALA L 134 -75.10 58.21 -70.61
N SER L 135 -74.27 58.72 -69.71
CA SER L 135 -73.95 58.01 -68.48
C SER L 135 -74.70 58.61 -67.30
N VAL L 136 -75.37 57.75 -66.53
CA VAL L 136 -76.05 58.16 -65.31
C VAL L 136 -75.24 57.71 -64.10
N VAL L 137 -74.80 58.68 -63.30
CA VAL L 137 -73.89 58.40 -62.19
C VAL L 137 -74.62 58.52 -60.86
N CYS L 138 -74.36 57.56 -59.96
CA CYS L 138 -74.96 57.53 -58.64
C CYS L 138 -73.89 57.29 -57.58
N PHE L 139 -73.78 58.23 -56.63
CA PHE L 139 -72.78 58.14 -55.57
C PHE L 139 -73.39 57.68 -54.25
N LEU L 140 -72.73 56.73 -53.61
CA LEU L 140 -73.08 56.28 -52.26
C LEU L 140 -71.89 56.54 -51.34
N ASN L 141 -71.93 57.66 -50.62
CA ASN L 141 -70.78 58.15 -49.87
C ASN L 141 -70.86 57.98 -48.36
N ASN L 142 -69.72 57.62 -47.76
CA ASN L 142 -69.56 57.65 -46.31
C ASN L 142 -70.52 56.72 -45.56
N PHE L 143 -70.48 55.44 -45.91
CA PHE L 143 -71.28 54.42 -45.25
C PHE L 143 -70.40 53.38 -44.56
N TYR L 144 -71.02 52.57 -43.69
CA TYR L 144 -70.33 51.45 -43.06
C TYR L 144 -71.37 50.48 -42.49
N PRO L 145 -71.12 49.16 -42.60
CA PRO L 145 -69.98 48.46 -43.20
C PRO L 145 -69.96 48.53 -44.72
N LYS L 146 -68.88 48.03 -45.33
CA LYS L 146 -68.71 48.07 -46.77
C LYS L 146 -69.77 47.25 -47.50
N ASP L 147 -70.37 46.30 -46.79
CA ASP L 147 -71.40 45.45 -47.36
C ASP L 147 -72.62 46.26 -47.78
N ILE L 148 -72.80 46.45 -49.08
CA ILE L 148 -73.90 47.24 -49.61
C ILE L 148 -74.29 46.75 -51.00
N ASN L 149 -75.57 46.90 -51.34
CA ASN L 149 -76.08 46.52 -52.64
C ASN L 149 -76.81 47.69 -53.29
N VAL L 150 -76.53 47.92 -54.57
CA VAL L 150 -77.15 49.01 -55.31
C VAL L 150 -77.99 48.46 -56.46
N LYS L 151 -79.16 49.07 -56.67
CA LYS L 151 -80.08 48.63 -57.70
C LYS L 151 -80.52 49.80 -58.58
N TRP L 152 -80.49 49.58 -59.88
CA TRP L 152 -80.95 50.55 -60.86
C TRP L 152 -82.32 50.17 -61.40
N LYS L 153 -83.17 51.17 -61.63
CA LYS L 153 -84.48 50.93 -62.20
C LYS L 153 -84.79 51.95 -63.31
N ILE L 154 -84.78 51.48 -64.55
CA ILE L 154 -85.16 52.32 -65.69
C ILE L 154 -86.66 52.17 -65.92
N ASP L 155 -87.39 53.24 -65.62
CA ASP L 155 -88.86 53.23 -65.67
C ASP L 155 -89.40 52.06 -64.85
N GLY L 156 -89.06 52.03 -63.57
CA GLY L 156 -89.57 51.02 -62.65
C GLY L 156 -89.15 49.58 -62.98
N SER L 157 -88.30 49.41 -63.99
CA SER L 157 -87.83 48.09 -64.38
C SER L 157 -86.35 47.95 -64.05
N GLU L 158 -86.00 46.86 -63.37
CA GLU L 158 -84.63 46.64 -62.92
C GLU L 158 -83.67 46.43 -64.10
N ARG L 159 -82.59 47.20 -64.10
CA ARG L 159 -81.59 47.17 -65.17
C ARG L 159 -80.25 46.69 -64.63
N GLN L 160 -79.73 45.61 -65.21
CA GLN L 160 -78.49 45.00 -64.74
C GLN L 160 -77.34 45.23 -65.71
N ASN L 161 -77.64 45.27 -67.00
CA ASN L 161 -76.62 45.42 -68.02
C ASN L 161 -76.13 46.86 -68.15
N GLY L 162 -74.83 47.01 -68.34
CA GLY L 162 -74.24 48.33 -68.54
C GLY L 162 -73.93 49.08 -67.26
N VAL L 163 -74.03 48.38 -66.13
CA VAL L 163 -73.74 48.97 -64.82
C VAL L 163 -72.34 48.58 -64.35
N LEU L 164 -71.52 49.58 -64.10
CA LEU L 164 -70.15 49.37 -63.60
C LEU L 164 -69.94 50.07 -62.26
N ASN L 165 -69.48 49.32 -61.27
CA ASN L 165 -69.30 49.82 -59.91
C ASN L 165 -67.83 49.94 -59.51
N SER L 166 -67.54 50.91 -58.65
CA SER L 166 -66.19 51.11 -58.13
C SER L 166 -66.26 51.54 -56.66
N TRP L 167 -65.31 51.08 -55.86
CA TRP L 167 -65.28 51.42 -54.44
C TRP L 167 -63.95 52.04 -54.03
N THR L 168 -64.02 53.06 -53.19
CA THR L 168 -62.82 53.61 -52.57
C THR L 168 -62.39 52.73 -51.41
N ASP L 169 -61.11 52.77 -51.07
CA ASP L 169 -60.61 52.09 -49.88
C ASP L 169 -61.09 52.83 -48.64
N GLN L 170 -60.97 52.18 -47.48
CA GLN L 170 -61.41 52.80 -46.22
C GLN L 170 -60.71 54.13 -46.00
N ASP L 171 -61.50 55.15 -45.67
CA ASP L 171 -60.95 56.49 -45.44
C ASP L 171 -60.11 56.48 -44.17
N SER L 172 -59.07 57.31 -44.15
CA SER L 172 -58.15 57.35 -43.03
C SER L 172 -58.67 58.24 -41.90
N LYS L 173 -59.57 59.15 -42.23
CA LYS L 173 -60.10 60.09 -41.24
C LYS L 173 -61.31 59.50 -40.49
N ASP L 174 -62.42 59.29 -41.19
CA ASP L 174 -63.67 58.89 -40.55
C ASP L 174 -63.90 57.37 -40.57
N SER L 175 -63.12 56.66 -41.36
CA SER L 175 -63.12 55.19 -41.41
C SER L 175 -64.33 54.64 -42.18
N THR L 176 -64.94 55.48 -43.01
CA THR L 176 -66.08 55.07 -43.83
C THR L 176 -65.64 54.63 -45.23
N TYR L 177 -66.57 54.03 -45.97
CA TYR L 177 -66.33 53.65 -47.36
C TYR L 177 -67.26 54.45 -48.29
N SER L 178 -66.97 54.42 -49.58
CA SER L 178 -67.81 55.08 -50.57
C SER L 178 -67.88 54.24 -51.86
N MET L 179 -68.88 54.51 -52.68
CA MET L 179 -69.13 53.72 -53.87
C MET L 179 -69.68 54.56 -55.03
N SER L 180 -69.14 54.32 -56.22
CA SER L 180 -69.67 54.91 -57.44
C SER L 180 -70.33 53.85 -58.30
N SER L 181 -71.53 54.16 -58.79
CA SER L 181 -72.24 53.28 -59.70
C SER L 181 -72.64 54.08 -60.95
N THR L 182 -72.17 53.64 -62.11
CA THR L 182 -72.37 54.36 -63.36
C THR L 182 -73.13 53.50 -64.38
N LEU L 183 -74.29 53.99 -64.80
CA LEU L 183 -75.11 53.33 -65.82
C LEU L 183 -74.94 54.02 -67.17
N THR L 184 -74.25 53.34 -68.09
CA THR L 184 -73.94 53.89 -69.39
C THR L 184 -74.91 53.42 -70.48
N LEU L 185 -75.59 54.38 -71.11
CA LEU L 185 -76.49 54.10 -72.22
C LEU L 185 -76.12 54.93 -73.44
N THR L 186 -76.75 54.63 -74.58
CA THR L 186 -76.70 55.52 -75.73
C THR L 186 -77.76 56.60 -75.53
N LYS L 187 -77.57 57.76 -76.16
CA LYS L 187 -78.54 58.84 -76.06
C LYS L 187 -79.94 58.37 -76.49
N ASP L 188 -79.98 57.55 -77.53
CA ASP L 188 -81.24 57.04 -78.05
C ASP L 188 -81.97 56.25 -76.97
N GLU L 189 -81.27 55.31 -76.33
CA GLU L 189 -81.86 54.53 -75.23
C GLU L 189 -82.30 55.45 -74.10
N TYR L 190 -81.45 56.44 -73.79
CA TYR L 190 -81.71 57.36 -72.69
C TYR L 190 -83.03 58.10 -72.86
N GLU L 191 -83.28 58.60 -74.05
CA GLU L 191 -84.46 59.42 -74.31
C GLU L 191 -85.71 58.60 -74.64
N ARG L 192 -85.55 57.28 -74.67
CA ARG L 192 -86.69 56.38 -74.86
C ARG L 192 -87.38 56.07 -73.53
N HIS L 193 -86.81 56.59 -72.44
CA HIS L 193 -87.32 56.33 -71.10
C HIS L 193 -87.44 57.63 -70.30
N ASN L 194 -88.24 57.59 -69.25
CA ASN L 194 -88.57 58.79 -68.47
C ASN L 194 -87.93 58.80 -67.08
N SER L 195 -88.27 57.79 -66.27
CA SER L 195 -87.85 57.74 -64.87
C SER L 195 -86.58 56.92 -64.64
N TYR L 196 -85.59 57.53 -63.98
CA TYR L 196 -84.35 56.85 -63.63
C TYR L 196 -84.13 56.83 -62.12
N THR L 197 -83.89 55.64 -61.58
CA THR L 197 -83.81 55.45 -60.14
C THR L 197 -82.56 54.71 -59.72
N CYS L 198 -81.95 55.17 -58.62
CA CYS L 198 -80.82 54.50 -58.00
C CYS L 198 -81.17 54.15 -56.56
N GLU L 199 -81.16 52.85 -56.25
CA GLU L 199 -81.57 52.36 -54.92
C GLU L 199 -80.43 51.69 -54.18
N ALA L 200 -80.18 52.13 -52.95
CA ALA L 200 -79.16 51.56 -52.09
C ALA L 200 -79.80 50.73 -50.98
N THR L 201 -79.41 49.46 -50.90
CA THR L 201 -79.91 48.56 -49.86
C THR L 201 -78.77 47.74 -49.25
N HIS L 202 -78.81 47.59 -47.92
CA HIS L 202 -77.81 46.81 -47.21
C HIS L 202 -78.33 45.40 -46.96
N LYS L 203 -77.48 44.56 -46.36
CA LYS L 203 -77.94 43.33 -45.73
C LYS L 203 -78.42 43.69 -44.32
N THR L 204 -77.66 44.56 -43.67
CA THR L 204 -77.95 45.00 -42.32
C THR L 204 -78.86 46.24 -42.31
N SER L 205 -79.92 46.19 -43.12
CA SER L 205 -80.87 47.30 -43.18
C SER L 205 -82.17 46.88 -43.88
N THR L 206 -83.27 47.48 -43.45
CA THR L 206 -84.58 47.19 -44.00
C THR L 206 -85.02 48.29 -44.96
N SER L 207 -84.53 49.50 -44.72
CA SER L 207 -84.94 50.68 -45.47
C SER L 207 -84.10 50.89 -46.73
N PRO L 208 -84.72 50.77 -47.93
CA PRO L 208 -83.98 51.08 -49.15
C PRO L 208 -83.88 52.59 -49.38
N ILE L 209 -82.66 53.09 -49.52
CA ILE L 209 -82.44 54.52 -49.74
C ILE L 209 -82.47 54.82 -51.24
N VAL L 210 -83.45 55.61 -51.66
CA VAL L 210 -83.72 55.83 -53.08
C VAL L 210 -83.49 57.27 -53.52
N LYS L 211 -82.99 57.43 -54.74
CA LYS L 211 -82.88 58.73 -55.39
C LYS L 211 -83.28 58.62 -56.86
N SER L 212 -84.15 59.51 -57.31
CA SER L 212 -84.67 59.45 -58.67
C SER L 212 -84.75 60.82 -59.34
N PHE L 213 -84.87 60.80 -60.66
CA PHE L 213 -85.15 62.00 -61.43
C PHE L 213 -85.95 61.64 -62.69
N ASN L 214 -86.90 62.51 -63.05
CA ASN L 214 -87.63 62.35 -64.31
C ASN L 214 -86.90 63.05 -65.45
N ARG L 215 -86.77 62.37 -66.58
CA ARG L 215 -86.07 62.93 -67.73
C ARG L 215 -86.87 64.06 -68.37
N ASN L 216 -88.19 63.90 -68.42
CA ASN L 216 -89.07 64.91 -68.99
C ASN L 216 -89.11 66.16 -68.12
N GLU L 217 -88.83 65.97 -66.83
CA GLU L 217 -88.82 67.07 -65.87
C GLU L 217 -87.66 68.01 -66.17
N CYS L 218 -86.66 67.52 -66.90
CA CYS L 218 -85.49 68.29 -67.30
C CYS L 218 -84.56 68.54 -66.11
#